data_7V6B
#
_entry.id   7V6B
#
_cell.length_a   1.00
_cell.length_b   1.00
_cell.length_c   1.00
_cell.angle_alpha   90.00
_cell.angle_beta   90.00
_cell.angle_gamma   90.00
#
_symmetry.space_group_name_H-M   'P 1'
#
loop_
_entity.id
_entity.type
_entity.pdbx_description
1 polymer 'Dicer-2, isoform A'
2 polymer R2D2
#
loop_
_entity_poly.entity_id
_entity_poly.type
_entity_poly.pdbx_seq_one_letter_code
_entity_poly.pdbx_strand_id
1 'polypeptide(L)'
;GSMEDVEIKPRGYQLRLVDHLTKSNGIVYLPTGSGKTFVAILVLKRFSQDFDKPIESGGKRALFMCNTVELARQQAMAVR
RCTNFKVGFYVGEQGVDDWTRGMWSDEIKKNQVLVGTAQVFLDMVTQTYVALSSLSVVIIDECHHGTGHHPFREFMRLFT
IANQTKLPRVVGLTGVLIKGNEITNVATKLKELEITYRGNIITVSDTKELENVMLYATKPTEVMVSFPHQEQVLTVTRLI
SAEIEKFYVSLDLMNIGVQPIRRSKSLQCLRDPSKKSFVKQLFNDFLYQMKEYGIYAASIAIISLIVEFDIKRRQAETLS
VKLMHRTALTLCEKIRHLLVQKLQDMTYDDDDDNVNTEEVIMNFSTPKVQRFLMSLKVSFADKDPKDICCLVFVERRYTC
KCIYGLLLNYIQSTPELRNVLTPQFMVGRNNISPDFESVLERKWQKSAIQQFRDGNANLMICSSVLEEGIDVQACNHVFI
LDPVKTFNMYVQSKGRARTTEAKFVLFTADKEREKTIQQIYQYRKAHNDIAEYLKDRVLEKTEPELYEIKGHFQDDIDPF
TNENGAVLLPNNALAILHRYCQTIPTDAFGFVIPWFHVLQEDERDRIFGVSAKGKHVISINMPVNCMLRDTIYSDPMDNV
KTAKISAAFKACKVLYSLGELNERFVPKTLKERVASIADVHFEHWNKYGDSVTATVNKADKSKDRTYKTECPLEFYDALP
RVGEICYAYEIFLEPQFESCEYTEHMYLNLQTPRNYAILLRNKLPRLAEMPLFSNQGKLHVRVANAPLEVIIQNSEQLEL
LHQFHGMVFRDILKIWHPFFVLDRRSKENSYLVVPLILGAGEQKCFDWELMTNFRRLPQSHGSNVQQREQQPAPRPEDFE
GKIVTQWYANYDKPMLVTKVHRELTPLSYMEKNQQDKTYYEFTMSKYGNRIGDVVHKDKFMIEVRDLTEQLTFYVHNRGK
FNAKSKAKMKVILIPELCFNFNFPGDLWLKLIFLPSILNRMYFLLHAEALRKRFNTYLNLHLLPFNGTDYMPRPLEIDYS
LKRNVDPLGNVIPTEDIEEPKSLLEPMPTKSIEASVANLEITEFENPWQKYMEPVDLSRNLLSTYPVELDYYYHFSVGNV
CEMNEMDFEDKEYWAKNQFHMPTGNIYGNRTPAKTNANVPALMPSKPTVRGKVKPLLILQKTVSKEHITPAEQGEFLAAI
TASSAADVFDMERLEILGDSFLKLSATLYLASKYSDWNEGTLTEVKSKLVSNRNLLFCLIDADIPKTLNTIQFTPRYTWL
PPGISLPHNVLALWRENPEFAKIIGPHNLRDLALGDEESLVKGNCSDINYNRFVEGCRANGQSFYAGADFSSEVNFCVGL
VTIPNKVIADTLEALLGVIVKNYGLQHAFKMLEYFKICRADIDKPLTQLLNLELGGKKMRANVNTTEIDGFLINHYYLEK
NLGYTFKDRRYLLQALTHPSYPTNRITGSYQELEFIGDAILDFLISAYIFENNTKMNPGALTDLRSALVNNTTLACICVR
HRLHFFILAENAKLSEIISKFVNFQESQGHRVTNYVRILLEEADVQPTPLDLDDELDMTELPHANKCISQEAEKGVPPKG
EFNMSTNVDVPKALGDVLEALIAAVYLDCRDLQRTWEVIFNLFEPELQEFTRKVPINHIRQLVEHKHAKPVFSSPIVEGE
TVMVSCQFTCMEKTIKVYGFGSNKDQAKLSAAKHALQQLSKCDA
;
A
2 'polypeptide(L)'
;GPFTMDNKSAVSALQEFCARTQINLPTYSFIPGEDGGYVCKVELLEIEALGNGRSKRDAKHLAASNILRKIQLLPGIHGL
MKDSTVGDLDEELTNLNRDMVKELRDYCVRREMPLPCIEVVQQSGTPSAPEFVACCSVASIVRYGKSDKKKDARQRAAIE
MLALISSNSDNLRPDQMQVASTSKLKVVDMEESMEELEALRRKKFTTYWELKEAGSVDHTGMRLCDRHNYFKNFYPTLKK
EAIEAINSDEYESSKDKAMDVMSSLKITPKISEVESSSLVPLLSVELNCAFDVVLMAKETDIYDHIIDYFRTMLI
;
B
#
# COMPACT_ATOMS: atom_id res chain seq x y z
N PRO A 10 -29.33 -3.38 -12.55
CA PRO A 10 -30.47 -3.65 -11.67
C PRO A 10 -30.05 -3.77 -10.20
N ARG A 11 -30.84 -3.20 -9.28
CA ARG A 11 -30.48 -3.17 -7.84
C ARG A 11 -30.41 -4.60 -7.33
N GLY A 12 -29.47 -4.88 -6.43
CA GLY A 12 -29.28 -6.22 -5.84
C GLY A 12 -30.44 -6.57 -4.93
N TYR A 13 -30.73 -7.87 -4.81
CA TYR A 13 -31.82 -8.36 -3.94
C TYR A 13 -31.75 -7.64 -2.59
N GLN A 14 -30.57 -7.43 -2.02
CA GLN A 14 -30.50 -6.86 -0.65
C GLN A 14 -31.21 -5.51 -0.59
N LEU A 15 -30.91 -4.61 -1.53
CA LEU A 15 -31.48 -3.25 -1.50
C LEU A 15 -33.00 -3.30 -1.69
N ARG A 16 -33.47 -4.14 -2.60
CA ARG A 16 -34.93 -4.27 -2.88
C ARG A 16 -35.63 -4.81 -1.62
N LEU A 17 -35.02 -5.78 -0.95
CA LEU A 17 -35.58 -6.37 0.29
C LEU A 17 -35.69 -5.25 1.31
N VAL A 18 -34.65 -4.43 1.42
CA VAL A 18 -34.62 -3.35 2.43
C VAL A 18 -35.76 -2.39 2.12
N ASP A 19 -35.97 -2.04 0.86
CA ASP A 19 -37.09 -1.12 0.47
C ASP A 19 -38.44 -1.73 0.88
N HIS A 20 -38.66 -3.01 0.56
CA HIS A 20 -39.94 -3.67 0.89
C HIS A 20 -40.13 -3.64 2.42
N LEU A 21 -39.08 -3.91 3.18
CA LEU A 21 -39.18 -3.97 4.67
C LEU A 21 -39.47 -2.58 5.21
N THR A 22 -38.89 -1.54 4.63
CA THR A 22 -39.16 -0.14 5.05
C THR A 22 -40.63 0.17 4.81
N LYS A 23 -41.21 -0.33 3.71
CA LYS A 23 -42.64 -0.07 3.40
C LYS A 23 -43.58 -0.83 4.34
N SER A 24 -43.31 -2.10 4.72
CA SER A 24 -44.27 -2.94 5.48
C SER A 24 -43.59 -4.07 6.26
N ASN A 25 -44.34 -4.71 7.16
CA ASN A 25 -43.85 -5.85 7.98
C ASN A 25 -43.29 -6.94 7.06
N GLY A 26 -42.44 -7.80 7.60
CA GLY A 26 -41.69 -8.71 6.72
C GLY A 26 -41.20 -9.97 7.40
N ILE A 27 -41.11 -11.04 6.64
CA ILE A 27 -40.41 -12.28 7.05
C ILE A 27 -39.45 -12.62 5.92
N VAL A 28 -38.19 -12.26 6.05
CA VAL A 28 -37.21 -12.42 4.94
C VAL A 28 -36.69 -13.86 4.95
N TYR A 29 -37.14 -14.68 3.99
CA TYR A 29 -36.69 -16.07 3.81
C TYR A 29 -35.58 -16.09 2.77
N LEU A 30 -34.34 -16.19 3.21
CA LEU A 30 -33.19 -16.21 2.29
C LEU A 30 -32.47 -17.52 2.50
N PRO A 31 -32.71 -18.52 1.65
CA PRO A 31 -32.12 -19.85 1.85
C PRO A 31 -30.59 -19.80 1.79
N THR A 32 -30.02 -19.00 0.90
CA THR A 32 -28.55 -19.02 0.67
C THR A 32 -27.99 -17.62 0.54
N GLY A 33 -26.67 -17.50 0.64
CA GLY A 33 -25.92 -16.25 0.37
C GLY A 33 -25.51 -15.52 1.62
N SER A 34 -26.05 -15.87 2.79
CA SER A 34 -25.62 -15.23 4.06
C SER A 34 -25.71 -13.70 3.93
N GLY A 35 -26.76 -13.20 3.28
CA GLY A 35 -27.01 -11.76 3.09
C GLY A 35 -28.05 -11.28 4.08
N LYS A 36 -28.48 -12.15 4.97
CA LYS A 36 -29.40 -11.76 6.06
C LYS A 36 -28.77 -10.61 6.87
N THR A 37 -27.46 -10.60 7.02
CA THR A 37 -26.79 -9.67 7.96
C THR A 37 -26.83 -8.25 7.38
N PHE A 38 -26.54 -8.11 6.10
CA PHE A 38 -26.57 -6.78 5.44
C PHE A 38 -27.98 -6.21 5.50
N VAL A 39 -28.99 -7.06 5.30
CA VAL A 39 -30.42 -6.61 5.34
C VAL A 39 -30.78 -6.22 6.78
N ALA A 40 -30.36 -6.99 7.77
CA ALA A 40 -30.61 -6.65 9.20
C ALA A 40 -30.01 -5.28 9.47
N ILE A 41 -28.79 -5.02 8.98
CA ILE A 41 -28.07 -3.76 9.27
C ILE A 41 -28.73 -2.60 8.53
N LEU A 42 -29.11 -2.77 7.28
CA LEU A 42 -29.76 -1.65 6.55
C LEU A 42 -31.13 -1.31 7.16
N VAL A 43 -31.90 -2.30 7.61
CA VAL A 43 -33.24 -1.99 8.16
C VAL A 43 -33.02 -1.22 9.45
N LEU A 44 -32.06 -1.66 10.24
CA LEU A 44 -31.75 -1.03 11.53
C LEU A 44 -31.39 0.42 11.26
N LYS A 45 -30.80 0.72 10.10
CA LYS A 45 -30.28 2.08 9.82
C LYS A 45 -31.40 2.95 9.24
N ARG A 46 -32.36 2.35 8.54
CA ARG A 46 -33.49 3.11 7.94
C ARG A 46 -34.51 3.53 9.00
N PHE A 47 -34.38 3.06 10.24
CA PHE A 47 -35.34 3.38 11.32
C PHE A 47 -34.57 3.99 12.48
N SER A 48 -33.47 4.68 12.19
CA SER A 48 -32.56 5.20 13.24
C SER A 48 -32.54 6.72 13.27
N GLN A 49 -33.63 7.36 12.88
CA GLN A 49 -33.70 8.84 12.89
C GLN A 49 -34.06 9.35 14.28
N ASP A 50 -34.33 8.47 15.25
CA ASP A 50 -34.80 8.90 16.58
C ASP A 50 -34.00 8.20 17.67
N PHE A 51 -32.87 7.61 17.33
CA PHE A 51 -32.07 6.84 18.29
C PHE A 51 -31.28 7.80 19.18
N ASP A 52 -31.40 9.12 19.00
CA ASP A 52 -30.63 10.15 19.74
C ASP A 52 -31.55 10.88 20.72
N LYS A 53 -32.78 11.19 20.30
CA LYS A 53 -33.78 11.89 21.14
C LYS A 53 -34.04 11.02 22.37
N PRO A 54 -34.40 11.57 23.55
CA PRO A 54 -34.74 10.75 24.71
C PRO A 54 -36.20 10.28 24.67
N ILE A 55 -36.49 9.20 25.38
CA ILE A 55 -37.84 8.55 25.33
C ILE A 55 -38.87 9.54 25.90
N GLU A 56 -38.47 10.42 26.81
CA GLU A 56 -39.37 11.41 27.44
C GLU A 56 -40.07 12.24 26.36
N SER A 57 -39.41 12.57 25.26
CA SER A 57 -39.99 13.40 24.17
C SER A 57 -39.55 12.86 22.81
N GLY A 58 -40.22 11.80 22.35
CA GLY A 58 -40.14 11.32 20.96
C GLY A 58 -38.96 10.40 20.70
N GLY A 59 -38.18 10.01 21.70
CA GLY A 59 -37.09 9.05 21.49
C GLY A 59 -37.60 7.68 21.12
N LYS A 60 -36.81 6.92 20.39
CA LYS A 60 -37.18 5.55 19.97
C LYS A 60 -35.95 4.68 19.94
N ARG A 61 -36.09 3.41 20.29
CA ARG A 61 -34.95 2.46 20.36
C ARG A 61 -35.34 1.20 19.60
N ALA A 62 -34.38 0.36 19.27
CA ALA A 62 -34.62 -0.86 18.46
C ALA A 62 -34.26 -2.11 19.24
N LEU A 63 -34.77 -3.26 18.81
CA LEU A 63 -34.52 -4.56 19.48
C LEU A 63 -34.01 -5.53 18.45
N PHE A 64 -33.13 -6.45 18.84
CA PHE A 64 -32.67 -7.54 17.95
C PHE A 64 -32.84 -8.85 18.71
N MET A 65 -34.08 -9.28 18.91
CA MET A 65 -34.39 -10.52 19.66
C MET A 65 -33.81 -11.71 18.90
N CYS A 66 -33.14 -12.63 19.59
CA CYS A 66 -32.60 -13.86 18.96
C CYS A 66 -33.03 -15.06 19.79
N ASN A 67 -32.89 -16.27 19.25
CA ASN A 67 -33.36 -17.51 19.93
C ASN A 67 -32.34 -17.94 21.00
N THR A 68 -31.05 -17.87 20.70
CA THR A 68 -29.97 -18.38 21.59
C THR A 68 -29.05 -17.24 22.00
N VAL A 69 -28.44 -17.35 23.18
CA VAL A 69 -27.50 -16.32 23.71
C VAL A 69 -26.28 -16.24 22.79
N GLU A 70 -25.76 -17.37 22.33
CA GLU A 70 -24.56 -17.40 21.45
C GLU A 70 -24.87 -16.71 20.12
N LEU A 71 -26.04 -16.97 19.53
CA LEU A 71 -26.49 -16.28 18.30
C LEU A 71 -26.63 -14.79 18.58
N ALA A 72 -27.13 -14.43 19.76
CA ALA A 72 -27.31 -13.00 20.16
C ALA A 72 -25.94 -12.31 20.25
N ARG A 73 -24.92 -12.99 20.77
CA ARG A 73 -23.54 -12.42 20.83
C ARG A 73 -23.08 -12.14 19.40
N GLN A 74 -23.30 -13.08 18.50
CA GLN A 74 -22.85 -12.96 17.09
C GLN A 74 -23.51 -11.73 16.49
N GLN A 75 -24.79 -11.49 16.79
CA GLN A 75 -25.54 -10.40 16.14
C GLN A 75 -25.19 -9.05 16.80
N ALA A 76 -24.91 -9.01 18.10
CA ALA A 76 -24.51 -7.75 18.78
C ALA A 76 -23.14 -7.31 18.26
N MET A 77 -22.19 -8.23 18.18
CA MET A 77 -20.85 -7.90 17.67
C MET A 77 -20.99 -7.40 16.23
N ALA A 78 -21.80 -8.05 15.42
CA ALA A 78 -22.00 -7.67 14.01
C ALA A 78 -22.55 -6.24 13.96
N VAL A 79 -23.54 -5.91 14.78
CA VAL A 79 -24.16 -4.55 14.76
C VAL A 79 -23.08 -3.52 15.10
N ARG A 80 -22.32 -3.73 16.17
CA ARG A 80 -21.29 -2.74 16.60
C ARG A 80 -20.29 -2.51 15.47
N ARG A 81 -19.82 -3.57 14.82
CA ARG A 81 -18.80 -3.46 13.75
C ARG A 81 -19.35 -2.67 12.57
N CYS A 82 -20.60 -2.90 12.18
CA CYS A 82 -21.13 -2.34 10.93
C CYS A 82 -21.94 -1.06 11.15
N THR A 83 -22.05 -0.52 12.36
CA THR A 83 -22.94 0.66 12.55
C THR A 83 -22.39 1.68 13.56
N ASN A 84 -22.97 2.88 13.56
CA ASN A 84 -22.60 3.99 14.48
C ASN A 84 -23.60 4.04 15.63
N PHE A 85 -24.35 2.96 15.88
CA PHE A 85 -25.42 2.94 16.91
C PHE A 85 -24.90 2.28 18.16
N LYS A 86 -25.18 2.82 19.34
CA LYS A 86 -24.76 2.21 20.63
C LYS A 86 -25.56 0.92 20.81
N VAL A 87 -24.92 -0.18 21.17
CA VAL A 87 -25.60 -1.51 21.21
C VAL A 87 -25.45 -2.13 22.58
N GLY A 88 -26.57 -2.34 23.27
CA GLY A 88 -26.61 -3.02 24.58
C GLY A 88 -26.79 -4.50 24.35
N PHE A 89 -26.27 -5.34 25.24
CA PHE A 89 -26.34 -6.81 25.09
C PHE A 89 -26.94 -7.41 26.35
N TYR A 90 -28.26 -7.39 26.45
CA TYR A 90 -28.94 -7.85 27.67
C TYR A 90 -29.28 -9.34 27.52
N VAL A 91 -28.48 -10.22 28.09
CA VAL A 91 -28.75 -11.68 27.99
C VAL A 91 -28.89 -12.18 29.41
N GLY A 92 -29.80 -13.13 29.64
CA GLY A 92 -30.32 -13.47 30.98
C GLY A 92 -29.22 -13.85 31.96
N GLU A 93 -28.11 -14.41 31.45
CA GLU A 93 -27.00 -14.93 32.28
C GLU A 93 -26.29 -13.79 33.00
N GLN A 94 -26.51 -12.54 32.57
CA GLN A 94 -25.82 -11.37 33.16
C GLN A 94 -26.63 -10.85 34.35
N GLY A 95 -27.48 -11.69 34.94
CA GLY A 95 -28.39 -11.24 36.01
C GLY A 95 -29.21 -10.08 35.50
N VAL A 96 -29.59 -10.12 34.23
CA VAL A 96 -30.46 -9.07 33.63
C VAL A 96 -31.85 -9.18 34.29
N ASP A 97 -32.17 -10.34 34.86
CA ASP A 97 -33.43 -10.53 35.64
C ASP A 97 -33.28 -9.76 36.95
N ASP A 98 -34.39 -9.51 37.65
CA ASP A 98 -34.38 -8.67 38.87
C ASP A 98 -33.78 -7.29 38.52
N TRP A 99 -34.30 -6.64 37.50
CA TRP A 99 -33.93 -5.23 37.19
C TRP A 99 -35.13 -4.35 37.49
N THR A 100 -34.95 -3.33 38.32
CA THR A 100 -36.01 -2.35 38.65
C THR A 100 -36.29 -1.50 37.42
N ARG A 101 -37.49 -0.96 37.31
CA ARG A 101 -37.83 -0.01 36.23
C ARG A 101 -36.69 1.00 36.10
N GLY A 102 -36.10 1.41 37.24
CA GLY A 102 -35.01 2.39 37.25
C GLY A 102 -33.90 1.94 36.33
N MET A 103 -33.51 0.68 36.45
CA MET A 103 -32.35 0.15 35.69
C MET A 103 -32.73 0.05 34.21
N TRP A 104 -33.86 -0.57 33.91
CA TRP A 104 -34.30 -0.70 32.50
C TRP A 104 -34.54 0.71 31.95
N SER A 105 -34.71 1.71 32.81
CA SER A 105 -34.83 3.10 32.33
C SER A 105 -33.45 3.64 31.96
N ASP A 106 -32.48 3.50 32.86
CA ASP A 106 -31.10 3.97 32.60
C ASP A 106 -30.46 3.26 31.41
N GLU A 107 -30.76 1.97 31.17
CA GLU A 107 -30.07 1.20 30.09
C GLU A 107 -30.70 1.51 28.73
N ILE A 108 -31.95 1.94 28.70
CA ILE A 108 -32.58 2.42 27.43
C ILE A 108 -32.11 3.85 27.17
N LYS A 109 -31.50 4.51 28.16
CA LYS A 109 -30.97 5.89 27.98
C LYS A 109 -29.57 5.83 27.36
N LYS A 110 -28.72 4.94 27.87
CA LYS A 110 -27.38 4.75 27.28
C LYS A 110 -27.49 4.12 25.90
N ASN A 111 -28.03 2.91 25.84
CA ASN A 111 -27.97 2.11 24.58
C ASN A 111 -29.18 2.43 23.69
N GLN A 112 -29.03 2.14 22.40
CA GLN A 112 -30.06 2.44 21.39
C GLN A 112 -30.57 1.15 20.76
N VAL A 113 -29.71 0.33 20.18
CA VAL A 113 -30.17 -0.98 19.66
C VAL A 113 -29.97 -2.01 20.76
N LEU A 114 -31.02 -2.36 21.51
CA LEU A 114 -30.95 -3.32 22.64
C LEU A 114 -30.96 -4.74 22.06
N VAL A 115 -29.82 -5.41 21.95
CA VAL A 115 -29.72 -6.76 21.35
C VAL A 115 -29.75 -7.78 22.48
N GLY A 116 -30.62 -8.79 22.41
CA GLY A 116 -30.74 -9.78 23.50
C GLY A 116 -31.50 -11.01 23.10
N THR A 117 -31.98 -11.75 24.10
CA THR A 117 -32.77 -12.99 23.91
C THR A 117 -34.23 -12.69 24.19
N ALA A 118 -35.13 -13.41 23.51
CA ALA A 118 -36.58 -13.13 23.52
C ALA A 118 -37.15 -13.15 24.94
N GLN A 119 -36.59 -13.97 25.82
CA GLN A 119 -37.11 -14.06 27.20
C GLN A 119 -36.89 -12.74 27.92
N VAL A 120 -35.73 -12.13 27.75
CA VAL A 120 -35.39 -10.88 28.48
C VAL A 120 -36.36 -9.76 28.05
N PHE A 121 -36.71 -9.72 26.77
CA PHE A 121 -37.58 -8.65 26.23
C PHE A 121 -39.06 -9.01 26.42
N LEU A 122 -39.40 -10.29 26.52
CA LEU A 122 -40.80 -10.69 26.83
C LEU A 122 -41.16 -10.07 28.18
N ASP A 123 -40.27 -10.24 29.15
CA ASP A 123 -40.46 -9.70 30.51
C ASP A 123 -40.48 -8.18 30.46
N MET A 124 -39.51 -7.59 29.75
CA MET A 124 -39.35 -6.13 29.67
C MET A 124 -40.64 -5.48 29.15
N VAL A 125 -41.15 -5.94 28.00
CA VAL A 125 -42.39 -5.38 27.38
C VAL A 125 -43.62 -5.80 28.20
N THR A 126 -43.71 -7.04 28.71
CA THR A 126 -44.92 -7.52 29.42
C THR A 126 -45.12 -6.68 30.68
N GLN A 127 -44.09 -6.52 31.48
CA GLN A 127 -44.12 -5.56 32.61
C GLN A 127 -44.07 -4.19 31.95
N THR A 128 -44.58 -3.13 32.56
CA THR A 128 -44.56 -1.81 31.87
C THR A 128 -43.18 -1.18 32.03
N TYR A 129 -42.14 -1.76 31.43
CA TYR A 129 -40.76 -1.24 31.54
C TYR A 129 -40.43 -0.44 30.29
N VAL A 130 -40.62 -1.02 29.11
CA VAL A 130 -40.35 -0.36 27.80
C VAL A 130 -41.54 -0.60 26.88
N ALA A 131 -42.34 0.43 26.61
CA ALA A 131 -43.55 0.30 25.78
C ALA A 131 -43.18 -0.03 24.33
N LEU A 132 -44.09 -0.66 23.60
CA LEU A 132 -43.87 -0.96 22.17
C LEU A 132 -43.84 0.36 21.40
N SER A 133 -44.49 1.42 21.90
CA SER A 133 -44.46 2.76 21.27
C SER A 133 -43.02 3.29 21.21
N SER A 134 -42.24 3.00 22.25
CA SER A 134 -40.82 3.43 22.35
C SER A 134 -40.00 2.78 21.23
N LEU A 135 -40.48 1.70 20.63
CA LEU A 135 -39.65 0.96 19.64
C LEU A 135 -40.01 1.38 18.21
N SER A 136 -39.00 1.52 17.35
CA SER A 136 -39.16 1.85 15.92
C SER A 136 -39.05 0.61 15.05
N VAL A 137 -38.19 -0.34 15.43
CA VAL A 137 -37.99 -1.59 14.64
C VAL A 137 -37.64 -2.73 15.58
N VAL A 138 -38.40 -3.83 15.51
CA VAL A 138 -38.06 -5.07 16.25
C VAL A 138 -37.58 -6.07 15.21
N ILE A 139 -36.34 -6.52 15.30
CA ILE A 139 -35.79 -7.52 14.34
C ILE A 139 -35.72 -8.87 15.05
N ILE A 140 -36.39 -9.88 14.53
CA ILE A 140 -36.48 -11.22 15.18
C ILE A 140 -35.64 -12.19 14.35
N ASP A 141 -34.58 -12.76 14.90
CA ASP A 141 -33.69 -13.65 14.13
C ASP A 141 -34.18 -15.08 14.28
N GLU A 142 -34.03 -15.91 13.24
CA GLU A 142 -34.56 -17.30 13.23
C GLU A 142 -36.04 -17.26 13.60
N CYS A 143 -36.89 -16.69 12.75
CA CYS A 143 -38.33 -16.47 13.09
C CYS A 143 -39.14 -17.76 12.92
N HIS A 144 -38.59 -18.79 12.30
CA HIS A 144 -39.28 -20.10 12.15
C HIS A 144 -39.59 -20.68 13.52
N HIS A 145 -38.67 -20.51 14.47
CA HIS A 145 -38.80 -21.08 15.83
C HIS A 145 -40.06 -20.58 16.52
N GLY A 146 -40.53 -19.39 16.18
CA GLY A 146 -41.66 -18.79 16.92
C GLY A 146 -42.98 -19.36 16.47
N THR A 147 -43.32 -20.57 16.90
CA THR A 147 -44.65 -21.18 16.62
C THR A 147 -45.21 -21.75 17.91
N GLY A 148 -46.54 -21.81 18.01
CA GLY A 148 -47.24 -22.36 19.20
C GLY A 148 -46.87 -21.61 20.46
N HIS A 149 -46.33 -22.27 21.48
CA HIS A 149 -45.83 -21.57 22.69
C HIS A 149 -44.35 -21.28 22.50
N HIS A 150 -43.98 -20.02 22.28
CA HIS A 150 -42.56 -19.60 22.10
C HIS A 150 -42.41 -18.11 22.44
N PRO A 151 -41.32 -17.70 23.12
CA PRO A 151 -41.07 -16.28 23.41
C PRO A 151 -41.31 -15.33 22.22
N PHE A 152 -41.00 -15.75 21.00
CA PHE A 152 -41.27 -14.96 19.78
C PHE A 152 -42.78 -14.77 19.63
N ARG A 153 -43.55 -15.85 19.74
CA ARG A 153 -45.02 -15.80 19.54
C ARG A 153 -45.68 -15.04 20.70
N GLU A 154 -45.15 -15.18 21.90
CA GLU A 154 -45.66 -14.43 23.08
C GLU A 154 -45.38 -12.93 22.89
N PHE A 155 -44.26 -12.59 22.27
CA PHE A 155 -43.93 -11.18 21.98
C PHE A 155 -44.95 -10.60 20.98
N MET A 156 -45.29 -11.31 19.93
CA MET A 156 -46.25 -10.75 18.96
C MET A 156 -47.68 -10.63 19.52
N ARG A 157 -48.08 -11.52 20.43
CA ARG A 157 -49.37 -11.29 21.16
C ARG A 157 -49.28 -10.03 22.02
N LEU A 158 -48.09 -9.69 22.52
CA LEU A 158 -47.96 -8.43 23.27
C LEU A 158 -48.35 -7.31 22.31
N PHE A 159 -47.98 -7.48 21.05
CA PHE A 159 -48.27 -6.46 20.00
C PHE A 159 -49.76 -6.40 19.78
N THR A 160 -50.44 -7.55 19.83
CA THR A 160 -51.86 -7.52 19.40
C THR A 160 -52.78 -6.90 20.48
N ILE A 161 -52.24 -6.45 21.60
CA ILE A 161 -53.05 -5.86 22.71
C ILE A 161 -52.70 -4.38 22.86
N ALA A 162 -51.49 -3.97 22.49
CA ALA A 162 -51.00 -2.59 22.70
C ALA A 162 -51.70 -1.62 21.75
N ASN A 163 -51.68 -0.34 22.10
CA ASN A 163 -52.28 0.75 21.27
C ASN A 163 -51.70 0.66 19.87
N GLN A 164 -52.56 0.72 18.85
CA GLN A 164 -52.13 0.64 17.44
C GLN A 164 -51.68 2.02 17.01
N THR A 165 -51.24 2.19 15.76
CA THR A 165 -50.72 3.45 15.16
C THR A 165 -49.43 3.87 15.87
N LYS A 166 -48.93 3.08 16.82
CA LYS A 166 -47.64 3.34 17.51
C LYS A 166 -46.99 2.00 17.81
N LEU A 167 -46.87 1.15 16.80
CA LEU A 167 -46.30 -0.21 16.95
C LEU A 167 -45.09 -0.35 16.02
N PRO A 168 -44.00 -1.00 16.46
CA PRO A 168 -42.80 -1.13 15.65
C PRO A 168 -42.92 -1.80 14.28
N ARG A 169 -41.86 -1.74 13.47
CA ARG A 169 -41.79 -2.49 12.18
C ARG A 169 -41.13 -3.84 12.47
N VAL A 170 -41.89 -4.93 12.37
CA VAL A 170 -41.38 -6.30 12.65
C VAL A 170 -40.73 -6.83 11.38
N VAL A 171 -39.47 -7.23 11.48
CA VAL A 171 -38.72 -7.82 10.35
C VAL A 171 -38.11 -9.14 10.82
N GLY A 172 -38.81 -10.25 10.63
CA GLY A 172 -38.28 -11.58 10.97
C GLY A 172 -37.27 -12.03 9.94
N LEU A 173 -36.26 -12.79 10.33
CA LEU A 173 -35.27 -13.33 9.38
C LEU A 173 -35.23 -14.85 9.54
N THR A 174 -35.27 -15.60 8.44
CA THR A 174 -35.23 -17.08 8.47
C THR A 174 -34.53 -17.62 7.23
N GLY A 175 -33.81 -18.72 7.41
CA GLY A 175 -33.14 -19.47 6.34
C GLY A 175 -33.81 -20.80 6.11
N VAL A 176 -34.47 -21.32 7.14
CA VAL A 176 -35.25 -22.58 7.08
C VAL A 176 -36.69 -22.16 7.35
N LEU A 177 -37.58 -22.34 6.37
CA LEU A 177 -38.95 -21.74 6.46
C LEU A 177 -39.78 -22.47 7.51
N ILE A 178 -39.76 -23.80 7.50
CA ILE A 178 -40.51 -24.67 8.46
C ILE A 178 -39.51 -25.49 9.27
N LYS A 179 -39.78 -25.71 10.57
CA LYS A 179 -38.90 -26.53 11.44
C LYS A 179 -38.86 -27.97 10.91
N GLY A 180 -37.79 -28.70 11.22
CA GLY A 180 -37.47 -30.02 10.62
C GLY A 180 -38.50 -31.11 10.91
N ASN A 181 -38.86 -31.91 9.90
CA ASN A 181 -39.74 -33.10 9.97
C ASN A 181 -41.22 -32.75 10.14
N GLU A 182 -41.58 -31.51 10.46
CA GLU A 182 -43.00 -31.08 10.51
C GLU A 182 -43.42 -30.61 9.10
N ILE A 183 -43.86 -31.51 8.24
CA ILE A 183 -44.08 -31.21 6.80
C ILE A 183 -45.56 -31.44 6.44
N THR A 184 -46.40 -31.79 7.40
CA THR A 184 -47.79 -32.28 7.14
C THR A 184 -48.66 -31.29 6.36
N ASN A 185 -48.81 -30.05 6.81
CA ASN A 185 -49.75 -29.12 6.11
C ASN A 185 -49.02 -27.80 5.91
N VAL A 186 -48.09 -27.78 4.98
CA VAL A 186 -47.21 -26.60 4.76
C VAL A 186 -48.04 -25.33 4.69
N ALA A 187 -49.11 -25.31 3.90
CA ALA A 187 -49.85 -24.06 3.61
C ALA A 187 -50.31 -23.44 4.93
N THR A 188 -50.95 -24.24 5.77
CA THR A 188 -51.53 -23.73 7.02
C THR A 188 -50.38 -23.16 7.85
N LYS A 189 -49.27 -23.90 7.96
CA LYS A 189 -48.15 -23.45 8.84
C LYS A 189 -47.64 -22.09 8.32
N LEU A 190 -47.46 -21.94 7.02
CA LEU A 190 -46.91 -20.69 6.45
C LEU A 190 -47.89 -19.53 6.67
N LYS A 191 -49.18 -19.76 6.47
CA LYS A 191 -50.19 -18.71 6.73
C LYS A 191 -50.10 -18.27 8.19
N GLU A 192 -49.99 -19.25 9.10
CA GLU A 192 -49.94 -18.96 10.55
C GLU A 192 -48.70 -18.13 10.83
N LEU A 193 -47.56 -18.46 10.21
CA LEU A 193 -46.28 -17.73 10.46
C LEU A 193 -46.44 -16.28 9.99
N GLU A 194 -47.10 -16.08 8.85
CA GLU A 194 -47.38 -14.71 8.36
C GLU A 194 -48.23 -13.98 9.39
N ILE A 195 -49.30 -14.60 9.88
CA ILE A 195 -50.24 -13.93 10.83
C ILE A 195 -49.45 -13.56 12.09
N THR A 196 -48.56 -14.43 12.54
CA THR A 196 -47.77 -14.21 13.78
C THR A 196 -46.94 -12.94 13.62
N TYR A 197 -46.09 -12.87 12.60
CA TYR A 197 -45.16 -11.71 12.45
C TYR A 197 -45.89 -10.53 11.79
N ARG A 198 -47.21 -10.64 11.60
CA ARG A 198 -48.08 -9.51 11.16
C ARG A 198 -47.67 -9.00 9.78
N GLY A 199 -47.07 -9.85 8.95
CA GLY A 199 -46.66 -9.45 7.59
C GLY A 199 -46.24 -10.62 6.74
N ASN A 200 -46.36 -10.45 5.44
CA ASN A 200 -46.14 -11.54 4.46
C ASN A 200 -44.65 -11.93 4.41
N ILE A 201 -44.40 -13.19 4.16
CA ILE A 201 -43.04 -13.67 3.81
C ILE A 201 -42.62 -12.94 2.53
N ILE A 202 -41.32 -12.63 2.41
CA ILE A 202 -40.77 -12.03 1.17
C ILE A 202 -39.45 -12.71 0.87
N THR A 203 -39.32 -13.28 -0.32
CA THR A 203 -38.11 -13.98 -0.75
C THR A 203 -37.82 -13.60 -2.20
N VAL A 204 -36.64 -13.96 -2.66
CA VAL A 204 -36.21 -13.59 -4.01
C VAL A 204 -36.48 -14.76 -4.95
N SER A 205 -36.46 -14.48 -6.24
CA SER A 205 -36.67 -15.51 -7.27
C SER A 205 -35.44 -16.44 -7.30
N ASP A 206 -35.45 -17.41 -8.19
CA ASP A 206 -34.23 -18.23 -8.43
C ASP A 206 -33.56 -17.75 -9.70
N THR A 207 -32.59 -16.86 -9.58
CA THR A 207 -31.84 -16.30 -10.72
C THR A 207 -30.35 -16.61 -10.52
N LYS A 208 -29.49 -15.97 -11.32
CA LYS A 208 -28.01 -16.17 -11.23
C LYS A 208 -27.48 -15.61 -9.91
N GLU A 209 -27.91 -14.42 -9.51
CA GLU A 209 -27.35 -13.75 -8.31
C GLU A 209 -27.63 -14.56 -7.05
N LEU A 210 -28.85 -15.07 -6.88
CA LEU A 210 -29.17 -15.91 -5.72
C LEU A 210 -29.88 -17.18 -6.17
N GLU A 211 -29.29 -18.34 -5.86
CA GLU A 211 -29.90 -19.64 -6.20
C GLU A 211 -30.89 -20.00 -5.10
N ASN A 212 -32.19 -19.89 -5.38
CA ASN A 212 -33.24 -20.22 -4.39
C ASN A 212 -33.46 -21.73 -4.41
N VAL A 213 -33.45 -22.35 -3.24
CA VAL A 213 -33.61 -23.82 -3.13
C VAL A 213 -35.09 -24.19 -3.31
N MET A 214 -36.00 -23.40 -2.73
CA MET A 214 -37.44 -23.74 -2.66
C MET A 214 -38.14 -23.44 -3.98
N LEU A 215 -37.58 -22.60 -4.85
CA LEU A 215 -38.29 -22.15 -6.06
C LEU A 215 -37.59 -22.63 -7.32
N TYR A 216 -36.73 -23.64 -7.22
CA TYR A 216 -36.16 -24.22 -8.44
C TYR A 216 -37.14 -25.23 -9.02
N ALA A 217 -37.19 -25.33 -10.34
CA ALA A 217 -38.22 -26.13 -11.03
C ALA A 217 -37.69 -27.49 -11.49
N THR A 218 -36.67 -27.52 -12.35
CA THR A 218 -36.18 -28.81 -12.91
C THR A 218 -35.70 -29.69 -11.75
N LYS A 219 -36.04 -30.96 -11.77
CA LYS A 219 -35.69 -31.92 -10.70
C LYS A 219 -34.75 -32.96 -11.27
N PRO A 220 -33.65 -33.33 -10.56
CA PRO A 220 -32.68 -34.28 -11.10
C PRO A 220 -33.25 -35.70 -11.23
N THR A 221 -32.70 -36.53 -12.12
CA THR A 221 -33.09 -37.96 -12.20
C THR A 221 -32.84 -38.57 -10.82
N GLU A 222 -33.56 -39.60 -10.43
CA GLU A 222 -33.48 -40.05 -9.03
C GLU A 222 -33.31 -41.57 -8.97
N VAL A 223 -32.53 -42.01 -7.97
CA VAL A 223 -32.24 -43.45 -7.79
C VAL A 223 -32.28 -43.78 -6.30
N MET A 224 -32.84 -44.93 -5.96
CA MET A 224 -32.81 -45.47 -4.58
C MET A 224 -32.07 -46.80 -4.64
N VAL A 225 -31.00 -47.02 -3.87
CA VAL A 225 -30.17 -48.25 -3.98
C VAL A 225 -30.31 -49.07 -2.68
N SER A 226 -30.26 -50.40 -2.75
CA SER A 226 -30.49 -51.29 -1.59
C SER A 226 -29.24 -52.08 -1.19
N PHE A 227 -29.14 -52.53 0.06
CA PHE A 227 -28.01 -53.36 0.54
C PHE A 227 -28.50 -54.24 1.69
N PRO A 228 -28.19 -55.56 1.76
CA PRO A 228 -28.73 -56.41 2.82
C PRO A 228 -27.94 -56.33 4.14
N HIS A 229 -28.47 -56.93 5.19
CA HIS A 229 -27.81 -56.99 6.52
C HIS A 229 -26.63 -57.98 6.44
N GLN A 230 -25.54 -57.68 7.13
CA GLN A 230 -24.33 -58.54 7.16
C GLN A 230 -24.74 -59.95 7.57
N GLU A 231 -24.30 -60.97 6.84
CA GLU A 231 -24.70 -62.37 7.11
C GLU A 231 -24.19 -62.79 8.49
N GLN A 232 -22.94 -62.47 8.81
CA GLN A 232 -22.33 -62.76 10.14
C GLN A 232 -21.63 -61.51 10.65
N VAL A 233 -21.88 -61.12 11.90
CA VAL A 233 -21.11 -60.02 12.53
C VAL A 233 -19.71 -60.56 12.80
N LEU A 234 -18.66 -59.80 12.50
CA LEU A 234 -17.27 -60.31 12.65
C LEU A 234 -16.90 -60.33 14.13
N THR A 235 -15.91 -61.14 14.51
CA THR A 235 -15.55 -61.34 15.93
C THR A 235 -14.90 -60.09 16.50
N VAL A 236 -14.04 -59.42 15.74
CA VAL A 236 -13.25 -58.28 16.27
C VAL A 236 -14.23 -57.13 16.53
N THR A 237 -15.40 -57.14 15.90
CA THR A 237 -16.38 -56.06 16.19
C THR A 237 -16.84 -56.21 17.64
N ARG A 238 -17.13 -57.42 18.09
CA ARG A 238 -17.61 -57.72 19.47
C ARG A 238 -16.48 -57.53 20.50
N LEU A 239 -15.30 -58.08 20.23
CA LEU A 239 -14.18 -58.01 21.20
C LEU A 239 -13.83 -56.54 21.45
N ILE A 240 -13.71 -55.78 20.38
CA ILE A 240 -13.32 -54.36 20.50
C ILE A 240 -14.43 -53.71 21.31
N SER A 241 -15.67 -54.12 21.05
CA SER A 241 -16.82 -53.52 21.76
C SER A 241 -16.73 -53.82 23.26
N ALA A 242 -16.36 -55.05 23.64
CA ALA A 242 -16.27 -55.46 25.06
C ALA A 242 -15.14 -54.72 25.76
N GLU A 243 -14.00 -54.60 25.11
CA GLU A 243 -12.84 -53.93 25.75
C GLU A 243 -13.24 -52.49 26.03
N ILE A 244 -13.99 -51.85 25.15
CA ILE A 244 -14.34 -50.43 25.46
C ILE A 244 -15.32 -50.43 26.65
N GLU A 245 -16.04 -51.52 26.89
CA GLU A 245 -16.96 -51.61 28.06
C GLU A 245 -16.14 -51.72 29.35
N LYS A 246 -15.08 -52.53 29.34
CA LYS A 246 -14.20 -52.70 30.53
C LYS A 246 -13.61 -51.34 30.89
N PHE A 247 -13.18 -50.59 29.88
CA PHE A 247 -12.61 -49.25 30.09
C PHE A 247 -13.66 -48.35 30.72
N TYR A 248 -14.91 -48.43 30.28
CA TYR A 248 -15.97 -47.51 30.77
C TYR A 248 -16.19 -47.73 32.27
N VAL A 249 -16.16 -48.98 32.71
CA VAL A 249 -16.35 -49.32 34.15
C VAL A 249 -15.19 -48.72 34.94
N SER A 250 -13.95 -48.93 34.48
CA SER A 250 -12.74 -48.50 35.24
C SER A 250 -12.68 -46.97 35.35
N LEU A 251 -12.92 -46.25 34.27
CA LEU A 251 -12.80 -44.76 34.26
C LEU A 251 -14.00 -44.14 34.96
N ASP A 252 -15.11 -44.87 35.09
CA ASP A 252 -16.29 -44.37 35.82
C ASP A 252 -15.84 -43.99 37.24
N LEU A 253 -14.85 -44.72 37.76
CA LEU A 253 -14.32 -44.50 39.13
C LEU A 253 -13.21 -43.45 39.03
N MET A 254 -13.54 -42.18 39.08
CA MET A 254 -12.57 -41.10 38.74
C MET A 254 -12.34 -40.06 39.85
N ASN A 255 -11.30 -39.24 39.69
CA ASN A 255 -10.99 -38.08 40.56
C ASN A 255 -10.84 -38.52 42.02
N LYS A 275 -15.18 -33.39 31.15
CA LYS A 275 -13.88 -34.06 30.84
C LYS A 275 -14.12 -35.54 30.59
N LYS A 276 -14.62 -36.25 31.59
CA LYS A 276 -14.95 -37.70 31.48
C LYS A 276 -15.96 -37.94 30.36
N SER A 277 -16.96 -37.07 30.22
CA SER A 277 -18.02 -37.23 29.19
C SER A 277 -17.42 -37.16 27.79
N PHE A 278 -16.51 -36.23 27.53
CA PHE A 278 -15.92 -36.05 26.18
C PHE A 278 -15.15 -37.31 25.79
N VAL A 279 -14.38 -37.85 26.72
CA VAL A 279 -13.57 -39.08 26.46
C VAL A 279 -14.57 -40.18 26.10
N LYS A 280 -15.72 -40.21 26.76
CA LYS A 280 -16.76 -41.24 26.52
C LYS A 280 -17.37 -41.02 25.14
N GLN A 281 -17.71 -39.78 24.79
CA GLN A 281 -18.38 -39.46 23.50
C GLN A 281 -17.50 -39.94 22.34
N LEU A 282 -16.19 -39.69 22.41
CA LEU A 282 -15.30 -40.05 21.29
C LEU A 282 -15.33 -41.56 21.09
N PHE A 283 -15.32 -42.34 22.17
CA PHE A 283 -15.34 -43.82 22.08
C PHE A 283 -16.69 -44.28 21.51
N ASN A 284 -17.79 -43.62 21.89
CA ASN A 284 -19.14 -43.99 21.39
C ASN A 284 -19.24 -43.66 19.90
N ASP A 285 -18.68 -42.53 19.47
CA ASP A 285 -18.65 -42.14 18.04
C ASP A 285 -17.87 -43.21 17.26
N PHE A 286 -16.67 -43.55 17.72
CA PHE A 286 -15.87 -44.60 17.05
C PHE A 286 -16.77 -45.80 16.85
N LEU A 287 -17.48 -46.22 17.89
CA LEU A 287 -18.33 -47.43 17.78
C LEU A 287 -19.31 -47.26 16.62
N TYR A 288 -19.94 -46.09 16.50
CA TYR A 288 -20.90 -45.81 15.41
C TYR A 288 -20.18 -45.99 14.07
N GLN A 289 -19.02 -45.38 13.93
CA GLN A 289 -18.28 -45.40 12.64
C GLN A 289 -17.96 -46.85 12.32
N MET A 290 -17.64 -47.65 13.34
CA MET A 290 -17.21 -49.03 13.10
C MET A 290 -18.38 -49.86 12.59
N LYS A 291 -19.53 -49.74 13.21
CA LYS A 291 -20.67 -50.61 12.84
C LYS A 291 -21.24 -50.18 11.49
N GLU A 292 -21.54 -48.89 11.32
CA GLU A 292 -22.26 -48.42 10.10
C GLU A 292 -21.35 -48.35 8.88
N TYR A 293 -20.08 -47.96 9.04
CA TYR A 293 -19.24 -47.74 7.85
C TYR A 293 -18.21 -48.86 7.68
N GLY A 294 -18.11 -49.82 8.61
CA GLY A 294 -17.34 -51.06 8.38
C GLY A 294 -16.07 -51.21 9.20
N ILE A 295 -15.48 -52.40 9.15
CA ILE A 295 -14.21 -52.71 9.87
C ILE A 295 -13.09 -51.86 9.26
N TYR A 296 -12.98 -51.78 7.94
CA TYR A 296 -11.86 -51.05 7.31
C TYR A 296 -11.94 -49.58 7.69
N ALA A 297 -13.12 -48.98 7.60
CA ALA A 297 -13.22 -47.53 7.86
C ALA A 297 -12.89 -47.24 9.32
N ALA A 298 -13.05 -48.21 10.21
CA ALA A 298 -12.68 -48.06 11.64
C ALA A 298 -11.17 -47.87 11.73
N SER A 299 -10.41 -48.53 10.87
CA SER A 299 -8.94 -48.41 10.87
C SER A 299 -8.53 -46.96 10.61
N ILE A 300 -9.35 -46.17 9.93
CA ILE A 300 -9.09 -44.72 9.68
C ILE A 300 -9.70 -43.87 10.82
N ALA A 301 -10.73 -44.34 11.53
CA ALA A 301 -11.36 -43.61 12.66
C ALA A 301 -10.49 -43.66 13.92
N ILE A 302 -9.87 -44.81 14.16
CA ILE A 302 -9.00 -44.97 15.36
C ILE A 302 -7.78 -44.06 15.17
N ILE A 303 -7.26 -43.92 13.97
CA ILE A 303 -6.15 -42.94 13.85
C ILE A 303 -6.73 -41.57 14.25
N SER A 304 -7.93 -41.25 13.80
CA SER A 304 -8.45 -39.90 14.18
C SER A 304 -8.54 -39.74 15.71
N LEU A 305 -9.08 -40.75 16.40
CA LEU A 305 -9.25 -40.68 17.87
C LEU A 305 -7.88 -40.50 18.53
N ILE A 306 -6.87 -41.23 18.08
CA ILE A 306 -5.51 -41.13 18.67
C ILE A 306 -5.09 -39.67 18.55
N VAL A 307 -5.20 -39.07 17.39
CA VAL A 307 -4.75 -37.65 17.29
C VAL A 307 -5.47 -36.86 18.37
N GLU A 308 -6.80 -36.95 18.41
CA GLU A 308 -7.56 -36.07 19.35
C GLU A 308 -7.08 -36.29 20.78
N PHE A 309 -6.99 -37.55 21.22
CA PHE A 309 -6.64 -37.88 22.62
C PHE A 309 -5.24 -37.38 22.93
N ASP A 310 -4.27 -37.50 22.02
CA ASP A 310 -2.90 -36.98 22.28
C ASP A 310 -2.91 -35.47 22.43
N ILE A 311 -3.46 -34.76 21.46
CA ILE A 311 -3.56 -33.28 21.59
C ILE A 311 -4.08 -32.96 22.99
N LYS A 312 -5.16 -33.59 23.43
CA LYS A 312 -5.81 -33.28 24.73
C LYS A 312 -4.91 -33.66 25.91
N ARG A 313 -4.20 -34.78 25.83
CA ARG A 313 -3.32 -35.22 26.93
C ARG A 313 -2.32 -34.13 27.19
N ARG A 314 -1.76 -33.57 26.13
CA ARG A 314 -0.81 -32.44 26.28
C ARG A 314 -1.54 -31.24 26.87
N GLN A 315 -2.79 -30.97 26.47
CA GLN A 315 -3.51 -29.78 26.95
C GLN A 315 -4.11 -30.08 28.33
N ALA A 316 -3.30 -30.34 29.34
CA ALA A 316 -3.78 -30.65 30.71
C ALA A 316 -2.80 -30.14 31.78
N GLU A 317 -3.24 -30.14 33.05
CA GLU A 317 -2.40 -29.71 34.20
C GLU A 317 -2.46 -30.75 35.32
N THR A 318 -3.65 -31.11 35.80
CA THR A 318 -3.80 -32.17 36.83
C THR A 318 -3.23 -33.46 36.26
N LEU A 319 -2.46 -34.20 37.06
CA LEU A 319 -1.86 -35.48 36.60
C LEU A 319 -2.95 -36.53 36.43
N SER A 320 -3.95 -36.55 37.31
CA SER A 320 -5.06 -37.54 37.29
C SER A 320 -5.87 -37.40 36.00
N VAL A 321 -6.23 -36.18 35.60
CA VAL A 321 -6.97 -35.97 34.33
C VAL A 321 -6.12 -36.55 33.20
N LYS A 322 -4.84 -36.23 33.18
CA LYS A 322 -3.94 -36.73 32.12
C LYS A 322 -4.00 -38.25 32.17
N LEU A 323 -4.15 -38.84 33.35
CA LEU A 323 -4.14 -40.32 33.47
C LEU A 323 -5.31 -40.90 32.66
N MET A 324 -6.46 -40.26 32.69
CA MET A 324 -7.65 -40.74 31.93
C MET A 324 -7.32 -40.72 30.44
N HIS A 325 -6.69 -39.63 29.97
CA HIS A 325 -6.38 -39.45 28.53
C HIS A 325 -5.24 -40.37 28.09
N ARG A 326 -4.39 -40.82 29.01
CA ARG A 326 -3.29 -41.77 28.69
C ARG A 326 -3.83 -43.19 28.58
N THR A 327 -4.68 -43.62 29.52
CA THR A 327 -5.24 -45.00 29.53
C THR A 327 -6.15 -45.18 28.30
N ALA A 328 -6.87 -44.13 27.89
CA ALA A 328 -7.71 -44.17 26.67
C ALA A 328 -6.83 -44.44 25.45
N LEU A 329 -5.69 -43.76 25.37
CA LEU A 329 -4.79 -43.90 24.20
C LEU A 329 -4.32 -45.35 24.13
N THR A 330 -4.04 -45.98 25.26
CA THR A 330 -3.46 -47.33 25.23
C THR A 330 -4.50 -48.29 24.68
N LEU A 331 -5.77 -48.04 24.99
CA LEU A 331 -6.89 -48.83 24.42
C LEU A 331 -6.98 -48.56 22.91
N CYS A 332 -6.88 -47.30 22.48
CA CYS A 332 -7.01 -46.92 21.05
C CYS A 332 -5.94 -47.67 20.26
N GLU A 333 -4.77 -47.84 20.82
CA GLU A 333 -3.69 -48.44 20.04
C GLU A 333 -3.92 -49.93 20.00
N LYS A 334 -4.40 -50.49 21.09
CA LYS A 334 -4.76 -51.90 21.02
C LYS A 334 -5.81 -52.02 19.91
N ILE A 335 -6.72 -51.07 19.80
CA ILE A 335 -7.81 -51.20 18.79
C ILE A 335 -7.14 -51.18 17.42
N ARG A 336 -6.31 -50.19 17.10
CA ARG A 336 -5.75 -50.15 15.72
C ARG A 336 -5.05 -51.49 15.50
N HIS A 337 -4.34 -52.02 16.49
CA HIS A 337 -3.58 -53.27 16.27
C HIS A 337 -4.56 -54.38 15.93
N LEU A 338 -5.68 -54.42 16.64
CA LEU A 338 -6.70 -55.46 16.45
C LEU A 338 -7.39 -55.24 15.11
N LEU A 339 -8.04 -54.07 14.92
CA LEU A 339 -8.83 -53.87 13.67
C LEU A 339 -7.92 -54.15 12.46
N VAL A 340 -6.69 -53.67 12.48
CA VAL A 340 -5.73 -53.88 11.36
C VAL A 340 -5.44 -55.37 11.16
N GLN A 341 -5.33 -56.13 12.23
CA GLN A 341 -4.91 -57.56 12.14
C GLN A 341 -5.96 -58.32 11.34
N LYS A 342 -7.24 -58.01 11.56
CA LYS A 342 -8.33 -58.69 10.81
C LYS A 342 -8.11 -58.47 9.31
N LEU A 343 -7.93 -57.23 8.89
CA LEU A 343 -7.69 -56.90 7.47
C LEU A 343 -6.45 -57.66 7.02
N GLN A 344 -5.41 -57.67 7.85
CA GLN A 344 -4.10 -58.25 7.46
C GLN A 344 -4.30 -59.70 6.99
N ASP A 345 -5.40 -60.35 7.36
CA ASP A 345 -5.61 -61.77 6.99
C ASP A 345 -5.53 -61.90 5.47
N MET A 346 -6.12 -60.97 4.74
CA MET A 346 -6.05 -60.94 3.26
C MET A 346 -4.76 -60.22 2.84
N ASN A 354 1.21 -52.46 3.33
CA ASN A 354 -0.01 -51.60 3.30
C ASN A 354 -1.24 -52.45 2.91
N VAL A 355 -2.39 -52.17 3.53
CA VAL A 355 -3.65 -52.92 3.28
C VAL A 355 -4.62 -51.96 2.60
N ASN A 356 -4.12 -51.07 1.74
CA ASN A 356 -4.96 -50.08 1.03
C ASN A 356 -5.43 -50.68 -0.30
N THR A 357 -5.17 -51.96 -0.54
CA THR A 357 -5.57 -52.64 -1.80
C THR A 357 -7.09 -52.58 -1.97
N GLU A 358 -7.55 -52.62 -3.22
CA GLU A 358 -8.99 -52.64 -3.56
C GLU A 358 -9.66 -53.84 -2.88
N GLU A 359 -9.01 -55.00 -2.89
CA GLU A 359 -9.62 -56.27 -2.42
C GLU A 359 -9.61 -56.36 -0.88
N VAL A 360 -9.08 -55.36 -0.17
CA VAL A 360 -9.10 -55.34 1.32
C VAL A 360 -10.19 -54.37 1.76
N ILE A 361 -10.40 -53.31 0.99
CA ILE A 361 -11.47 -52.30 1.26
C ILE A 361 -12.79 -52.95 0.86
N MET A 362 -12.76 -53.79 -0.16
CA MET A 362 -14.01 -54.42 -0.67
C MET A 362 -14.49 -55.48 0.32
N ASN A 363 -13.64 -56.45 0.68
CA ASN A 363 -14.08 -57.62 1.50
C ASN A 363 -14.49 -57.21 2.91
N PHE A 364 -13.83 -56.23 3.53
CA PHE A 364 -14.15 -55.85 4.94
C PHE A 364 -14.81 -54.48 4.93
N SER A 365 -16.11 -54.41 4.66
CA SER A 365 -16.89 -53.15 4.64
C SER A 365 -18.38 -53.46 4.73
N THR A 366 -19.13 -52.76 5.57
CA THR A 366 -20.60 -52.94 5.70
C THR A 366 -21.19 -52.90 4.30
N PRO A 367 -22.12 -53.81 3.91
CA PRO A 367 -22.67 -53.82 2.55
C PRO A 367 -22.98 -52.43 1.98
N LYS A 368 -23.31 -51.46 2.84
CA LYS A 368 -23.57 -50.07 2.42
C LYS A 368 -22.37 -49.52 1.66
N VAL A 369 -21.19 -49.65 2.26
CA VAL A 369 -19.95 -49.10 1.68
C VAL A 369 -19.54 -49.92 0.46
N GLN A 370 -19.79 -51.22 0.45
CA GLN A 370 -19.52 -52.04 -0.76
C GLN A 370 -20.37 -51.51 -1.92
N ARG A 371 -21.65 -51.25 -1.67
CA ARG A 371 -22.55 -50.71 -2.72
C ARG A 371 -22.02 -49.37 -3.22
N PHE A 372 -21.70 -48.46 -2.30
CA PHE A 372 -21.25 -47.10 -2.67
C PHE A 372 -19.96 -47.18 -3.48
N LEU A 373 -19.00 -47.99 -3.05
CA LEU A 373 -17.69 -48.07 -3.75
C LEU A 373 -17.89 -48.58 -5.18
N MET A 374 -18.71 -49.60 -5.37
CA MET A 374 -19.03 -50.12 -6.73
C MET A 374 -19.77 -49.04 -7.53
N SER A 375 -20.78 -48.39 -6.93
CA SER A 375 -21.62 -47.39 -7.64
C SER A 375 -20.77 -46.22 -8.09
N LEU A 376 -19.82 -45.80 -7.25
CA LEU A 376 -18.89 -44.71 -7.62
C LEU A 376 -18.08 -45.17 -8.83
N LYS A 377 -17.59 -46.41 -8.80
CA LYS A 377 -16.69 -46.91 -9.87
C LYS A 377 -17.43 -47.00 -11.21
N VAL A 378 -18.57 -47.66 -11.23
CA VAL A 378 -19.27 -47.93 -12.52
C VAL A 378 -19.77 -46.62 -13.13
N SER A 379 -20.31 -45.72 -12.32
CA SER A 379 -20.93 -44.47 -12.84
C SER A 379 -19.85 -43.53 -13.37
N PHE A 380 -18.77 -43.33 -12.61
CA PHE A 380 -17.72 -42.37 -13.01
C PHE A 380 -16.75 -43.06 -13.97
N ALA A 381 -17.27 -43.74 -15.00
CA ALA A 381 -16.47 -44.38 -16.08
C ALA A 381 -16.41 -43.54 -17.35
N ASP A 382 -16.99 -42.34 -17.36
CA ASP A 382 -16.81 -41.36 -18.46
C ASP A 382 -15.36 -40.88 -18.51
N LYS A 383 -14.70 -40.92 -17.36
CA LYS A 383 -13.23 -40.74 -17.27
C LYS A 383 -12.81 -39.33 -17.70
N ASP A 384 -13.69 -38.34 -17.61
CA ASP A 384 -13.28 -36.95 -17.92
C ASP A 384 -13.14 -36.22 -16.60
N PRO A 385 -11.93 -36.16 -16.02
CA PRO A 385 -11.75 -35.56 -14.71
C PRO A 385 -12.50 -34.24 -14.56
N LYS A 386 -12.43 -33.38 -15.57
CA LYS A 386 -13.04 -32.04 -15.47
C LYS A 386 -14.56 -32.16 -15.50
N ASP A 387 -15.08 -33.09 -16.29
CA ASP A 387 -16.56 -33.22 -16.48
C ASP A 387 -17.29 -33.65 -15.20
N ILE A 388 -16.82 -34.69 -14.51
CA ILE A 388 -17.55 -35.30 -13.36
C ILE A 388 -17.43 -34.42 -12.11
N CYS A 389 -18.46 -34.36 -11.28
CA CYS A 389 -18.47 -33.60 -10.00
C CYS A 389 -19.48 -34.31 -9.11
N CYS A 390 -19.08 -34.82 -7.95
CA CYS A 390 -19.96 -35.67 -7.12
C CYS A 390 -19.97 -35.14 -5.69
N LEU A 391 -21.14 -35.00 -5.08
CA LEU A 391 -21.25 -34.59 -3.66
C LEU A 391 -21.77 -35.77 -2.87
N VAL A 392 -21.05 -36.24 -1.86
CA VAL A 392 -21.55 -37.33 -0.97
C VAL A 392 -21.84 -36.72 0.40
N PHE A 393 -23.06 -36.88 0.89
CA PHE A 393 -23.47 -36.32 2.18
C PHE A 393 -23.45 -37.43 3.21
N VAL A 394 -22.95 -37.14 4.40
CA VAL A 394 -22.84 -38.15 5.49
C VAL A 394 -23.46 -37.58 6.76
N GLU A 395 -23.68 -38.42 7.77
CA GLU A 395 -24.42 -38.00 8.99
C GLU A 395 -23.57 -37.08 9.87
N ARG A 396 -22.43 -37.52 10.35
CA ARG A 396 -21.70 -36.75 11.40
C ARG A 396 -20.37 -36.10 10.96
N ARG A 397 -19.64 -35.44 11.87
CA ARG A 397 -18.31 -34.86 11.51
C ARG A 397 -17.20 -35.94 11.40
N TYR A 398 -17.12 -36.83 12.36
CA TYR A 398 -16.05 -37.86 12.35
C TYR A 398 -16.23 -38.80 11.15
N THR A 399 -17.48 -39.04 10.75
CA THR A 399 -17.76 -39.89 9.58
C THR A 399 -17.03 -39.29 8.38
N CYS A 400 -17.24 -38.00 8.14
CA CYS A 400 -16.57 -37.28 7.03
C CYS A 400 -15.11 -37.61 7.15
N LYS A 401 -14.51 -37.44 8.32
CA LYS A 401 -13.05 -37.69 8.34
C LYS A 401 -12.77 -39.11 7.85
N CYS A 402 -13.43 -40.11 8.42
CA CYS A 402 -13.11 -41.52 8.09
C CYS A 402 -13.40 -41.84 6.60
N ILE A 403 -14.50 -41.36 6.02
CA ILE A 403 -14.89 -41.69 4.63
C ILE A 403 -13.94 -40.99 3.69
N TYR A 404 -13.47 -39.78 3.98
CA TYR A 404 -12.45 -39.17 3.12
C TYR A 404 -11.31 -40.16 3.06
N GLY A 405 -10.88 -40.66 4.21
CA GLY A 405 -9.75 -41.58 4.21
C GLY A 405 -10.02 -42.81 3.34
N LEU A 406 -11.13 -43.49 3.59
CA LEU A 406 -11.48 -44.74 2.85
C LEU A 406 -11.49 -44.43 1.36
N LEU A 407 -12.11 -43.31 0.97
CA LEU A 407 -12.25 -42.99 -0.48
C LEU A 407 -10.87 -42.75 -1.05
N LEU A 408 -10.03 -41.95 -0.41
CA LEU A 408 -8.70 -41.70 -1.02
C LEU A 408 -8.02 -43.06 -1.23
N ASN A 409 -7.97 -43.93 -0.21
CA ASN A 409 -7.18 -45.18 -0.33
C ASN A 409 -7.83 -46.17 -1.32
N TYR A 410 -9.16 -46.16 -1.49
CA TYR A 410 -9.79 -47.02 -2.52
C TYR A 410 -9.44 -46.49 -3.91
N ILE A 411 -9.74 -45.21 -4.16
CA ILE A 411 -9.51 -44.56 -5.47
C ILE A 411 -8.07 -44.81 -5.88
N GLN A 412 -7.11 -44.45 -5.02
CA GLN A 412 -5.67 -44.55 -5.37
C GLN A 412 -5.35 -45.99 -5.79
N SER A 413 -5.92 -46.98 -5.11
CA SER A 413 -5.58 -48.40 -5.38
C SER A 413 -6.42 -48.96 -6.53
N THR A 414 -7.40 -48.22 -7.04
CA THR A 414 -8.30 -48.75 -8.10
C THR A 414 -7.89 -48.15 -9.43
N PRO A 415 -7.40 -48.96 -10.42
CA PRO A 415 -7.04 -48.45 -11.74
C PRO A 415 -8.19 -47.72 -12.46
N GLU A 416 -9.42 -48.22 -12.29
CA GLU A 416 -10.61 -47.63 -12.97
C GLU A 416 -10.91 -46.21 -12.47
N LEU A 417 -10.72 -45.90 -11.18
CA LEU A 417 -11.18 -44.58 -10.66
C LEU A 417 -10.00 -43.64 -10.45
N ARG A 418 -8.81 -44.17 -10.26
CA ARG A 418 -7.64 -43.32 -9.96
C ARG A 418 -7.49 -42.35 -11.13
N ASN A 419 -7.09 -41.11 -10.85
CA ASN A 419 -6.77 -40.10 -11.88
C ASN A 419 -8.08 -39.54 -12.46
N VAL A 420 -9.23 -40.01 -12.01
CA VAL A 420 -10.49 -39.35 -12.42
C VAL A 420 -11.19 -38.79 -11.20
N LEU A 421 -10.86 -39.29 -10.01
CA LEU A 421 -11.55 -38.88 -8.78
C LEU A 421 -10.52 -38.36 -7.78
N THR A 422 -10.77 -37.19 -7.25
CA THR A 422 -9.91 -36.57 -6.23
C THR A 422 -10.82 -36.17 -5.10
N PRO A 423 -10.70 -36.66 -3.85
CA PRO A 423 -11.68 -36.35 -2.81
C PRO A 423 -11.36 -35.20 -1.86
N GLN A 424 -12.37 -34.65 -1.17
CA GLN A 424 -12.14 -33.65 -0.09
C GLN A 424 -13.33 -33.63 0.86
N PHE A 425 -13.14 -33.21 2.10
CA PHE A 425 -14.21 -33.24 3.12
C PHE A 425 -14.52 -31.83 3.63
N MET A 426 -15.81 -31.50 3.67
CA MET A 426 -16.30 -30.22 4.21
C MET A 426 -17.21 -30.54 5.39
N VAL A 427 -16.97 -29.94 6.55
CA VAL A 427 -17.84 -30.13 7.75
C VAL A 427 -18.50 -28.79 8.08
N SER A 438 -8.03 -24.39 16.35
CA SER A 438 -9.43 -24.41 15.83
C SER A 438 -9.66 -23.22 14.90
N VAL A 439 -9.00 -22.09 15.17
CA VAL A 439 -8.96 -20.94 14.23
C VAL A 439 -8.30 -21.40 12.94
N LEU A 440 -7.24 -22.20 13.06
CA LEU A 440 -6.52 -22.74 11.89
C LEU A 440 -7.48 -23.67 11.17
N GLU A 441 -8.34 -24.37 11.92
CA GLU A 441 -9.26 -25.37 11.34
C GLU A 441 -10.11 -24.68 10.28
N ARG A 442 -10.61 -23.49 10.61
CA ARG A 442 -11.49 -22.73 9.69
C ARG A 442 -10.81 -22.45 8.36
N LYS A 443 -9.55 -22.00 8.40
CA LYS A 443 -8.81 -21.61 7.18
C LYS A 443 -8.70 -22.82 6.25
N TRP A 444 -8.41 -24.00 6.81
CA TRP A 444 -8.21 -25.22 6.00
C TRP A 444 -9.48 -25.55 5.23
N GLN A 445 -10.64 -25.44 5.86
CA GLN A 445 -11.94 -25.74 5.20
C GLN A 445 -12.14 -24.72 4.07
N LYS A 446 -11.77 -23.46 4.29
CA LYS A 446 -11.95 -22.41 3.27
C LYS A 446 -11.16 -22.80 2.02
N SER A 447 -9.94 -23.32 2.19
CA SER A 447 -9.10 -23.80 1.07
C SER A 447 -9.78 -24.98 0.38
N ALA A 448 -10.40 -25.88 1.14
CA ALA A 448 -11.04 -27.10 0.61
C ALA A 448 -12.27 -26.70 -0.21
N ILE A 449 -13.10 -25.79 0.30
CA ILE A 449 -14.34 -25.37 -0.41
C ILE A 449 -13.89 -24.75 -1.73
N GLN A 450 -12.87 -23.89 -1.71
CA GLN A 450 -12.35 -23.23 -2.93
C GLN A 450 -11.79 -24.28 -3.88
N GLN A 451 -11.14 -25.32 -3.38
CA GLN A 451 -10.51 -26.32 -4.26
C GLN A 451 -11.63 -26.94 -5.11
N PHE A 452 -12.75 -27.27 -4.48
CA PHE A 452 -13.88 -27.90 -5.21
C PHE A 452 -14.43 -26.90 -6.21
N ARG A 453 -14.60 -25.64 -5.79
CA ARG A 453 -15.20 -24.60 -6.66
C ARG A 453 -14.26 -24.31 -7.84
N ASP A 454 -12.94 -24.23 -7.60
CA ASP A 454 -11.94 -24.01 -8.66
C ASP A 454 -11.95 -25.19 -9.62
N GLY A 455 -12.13 -26.40 -9.10
CA GLY A 455 -12.25 -27.61 -9.94
C GLY A 455 -11.08 -28.56 -9.80
N ASN A 456 -10.19 -28.33 -8.84
CA ASN A 456 -9.09 -29.29 -8.58
C ASN A 456 -9.66 -30.61 -8.05
N ALA A 457 -10.62 -30.58 -7.12
CA ALA A 457 -11.19 -31.79 -6.50
C ALA A 457 -12.57 -32.09 -7.07
N ASN A 458 -12.87 -33.34 -7.40
CA ASN A 458 -14.13 -33.71 -8.08
C ASN A 458 -15.18 -34.16 -7.07
N LEU A 459 -14.79 -34.70 -5.92
CA LEU A 459 -15.76 -35.27 -4.95
C LEU A 459 -15.70 -34.47 -3.66
N MET A 460 -16.84 -34.18 -3.02
CA MET A 460 -16.83 -33.50 -1.69
C MET A 460 -17.72 -34.26 -0.71
N ILE A 461 -17.13 -34.78 0.36
CA ILE A 461 -17.88 -35.50 1.43
C ILE A 461 -18.31 -34.42 2.43
N CYS A 462 -19.59 -34.13 2.51
CA CYS A 462 -20.10 -33.02 3.35
C CYS A 462 -20.90 -33.58 4.52
N SER A 463 -20.73 -33.03 5.71
CA SER A 463 -21.51 -33.46 6.90
C SER A 463 -22.92 -32.89 6.78
N SER A 464 -23.77 -33.14 7.76
CA SER A 464 -25.18 -32.67 7.74
C SER A 464 -25.21 -31.15 7.73
N VAL A 465 -26.18 -30.56 7.02
CA VAL A 465 -26.41 -29.09 6.98
C VAL A 465 -27.76 -28.83 7.66
N LEU A 466 -27.79 -28.75 8.99
CA LEU A 466 -29.08 -28.67 9.74
C LEU A 466 -29.89 -27.42 9.36
N GLU A 467 -29.28 -26.25 9.37
CA GLU A 467 -30.02 -24.98 9.11
C GLU A 467 -29.27 -24.11 8.10
N GLU A 468 -28.33 -24.67 7.35
CA GLU A 468 -27.48 -23.85 6.44
C GLU A 468 -27.50 -24.46 5.04
N GLY A 469 -27.24 -23.64 4.02
CA GLY A 469 -27.18 -24.09 2.62
C GLY A 469 -25.77 -24.48 2.24
N ILE A 470 -25.59 -25.64 1.64
CA ILE A 470 -24.24 -26.04 1.15
C ILE A 470 -23.82 -24.97 0.14
N ASP A 471 -22.61 -24.44 0.25
CA ASP A 471 -22.15 -23.29 -0.55
C ASP A 471 -21.15 -23.81 -1.59
N VAL A 472 -21.60 -24.70 -2.45
CA VAL A 472 -20.74 -25.24 -3.55
C VAL A 472 -21.51 -25.09 -4.84
N GLN A 473 -20.81 -25.17 -5.96
CA GLN A 473 -21.43 -25.04 -7.31
C GLN A 473 -22.32 -26.26 -7.58
N ALA A 474 -23.13 -26.14 -8.63
CA ALA A 474 -24.05 -27.22 -9.05
C ALA A 474 -23.25 -28.47 -9.37
N CYS A 475 -23.49 -29.53 -8.62
CA CYS A 475 -22.77 -30.81 -8.80
C CYS A 475 -23.46 -31.61 -9.91
N ASN A 476 -23.04 -32.87 -10.11
CA ASN A 476 -23.57 -33.72 -11.20
C ASN A 476 -24.19 -34.99 -10.60
N HIS A 477 -23.47 -35.72 -9.77
CA HIS A 477 -24.07 -36.92 -9.13
C HIS A 477 -24.07 -36.73 -7.62
N VAL A 478 -25.23 -36.36 -7.05
CA VAL A 478 -25.35 -36.14 -5.58
C VAL A 478 -25.71 -37.47 -4.94
N PHE A 479 -24.81 -38.05 -4.13
CA PHE A 479 -25.03 -39.34 -3.42
C PHE A 479 -25.31 -39.05 -1.94
N ILE A 480 -26.25 -39.75 -1.31
CA ILE A 480 -26.48 -39.58 0.16
C ILE A 480 -26.27 -40.93 0.86
N LEU A 481 -25.08 -41.16 1.40
CA LEU A 481 -24.71 -42.45 2.05
C LEU A 481 -25.58 -42.70 3.27
N ASP A 482 -25.77 -41.71 4.12
CA ASP A 482 -26.53 -41.89 5.40
C ASP A 482 -27.94 -41.38 5.19
N PRO A 483 -29.01 -42.06 5.68
CA PRO A 483 -30.39 -41.67 5.36
C PRO A 483 -30.79 -40.24 5.78
N VAL A 484 -31.60 -39.57 4.95
CA VAL A 484 -32.06 -38.17 5.20
C VAL A 484 -32.90 -38.13 6.46
N LYS A 485 -32.64 -37.20 7.35
CA LYS A 485 -33.34 -37.13 8.66
C LYS A 485 -34.21 -35.89 8.73
N THR A 486 -34.02 -34.92 7.84
CA THR A 486 -34.78 -33.64 7.90
C THR A 486 -35.19 -33.19 6.51
N PHE A 487 -36.26 -32.40 6.43
CA PHE A 487 -36.71 -31.82 5.15
C PHE A 487 -35.61 -30.92 4.64
N ASN A 488 -35.00 -30.16 5.55
CA ASN A 488 -33.95 -29.19 5.16
C ASN A 488 -32.80 -29.95 4.52
N MET A 489 -32.46 -31.12 5.04
CA MET A 489 -31.41 -31.95 4.40
C MET A 489 -31.88 -32.32 2.99
N TYR A 490 -33.12 -32.75 2.83
CA TYR A 490 -33.62 -33.21 1.50
C TYR A 490 -33.57 -32.05 0.51
N VAL A 491 -34.10 -30.89 0.89
CA VAL A 491 -34.19 -29.75 -0.07
C VAL A 491 -32.80 -29.22 -0.38
N GLN A 492 -31.93 -29.11 0.63
CA GLN A 492 -30.57 -28.55 0.43
C GLN A 492 -29.77 -29.52 -0.44
N SER A 493 -29.90 -30.83 -0.23
CA SER A 493 -29.15 -31.85 -1.00
C SER A 493 -29.65 -31.90 -2.44
N LYS A 494 -30.95 -32.14 -2.62
CA LYS A 494 -31.53 -32.25 -3.98
C LYS A 494 -31.25 -30.95 -4.72
N GLY A 495 -31.11 -29.85 -3.97
CA GLY A 495 -30.84 -28.52 -4.56
C GLY A 495 -29.55 -28.52 -5.35
N ARG A 496 -28.50 -29.19 -4.87
CA ARG A 496 -27.18 -29.14 -5.51
C ARG A 496 -27.27 -29.75 -6.92
N ALA A 497 -28.01 -30.84 -7.09
CA ALA A 497 -28.28 -31.39 -8.43
C ALA A 497 -29.20 -30.40 -9.15
N ARG A 498 -28.69 -29.64 -10.11
CA ARG A 498 -29.49 -28.52 -10.67
C ARG A 498 -29.86 -28.73 -12.13
N THR A 499 -29.22 -29.65 -12.84
CA THR A 499 -29.59 -29.97 -14.25
C THR A 499 -30.39 -31.28 -14.28
N THR A 500 -31.19 -31.49 -15.31
CA THR A 500 -31.94 -32.75 -15.52
C THR A 500 -30.95 -33.90 -15.75
N GLU A 501 -29.85 -33.61 -16.41
CA GLU A 501 -28.79 -34.60 -16.72
C GLU A 501 -28.24 -35.17 -15.41
N ALA A 502 -28.13 -34.34 -14.38
CA ALA A 502 -27.55 -34.72 -13.06
C ALA A 502 -28.43 -35.77 -12.39
N LYS A 503 -27.84 -36.57 -11.50
CA LYS A 503 -28.58 -37.65 -10.78
C LYS A 503 -28.56 -37.42 -9.27
N PHE A 504 -29.62 -37.84 -8.58
CA PHE A 504 -29.75 -37.79 -7.10
C PHE A 504 -29.92 -39.23 -6.61
N VAL A 505 -28.88 -39.81 -6.01
CA VAL A 505 -28.84 -41.23 -5.60
C VAL A 505 -28.87 -41.31 -4.08
N LEU A 506 -29.67 -42.22 -3.55
CA LEU A 506 -29.94 -42.27 -2.09
C LEU A 506 -29.82 -43.72 -1.64
N PHE A 507 -28.92 -44.03 -0.70
CA PHE A 507 -28.68 -45.45 -0.31
C PHE A 507 -29.54 -45.82 0.89
N THR A 508 -30.41 -46.82 0.76
CA THR A 508 -31.26 -47.30 1.89
C THR A 508 -31.27 -48.83 1.91
N ALA A 509 -31.40 -49.42 3.09
CA ALA A 509 -31.36 -50.90 3.23
C ALA A 509 -32.66 -51.48 2.66
N ASP A 510 -32.65 -52.78 2.34
CA ASP A 510 -33.85 -53.46 1.76
C ASP A 510 -35.04 -53.32 2.72
N LYS A 511 -34.80 -53.50 4.01
CA LYS A 511 -35.89 -53.47 5.03
C LYS A 511 -36.49 -52.07 5.14
N GLU A 512 -35.68 -51.03 5.09
CA GLU A 512 -36.18 -49.65 5.30
C GLU A 512 -36.60 -49.05 3.96
N ARG A 513 -36.50 -49.81 2.88
CA ARG A 513 -36.78 -49.24 1.54
C ARG A 513 -38.20 -48.70 1.51
N GLU A 514 -39.17 -49.47 1.98
CA GLU A 514 -40.60 -49.06 1.90
C GLU A 514 -40.79 -47.77 2.70
N LYS A 515 -40.28 -47.71 3.92
CA LYS A 515 -40.53 -46.56 4.81
C LYS A 515 -39.88 -45.31 4.17
N THR A 516 -38.69 -45.45 3.61
CA THR A 516 -38.02 -44.31 2.93
C THR A 516 -38.81 -43.90 1.69
N ILE A 517 -39.25 -44.86 0.87
CA ILE A 517 -40.09 -44.53 -0.32
C ILE A 517 -41.29 -43.71 0.15
N GLN A 518 -41.83 -44.03 1.33
CA GLN A 518 -42.95 -43.22 1.89
C GLN A 518 -42.46 -41.82 2.29
N GLN A 519 -41.37 -41.70 3.05
CA GLN A 519 -41.00 -40.33 3.54
C GLN A 519 -40.59 -39.48 2.34
N ILE A 520 -39.96 -40.04 1.33
CA ILE A 520 -39.51 -39.21 0.19
C ILE A 520 -40.75 -38.68 -0.52
N TYR A 521 -41.82 -39.46 -0.66
CA TYR A 521 -43.06 -38.90 -1.26
C TYR A 521 -43.59 -37.77 -0.36
N GLN A 522 -43.61 -37.96 0.96
CA GLN A 522 -44.05 -36.84 1.84
C GLN A 522 -43.14 -35.61 1.66
N TYR A 523 -41.84 -35.76 1.43
CA TYR A 523 -40.88 -34.62 1.34
C TYR A 523 -40.96 -33.99 -0.05
N ARG A 524 -41.43 -34.74 -1.04
CA ARG A 524 -41.61 -34.22 -2.40
C ARG A 524 -42.91 -33.40 -2.46
N LYS A 525 -43.98 -33.86 -1.81
CA LYS A 525 -45.27 -33.11 -1.77
C LYS A 525 -45.05 -31.81 -1.00
N ALA A 526 -44.36 -31.88 0.14
CA ALA A 526 -44.03 -30.67 0.92
C ALA A 526 -43.33 -29.64 0.02
N HIS A 527 -42.30 -30.05 -0.71
CA HIS A 527 -41.54 -29.12 -1.60
C HIS A 527 -42.52 -28.50 -2.58
N ASN A 528 -43.36 -29.28 -3.25
CA ASN A 528 -44.28 -28.72 -4.28
C ASN A 528 -45.28 -27.73 -3.66
N ASP A 529 -45.66 -27.89 -2.38
CA ASP A 529 -46.59 -26.95 -1.68
C ASP A 529 -45.87 -25.66 -1.26
N ILE A 530 -44.72 -25.80 -0.64
CA ILE A 530 -43.99 -24.60 -0.16
C ILE A 530 -43.77 -23.79 -1.42
N ALA A 531 -43.39 -24.47 -2.49
CA ALA A 531 -43.06 -23.78 -3.75
C ALA A 531 -44.25 -22.95 -4.21
N GLU A 532 -45.47 -23.46 -4.31
CA GLU A 532 -46.61 -22.59 -4.78
C GLU A 532 -46.85 -21.42 -3.83
N TYR A 533 -46.89 -21.65 -2.52
CA TYR A 533 -47.16 -20.51 -1.62
C TYR A 533 -46.08 -19.44 -1.85
N LEU A 534 -44.80 -19.82 -1.94
CA LEU A 534 -43.65 -18.87 -2.08
C LEU A 534 -43.65 -18.23 -3.46
N LYS A 535 -44.18 -18.92 -4.46
CA LYS A 535 -44.36 -18.38 -5.83
C LYS A 535 -45.21 -17.13 -5.72
N ASP A 536 -46.25 -17.15 -4.92
CA ASP A 536 -47.03 -15.88 -4.87
C ASP A 536 -46.23 -14.73 -4.25
N ARG A 537 -45.44 -14.95 -3.20
CA ARG A 537 -44.69 -13.98 -2.37
C ARG A 537 -43.22 -13.93 -2.80
N VAL A 538 -42.90 -13.26 -3.89
CA VAL A 538 -41.51 -13.19 -4.41
C VAL A 538 -41.22 -11.71 -4.62
N LEU A 539 -39.95 -11.30 -4.72
CA LEU A 539 -39.59 -9.86 -4.83
C LEU A 539 -39.71 -9.44 -6.30
N GLU A 540 -40.92 -9.44 -6.85
CA GLU A 540 -41.20 -8.99 -8.23
C GLU A 540 -42.59 -8.35 -8.28
N ASP A 556 -49.69 8.08 -25.12
CA ASP A 556 -48.27 8.08 -25.54
C ASP A 556 -47.75 9.51 -25.56
N ILE A 557 -46.66 9.76 -24.86
CA ILE A 557 -46.13 11.13 -24.67
C ILE A 557 -45.53 11.60 -26.00
N ASP A 558 -45.72 12.86 -26.32
CA ASP A 558 -45.14 13.47 -27.53
C ASP A 558 -43.66 13.77 -27.29
N PRO A 559 -42.85 13.79 -28.36
CA PRO A 559 -41.42 14.07 -28.21
C PRO A 559 -41.10 15.55 -27.88
N PHE A 560 -39.81 15.87 -27.81
CA PHE A 560 -39.30 17.23 -27.56
C PHE A 560 -38.10 17.43 -28.46
N THR A 561 -38.08 18.49 -29.26
CA THR A 561 -36.98 18.74 -30.23
C THR A 561 -36.23 20.01 -29.85
N ASN A 562 -34.90 19.97 -29.86
CA ASN A 562 -34.06 21.12 -29.47
C ASN A 562 -33.96 22.08 -30.65
N GLU A 563 -33.32 23.23 -30.44
CA GLU A 563 -33.17 24.28 -31.49
C GLU A 563 -32.48 23.67 -32.72
N ASN A 564 -31.49 22.81 -32.48
CA ASN A 564 -30.74 22.14 -33.57
C ASN A 564 -31.69 21.28 -34.40
N GLY A 565 -32.69 20.66 -33.75
CA GLY A 565 -33.63 19.77 -34.44
C GLY A 565 -33.42 18.30 -34.09
N ALA A 566 -32.46 17.97 -33.22
CA ALA A 566 -32.32 16.59 -32.71
C ALA A 566 -33.56 16.26 -31.88
N VAL A 567 -33.97 15.00 -31.81
CA VAL A 567 -35.24 14.64 -31.13
C VAL A 567 -34.97 13.69 -29.96
N LEU A 568 -35.34 14.09 -28.76
CA LEU A 568 -35.30 13.20 -27.57
C LEU A 568 -36.60 12.40 -27.55
N LEU A 569 -36.49 11.09 -27.38
CA LEU A 569 -37.72 10.27 -27.35
C LEU A 569 -37.97 9.74 -25.96
N PRO A 570 -39.25 9.67 -25.54
CA PRO A 570 -39.59 9.14 -24.21
C PRO A 570 -39.24 7.66 -24.00
N ASN A 571 -38.90 6.92 -25.06
CA ASN A 571 -38.47 5.51 -24.91
C ASN A 571 -37.02 5.46 -24.42
N ASN A 572 -36.16 6.27 -25.01
CA ASN A 572 -34.69 6.25 -24.74
C ASN A 572 -34.39 7.01 -23.44
N ALA A 573 -35.33 7.76 -22.89
CA ALA A 573 -35.05 8.68 -21.75
C ALA A 573 -34.35 7.90 -20.62
N LEU A 574 -34.72 6.65 -20.38
CA LEU A 574 -34.05 5.87 -19.31
C LEU A 574 -32.63 5.54 -19.75
N ALA A 575 -32.44 5.16 -21.00
CA ALA A 575 -31.09 4.78 -21.46
C ALA A 575 -30.15 5.98 -21.29
N ILE A 576 -30.62 7.18 -21.65
CA ILE A 576 -29.80 8.42 -21.60
C ILE A 576 -29.51 8.74 -20.13
N LEU A 577 -30.49 8.58 -19.24
CA LEU A 577 -30.23 8.79 -17.78
C LEU A 577 -29.18 7.81 -17.30
N HIS A 578 -29.26 6.55 -17.73
CA HIS A 578 -28.25 5.54 -17.30
C HIS A 578 -26.87 5.91 -17.85
N ARG A 579 -26.77 6.42 -19.07
CA ARG A 579 -25.44 6.83 -19.60
C ARG A 579 -24.93 8.02 -18.78
N TYR A 580 -25.80 8.95 -18.40
CA TYR A 580 -25.37 10.14 -17.62
C TYR A 580 -24.87 9.65 -16.27
N CYS A 581 -25.48 8.61 -15.74
CA CYS A 581 -25.08 8.07 -14.42
C CYS A 581 -23.74 7.34 -14.55
N GLN A 582 -23.48 6.72 -15.70
CA GLN A 582 -22.17 6.08 -15.94
C GLN A 582 -21.09 7.14 -16.09
N THR A 583 -21.39 8.33 -16.62
CA THR A 583 -20.40 9.44 -16.75
C THR A 583 -19.94 10.01 -15.40
N ILE A 584 -20.83 10.36 -14.46
CA ILE A 584 -20.49 11.05 -13.17
C ILE A 584 -19.46 10.19 -12.45
N PRO A 585 -18.52 10.78 -11.67
CA PRO A 585 -17.42 10.00 -11.11
C PRO A 585 -17.93 8.96 -10.12
N THR A 586 -17.58 7.70 -10.35
CA THR A 586 -18.05 6.56 -9.51
C THR A 586 -16.85 5.74 -9.03
N ASP A 587 -17.04 5.01 -7.93
CA ASP A 587 -15.99 4.13 -7.37
C ASP A 587 -15.91 2.85 -8.22
N ALA A 588 -14.84 2.07 -8.05
CA ALA A 588 -14.62 0.80 -8.78
C ALA A 588 -15.77 -0.18 -8.51
N PHE A 589 -16.44 -0.01 -7.37
CA PHE A 589 -17.48 -0.93 -6.87
C PHE A 589 -18.67 -0.98 -7.84
N GLY A 590 -19.01 0.13 -8.50
CA GLY A 590 -20.02 0.13 -9.57
C GLY A 590 -20.65 1.51 -9.76
N PHE A 591 -21.55 1.62 -10.73
CA PHE A 591 -22.27 2.88 -11.02
C PHE A 591 -23.47 2.98 -10.08
N VAL A 592 -23.93 4.20 -9.89
CA VAL A 592 -25.19 4.47 -9.16
C VAL A 592 -26.23 4.88 -10.19
N ILE A 593 -27.47 4.54 -9.92
CA ILE A 593 -28.58 4.77 -10.89
C ILE A 593 -29.69 5.48 -10.16
N PRO A 594 -30.57 6.17 -10.90
CA PRO A 594 -31.63 6.94 -10.27
C PRO A 594 -32.59 6.06 -9.45
N TRP A 595 -33.24 6.67 -8.47
CA TRP A 595 -34.17 5.96 -7.57
C TRP A 595 -35.59 6.40 -7.85
N PHE A 596 -36.42 5.48 -8.34
CA PHE A 596 -37.86 5.71 -8.63
C PHE A 596 -38.69 5.38 -7.40
N HIS A 597 -39.81 6.07 -7.24
CA HIS A 597 -40.71 5.88 -6.07
C HIS A 597 -42.14 6.26 -6.44
N VAL A 598 -43.07 5.30 -6.45
CA VAL A 598 -44.51 5.58 -6.70
C VAL A 598 -45.07 6.33 -5.49
N LEU A 599 -45.95 7.31 -5.71
CA LEU A 599 -46.45 8.14 -4.59
C LEU A 599 -47.73 7.49 -4.06
N GLN A 600 -47.89 7.45 -2.73
CA GLN A 600 -49.08 6.87 -2.07
C GLN A 600 -50.20 7.91 -2.12
N GLU A 601 -51.42 7.54 -1.74
CA GLU A 601 -52.60 8.43 -1.91
C GLU A 601 -52.37 9.75 -1.17
N ASP A 602 -51.85 9.71 0.05
CA ASP A 602 -51.69 10.96 0.85
C ASP A 602 -50.74 11.90 0.12
N GLU A 603 -49.60 11.40 -0.36
CA GLU A 603 -48.60 12.25 -1.08
C GLU A 603 -49.22 12.79 -2.36
N ARG A 604 -49.91 11.94 -3.12
CA ARG A 604 -50.47 12.39 -4.43
C ARG A 604 -51.43 13.54 -4.15
N ASP A 605 -52.24 13.42 -3.10
CA ASP A 605 -53.23 14.48 -2.75
C ASP A 605 -52.50 15.75 -2.34
N ARG A 606 -51.44 15.65 -1.54
CA ARG A 606 -50.75 16.87 -1.03
C ARG A 606 -50.08 17.60 -2.20
N ILE A 607 -49.35 16.86 -3.06
CA ILE A 607 -48.57 17.47 -4.18
C ILE A 607 -49.52 17.97 -5.26
N PHE A 608 -50.56 17.21 -5.61
CA PHE A 608 -51.48 17.59 -6.72
C PHE A 608 -52.93 17.44 -6.28
N GLY A 609 -53.84 18.23 -6.86
CA GLY A 609 -55.28 18.20 -6.57
C GLY A 609 -55.98 16.98 -7.14
N VAL A 610 -57.24 17.14 -7.52
CA VAL A 610 -58.06 16.02 -8.09
C VAL A 610 -57.38 15.52 -9.37
N SER A 611 -56.37 16.23 -9.87
CA SER A 611 -55.69 15.87 -11.12
C SER A 611 -55.05 14.48 -11.01
N ALA A 612 -54.44 14.15 -9.87
CA ALA A 612 -53.79 12.86 -9.64
C ALA A 612 -54.51 12.12 -8.51
N LYS A 613 -55.83 12.28 -8.42
CA LYS A 613 -56.64 11.59 -7.37
C LYS A 613 -56.79 10.12 -7.75
N GLY A 614 -57.15 9.86 -9.01
CA GLY A 614 -57.33 8.50 -9.55
C GLY A 614 -56.17 8.10 -10.44
N LYS A 615 -55.10 8.89 -10.47
CA LYS A 615 -54.00 8.67 -11.46
C LYS A 615 -52.72 8.37 -10.70
N HIS A 616 -51.72 7.77 -11.37
CA HIS A 616 -50.44 7.36 -10.72
C HIS A 616 -49.32 8.36 -11.06
N VAL A 617 -48.53 8.77 -10.07
CA VAL A 617 -47.34 9.66 -10.29
C VAL A 617 -46.12 9.00 -9.67
N ILE A 618 -44.99 8.96 -10.39
CA ILE A 618 -43.72 8.37 -9.88
C ILE A 618 -42.63 9.45 -9.89
N SER A 619 -41.89 9.59 -8.81
CA SER A 619 -40.81 10.61 -8.67
C SER A 619 -39.47 9.97 -9.01
N ILE A 620 -38.55 10.73 -9.61
CA ILE A 620 -37.18 10.23 -9.94
C ILE A 620 -36.17 11.06 -9.15
N ASN A 621 -35.46 10.42 -8.22
CA ASN A 621 -34.46 11.12 -7.37
C ASN A 621 -33.09 10.83 -7.96
N MET A 622 -32.49 11.81 -8.63
CA MET A 622 -31.17 11.66 -9.30
C MET A 622 -30.09 11.50 -8.24
N PRO A 623 -28.97 10.77 -8.51
CA PRO A 623 -27.85 10.69 -7.57
C PRO A 623 -27.21 12.06 -7.27
N VAL A 624 -26.66 12.23 -6.08
CA VAL A 624 -26.07 13.53 -5.62
C VAL A 624 -24.85 13.93 -6.47
N ASN A 625 -24.13 12.99 -7.07
CA ASN A 625 -23.02 13.25 -8.02
C ASN A 625 -23.55 13.97 -9.26
N CYS A 626 -24.79 13.68 -9.67
CA CYS A 626 -25.44 14.38 -10.80
C CYS A 626 -25.75 15.80 -10.36
N MET A 627 -25.74 16.76 -11.30
CA MET A 627 -26.05 18.17 -11.00
C MET A 627 -27.48 18.29 -10.45
N LEU A 628 -28.44 17.57 -11.05
CA LEU A 628 -29.86 17.67 -10.64
C LEU A 628 -30.01 17.07 -9.26
N ARG A 629 -30.54 17.84 -8.31
CA ARG A 629 -30.68 17.36 -6.91
C ARG A 629 -32.17 17.34 -6.54
N ASP A 630 -32.95 18.26 -7.07
CA ASP A 630 -34.41 18.32 -6.79
C ASP A 630 -35.09 17.09 -7.37
N THR A 631 -36.05 16.50 -6.65
CA THR A 631 -36.86 15.37 -7.14
C THR A 631 -37.71 15.86 -8.31
N ILE A 632 -37.81 15.08 -9.38
CA ILE A 632 -38.66 15.45 -10.53
C ILE A 632 -39.94 14.62 -10.43
N TYR A 633 -41.10 15.26 -10.27
CA TYR A 633 -42.40 14.55 -10.22
C TYR A 633 -42.92 14.41 -11.65
N SER A 634 -43.34 13.20 -12.03
CA SER A 634 -43.77 12.85 -13.41
C SER A 634 -45.13 13.50 -13.70
N ASP A 635 -45.58 13.39 -14.95
CA ASP A 635 -46.94 13.85 -15.36
C ASP A 635 -47.96 13.00 -14.63
N PRO A 636 -49.11 13.54 -14.13
CA PRO A 636 -50.16 12.68 -13.60
C PRO A 636 -50.62 11.78 -14.76
N MET A 637 -50.45 10.48 -14.67
CA MET A 637 -50.74 9.59 -15.83
C MET A 637 -51.64 8.43 -15.42
N ASP A 638 -52.06 7.63 -16.40
CA ASP A 638 -53.03 6.52 -16.17
C ASP A 638 -52.32 5.25 -15.71
N ASN A 639 -51.12 4.97 -16.22
CA ASN A 639 -50.45 3.68 -15.93
C ASN A 639 -49.12 3.88 -15.19
N VAL A 640 -48.60 2.83 -14.57
CA VAL A 640 -47.27 2.86 -13.90
C VAL A 640 -46.19 3.08 -14.96
N LYS A 641 -46.36 2.50 -16.15
CA LYS A 641 -45.40 2.72 -17.27
C LYS A 641 -45.31 4.19 -17.71
N THR A 642 -46.44 4.85 -17.94
CA THR A 642 -46.46 6.27 -18.34
C THR A 642 -46.00 7.09 -17.14
N ALA A 643 -45.92 6.51 -15.96
CA ALA A 643 -45.32 7.26 -14.84
C ALA A 643 -43.81 7.18 -15.07
N LYS A 644 -43.24 5.99 -15.20
CA LYS A 644 -41.75 5.91 -15.32
C LYS A 644 -41.32 6.60 -16.63
N ILE A 645 -42.01 6.36 -17.73
CA ILE A 645 -41.53 6.97 -19.00
C ILE A 645 -41.54 8.49 -18.84
N SER A 646 -42.60 9.05 -18.29
CA SER A 646 -42.73 10.52 -18.16
C SER A 646 -41.67 11.06 -17.23
N ALA A 647 -41.42 10.37 -16.12
CA ALA A 647 -40.42 10.81 -15.13
C ALA A 647 -39.09 10.92 -15.85
N ALA A 648 -38.75 9.90 -16.61
CA ALA A 648 -37.48 9.89 -17.33
C ALA A 648 -37.45 11.05 -18.34
N PHE A 649 -38.50 11.27 -19.11
CA PHE A 649 -38.49 12.36 -20.12
C PHE A 649 -38.23 13.68 -19.39
N LYS A 650 -38.92 13.91 -18.28
CA LYS A 650 -38.83 15.20 -17.53
C LYS A 650 -37.41 15.36 -16.99
N ALA A 651 -36.79 14.28 -16.51
CA ALA A 651 -35.39 14.34 -16.03
C ALA A 651 -34.48 14.68 -17.21
N CYS A 652 -34.60 14.03 -18.36
CA CYS A 652 -33.68 14.28 -19.50
C CYS A 652 -33.83 15.72 -19.94
N LYS A 653 -35.05 16.23 -19.98
CA LYS A 653 -35.31 17.64 -20.38
C LYS A 653 -34.55 18.58 -19.43
N VAL A 654 -34.68 18.36 -18.13
CA VAL A 654 -33.99 19.23 -17.14
C VAL A 654 -32.48 19.06 -17.28
N LEU A 655 -31.96 17.85 -17.47
CA LEU A 655 -30.49 17.68 -17.66
C LEU A 655 -30.06 18.45 -18.91
N TYR A 656 -30.74 18.32 -20.06
CA TYR A 656 -30.38 19.07 -21.28
C TYR A 656 -30.30 20.57 -20.97
N SER A 657 -31.29 21.10 -20.26
CA SER A 657 -31.38 22.55 -19.94
C SER A 657 -30.21 22.95 -19.04
N LEU A 658 -29.66 22.03 -18.28
CA LEU A 658 -28.57 22.35 -17.33
C LEU A 658 -27.24 22.15 -18.04
N GLY A 659 -27.26 21.92 -19.36
CA GLY A 659 -26.06 21.70 -20.17
C GLY A 659 -25.26 20.48 -19.74
N GLU A 660 -25.91 19.34 -19.54
CA GLU A 660 -25.21 18.08 -19.19
C GLU A 660 -25.36 17.07 -20.32
N LEU A 661 -25.99 17.45 -21.41
CA LEU A 661 -26.18 16.57 -22.59
C LEU A 661 -25.88 17.39 -23.84
N ASN A 662 -25.24 16.79 -24.84
CA ASN A 662 -24.88 17.46 -26.12
C ASN A 662 -26.17 17.84 -26.83
N GLU A 663 -26.09 18.64 -27.89
CA GLU A 663 -27.27 18.99 -28.70
C GLU A 663 -27.85 17.71 -29.32
N ARG A 664 -27.08 16.63 -29.38
CA ARG A 664 -27.55 15.34 -29.93
C ARG A 664 -28.12 14.45 -28.84
N PHE A 665 -28.23 14.95 -27.61
CA PHE A 665 -28.85 14.25 -26.45
C PHE A 665 -28.01 13.02 -26.09
N VAL A 666 -26.73 13.24 -25.77
CA VAL A 666 -25.85 12.16 -25.27
C VAL A 666 -24.87 12.81 -24.32
N PRO A 667 -24.68 12.25 -23.10
CA PRO A 667 -23.93 12.95 -22.07
C PRO A 667 -22.55 13.43 -22.53
N LYS A 668 -22.16 14.62 -22.09
CA LYS A 668 -20.92 15.28 -22.57
C LYS A 668 -19.71 14.51 -22.03
N THR A 669 -18.74 14.24 -22.91
CA THR A 669 -17.48 13.56 -22.55
C THR A 669 -16.61 14.58 -21.80
N LEU A 670 -15.57 14.12 -21.13
CA LEU A 670 -14.61 15.05 -20.45
C LEU A 670 -14.02 16.00 -21.49
N LYS A 671 -13.71 15.48 -22.68
CA LYS A 671 -13.06 16.30 -23.74
C LYS A 671 -13.97 17.49 -24.10
N GLU A 672 -15.27 17.26 -24.25
CA GLU A 672 -16.19 18.34 -24.71
C GLU A 672 -16.29 19.40 -23.61
N ARG A 673 -16.34 18.98 -22.35
CA ARG A 673 -16.42 19.92 -21.20
C ARG A 673 -15.14 20.78 -21.17
N VAL A 674 -13.98 20.16 -21.39
CA VAL A 674 -12.67 20.87 -21.41
C VAL A 674 -12.64 21.85 -22.59
N ALA A 675 -13.19 21.47 -23.73
CA ALA A 675 -13.15 22.31 -24.95
C ALA A 675 -13.86 23.64 -24.69
N SER A 676 -14.97 23.63 -23.96
CA SER A 676 -15.75 24.86 -23.68
C SER A 676 -14.90 25.86 -22.90
N ILE A 677 -14.13 25.39 -21.92
CA ILE A 677 -13.33 26.27 -21.03
C ILE A 677 -11.92 26.45 -21.59
N ALA A 678 -11.59 25.82 -22.71
CA ALA A 678 -10.22 25.87 -23.26
C ALA A 678 -9.84 27.30 -23.62
N ASP A 679 -10.70 28.00 -24.35
CA ASP A 679 -10.43 29.41 -24.73
C ASP A 679 -10.43 30.28 -23.49
N VAL A 680 -11.33 29.98 -22.56
CA VAL A 680 -11.47 30.81 -21.33
C VAL A 680 -10.18 30.72 -20.52
N HIS A 681 -9.58 29.55 -20.37
CA HIS A 681 -8.42 29.47 -19.46
C HIS A 681 -7.08 29.14 -20.13
N PHE A 682 -7.05 28.59 -21.35
CA PHE A 682 -5.81 28.01 -21.92
C PHE A 682 -5.42 28.75 -23.19
N GLU A 683 -5.95 29.95 -23.36
CA GLU A 683 -5.75 30.77 -24.59
C GLU A 683 -4.28 30.88 -25.02
N HIS A 684 -3.35 31.02 -24.08
CA HIS A 684 -1.94 31.30 -24.42
C HIS A 684 -1.33 30.13 -25.20
N TRP A 685 -1.89 28.95 -25.04
CA TRP A 685 -1.34 27.74 -25.71
C TRP A 685 -1.32 27.98 -27.21
N ASN A 686 -2.23 28.81 -27.72
CA ASN A 686 -2.42 28.96 -29.18
C ASN A 686 -1.16 29.49 -29.90
N LYS A 687 -0.54 30.57 -29.40
CA LYS A 687 0.62 31.21 -30.09
C LYS A 687 1.76 30.19 -30.24
N TYR A 688 1.99 29.36 -29.23
CA TYR A 688 3.11 28.39 -29.25
C TYR A 688 2.74 27.24 -30.19
N GLY A 689 1.48 27.16 -30.63
CA GLY A 689 1.07 26.21 -31.68
C GLY A 689 0.60 24.87 -31.15
N ASP A 690 0.53 24.67 -29.84
CA ASP A 690 -0.04 23.42 -29.28
C ASP A 690 -1.31 23.80 -28.54
N SER A 691 -2.42 23.15 -28.87
CA SER A 691 -3.73 23.42 -28.21
C SER A 691 -3.97 22.37 -27.12
N VAL A 692 -4.70 22.74 -26.07
CA VAL A 692 -5.01 21.84 -24.92
C VAL A 692 -5.78 20.60 -25.40
N THR A 693 -6.75 20.78 -26.28
CA THR A 693 -7.60 19.68 -26.78
C THR A 693 -6.81 18.96 -27.87
N ALA A 694 -5.75 18.24 -27.48
CA ALA A 694 -4.82 17.51 -28.37
C ALA A 694 -4.76 18.15 -29.76
N LYS A 703 10.81 16.32 -23.95
CA LYS A 703 11.56 17.02 -25.04
C LYS A 703 12.39 18.16 -24.45
N ASP A 704 12.71 19.16 -25.25
CA ASP A 704 13.47 20.34 -24.79
C ASP A 704 13.29 21.48 -25.78
N ARG A 705 13.73 22.66 -25.41
CA ARG A 705 13.63 23.83 -26.31
C ARG A 705 14.88 24.68 -26.19
N THR A 706 15.18 25.40 -27.26
CA THR A 706 16.37 26.27 -27.33
C THR A 706 15.95 27.72 -27.12
N TYR A 707 16.46 28.33 -26.06
CA TYR A 707 16.18 29.73 -25.71
C TYR A 707 17.44 30.56 -25.86
N LYS A 708 17.27 31.84 -26.18
CA LYS A 708 18.40 32.78 -26.15
C LYS A 708 18.78 33.05 -24.70
N THR A 709 19.87 33.76 -24.50
CA THR A 709 20.31 34.17 -23.16
C THR A 709 20.58 35.66 -23.15
N GLU A 710 20.28 36.29 -22.03
CA GLU A 710 20.47 37.73 -21.88
C GLU A 710 21.29 37.98 -20.63
N CYS A 711 22.38 38.71 -20.79
CA CYS A 711 23.13 39.26 -19.66
C CYS A 711 22.19 40.15 -18.87
N PRO A 712 22.44 40.34 -17.56
CA PRO A 712 21.64 41.30 -16.80
C PRO A 712 21.68 42.70 -17.40
N LEU A 713 20.74 43.54 -16.99
CA LEU A 713 20.63 44.90 -17.53
C LEU A 713 21.91 45.70 -17.24
N GLU A 714 22.53 45.49 -16.08
CA GLU A 714 23.70 46.28 -15.67
C GLU A 714 24.90 45.92 -16.55
N PHE A 715 24.93 44.71 -17.10
CA PHE A 715 26.09 44.23 -17.89
C PHE A 715 25.88 44.55 -19.36
N TYR A 716 24.66 44.88 -19.78
CA TYR A 716 24.44 45.29 -21.19
C TYR A 716 24.89 46.74 -21.37
N ASP A 717 25.62 47.04 -22.45
CA ASP A 717 26.14 48.40 -22.73
C ASP A 717 26.85 48.91 -21.49
N ALA A 718 27.83 48.16 -21.00
CA ALA A 718 28.59 48.54 -19.80
C ALA A 718 30.02 48.90 -20.19
N LEU A 719 30.35 48.92 -21.48
CA LEU A 719 31.77 49.18 -21.84
C LEU A 719 32.10 50.61 -21.39
N PRO A 720 33.07 50.86 -20.48
CA PRO A 720 33.38 52.22 -20.07
C PRO A 720 33.84 53.06 -21.28
N ARG A 721 33.40 54.30 -21.37
CA ARG A 721 33.73 55.17 -22.52
C ARG A 721 34.93 56.05 -22.12
N VAL A 722 35.20 57.11 -22.87
CA VAL A 722 36.43 57.93 -22.67
C VAL A 722 36.07 59.38 -22.40
N GLY A 723 34.82 59.67 -22.07
CA GLY A 723 34.40 61.05 -21.74
C GLY A 723 33.37 61.06 -20.63
N GLU A 724 33.17 59.94 -19.96
CA GLU A 724 32.03 59.78 -19.01
C GLU A 724 32.56 59.19 -17.71
N ILE A 725 31.70 59.08 -16.70
CA ILE A 725 32.07 58.48 -15.40
C ILE A 725 32.17 56.96 -15.57
N CYS A 726 32.92 56.29 -14.72
CA CYS A 726 33.05 54.81 -14.76
C CYS A 726 33.08 54.29 -13.33
N TYR A 727 32.29 53.27 -13.02
CA TYR A 727 32.16 52.77 -11.63
C TYR A 727 32.97 51.49 -11.49
N ALA A 728 33.90 51.45 -10.55
CA ALA A 728 34.70 50.23 -10.31
C ALA A 728 34.29 49.64 -8.95
N TYR A 729 33.54 48.55 -8.98
CA TYR A 729 33.10 47.86 -7.75
C TYR A 729 34.16 46.82 -7.37
N GLU A 730 35.04 47.16 -6.44
CA GLU A 730 36.17 46.29 -6.04
C GLU A 730 35.64 44.99 -5.45
N ILE A 731 36.26 43.88 -5.77
CA ILE A 731 35.85 42.55 -5.26
C ILE A 731 36.80 42.15 -4.13
N PHE A 732 36.27 41.91 -2.95
CA PHE A 732 37.08 41.58 -1.76
C PHE A 732 36.92 40.10 -1.41
N LEU A 733 37.93 39.28 -1.70
CA LEU A 733 37.92 37.84 -1.33
C LEU A 733 38.47 37.72 0.08
N GLU A 734 37.71 37.13 0.99
CA GLU A 734 38.14 36.94 2.41
C GLU A 734 38.21 35.46 2.73
N PRO A 735 39.42 34.87 2.93
CA PRO A 735 39.49 33.48 3.35
C PRO A 735 38.68 33.26 4.63
N GLN A 736 38.03 32.10 4.74
CA GLN A 736 37.33 31.70 5.98
C GLN A 736 37.88 30.33 6.36
N PHE A 737 39.18 30.23 6.56
CA PHE A 737 39.83 28.97 7.00
C PHE A 737 40.89 29.32 8.03
N GLU A 738 41.69 28.34 8.43
CA GLU A 738 42.76 28.53 9.45
C GLU A 738 44.13 28.46 8.76
N SER A 739 45.02 29.37 9.10
CA SER A 739 46.40 29.35 8.57
C SER A 739 47.08 28.06 9.06
N CYS A 740 47.77 27.35 8.17
CA CYS A 740 48.54 26.13 8.50
C CYS A 740 49.81 26.15 7.68
N GLU A 741 50.52 25.05 7.62
CA GLU A 741 51.58 24.96 6.61
C GLU A 741 50.90 24.97 5.24
N TYR A 742 49.80 24.25 5.12
CA TYR A 742 49.09 24.07 3.83
C TYR A 742 48.49 25.39 3.33
N THR A 743 47.83 26.14 4.19
CA THR A 743 47.01 27.29 3.73
C THR A 743 47.69 28.63 4.00
N GLU A 744 48.91 28.67 4.49
CA GLU A 744 49.52 29.99 4.78
C GLU A 744 49.67 30.75 3.47
N HIS A 745 50.01 30.02 2.42
CA HIS A 745 50.08 30.61 1.08
C HIS A 745 48.67 31.04 0.72
N MET A 746 47.64 30.48 1.36
CA MET A 746 46.34 30.95 0.84
C MET A 746 45.85 32.22 1.55
N TYR A 747 45.85 32.24 2.88
CA TYR A 747 45.29 33.33 3.72
C TYR A 747 45.90 34.68 3.36
N LEU A 748 47.20 34.82 3.63
CA LEU A 748 47.87 36.13 3.48
C LEU A 748 47.57 36.69 2.08
N ASN A 749 47.78 35.91 1.03
CA ASN A 749 47.68 36.44 -0.35
C ASN A 749 46.27 36.93 -0.67
N LEU A 750 45.22 36.18 -0.31
CA LEU A 750 43.82 36.56 -0.66
C LEU A 750 43.41 37.84 0.06
N GLN A 751 43.94 38.10 1.26
CA GLN A 751 43.54 39.27 2.08
C GLN A 751 44.40 40.49 1.72
N THR A 752 45.36 40.36 0.81
CA THR A 752 46.26 41.49 0.46
C THR A 752 45.40 42.62 -0.10
N PRO A 753 45.70 43.91 0.17
CA PRO A 753 44.95 45.01 -0.44
C PRO A 753 45.38 45.33 -1.87
N ARG A 754 45.40 44.36 -2.77
CA ARG A 754 45.62 44.59 -4.21
C ARG A 754 44.50 43.87 -4.91
N ASN A 755 43.27 44.31 -4.74
CA ASN A 755 42.10 43.58 -5.26
C ASN A 755 41.83 44.03 -6.69
N TYR A 756 41.18 43.19 -7.49
CA TYR A 756 40.73 43.60 -8.84
C TYR A 756 39.35 44.22 -8.68
N ALA A 757 38.85 44.88 -9.72
CA ALA A 757 37.54 45.55 -9.68
C ALA A 757 36.83 45.34 -11.00
N ILE A 758 35.50 45.33 -10.97
CA ILE A 758 34.67 45.25 -12.22
C ILE A 758 34.38 46.67 -12.67
N LEU A 759 34.84 47.06 -13.85
CA LEU A 759 34.66 48.46 -14.32
C LEU A 759 33.54 48.48 -15.36
N LEU A 760 32.47 49.22 -15.10
CA LEU A 760 31.32 49.27 -16.03
C LEU A 760 30.66 50.65 -15.95
N ARG A 761 30.08 51.10 -17.06
CA ARG A 761 29.38 52.41 -17.15
C ARG A 761 28.14 52.41 -16.24
N ASN A 762 27.39 51.31 -16.22
CA ASN A 762 26.14 51.19 -15.43
C ASN A 762 26.46 50.94 -13.95
N LYS A 763 25.62 51.39 -13.03
CA LYS A 763 25.80 51.12 -11.58
C LYS A 763 25.25 49.73 -11.26
N LEU A 764 25.63 49.15 -10.11
CA LEU A 764 25.19 47.79 -9.69
C LEU A 764 24.38 47.89 -8.39
N PRO A 765 23.35 47.03 -8.15
CA PRO A 765 22.66 47.01 -6.85
C PRO A 765 23.54 46.47 -5.72
N ARG A 766 22.99 46.36 -4.53
CA ARG A 766 23.72 45.70 -3.41
C ARG A 766 23.66 44.19 -3.68
N LEU A 767 24.79 43.55 -3.91
CA LEU A 767 24.87 42.10 -4.20
C LEU A 767 25.19 41.34 -2.92
N ALA A 768 24.74 40.10 -2.86
CA ALA A 768 24.89 39.24 -1.68
C ALA A 768 26.34 38.76 -1.58
N GLU A 769 26.63 37.96 -0.57
CA GLU A 769 28.02 37.58 -0.23
C GLU A 769 28.22 36.10 -0.57
N MET A 770 28.97 35.82 -1.59
CA MET A 770 28.82 34.45 -2.07
C MET A 770 29.90 33.57 -1.46
N PRO A 771 29.60 32.29 -1.16
CA PRO A 771 30.61 31.36 -0.70
C PRO A 771 31.33 30.69 -1.88
N LEU A 772 32.62 30.90 -2.02
CA LEU A 772 33.39 30.16 -3.04
C LEU A 772 34.16 29.09 -2.28
N PHE A 773 34.74 28.11 -2.96
CA PHE A 773 35.54 27.07 -2.29
C PHE A 773 36.91 27.01 -2.93
N SER A 774 37.82 26.25 -2.35
CA SER A 774 39.18 26.02 -2.89
C SER A 774 39.68 24.73 -2.27
N ASN A 775 40.81 24.21 -2.75
CA ASN A 775 41.42 23.02 -2.13
C ASN A 775 41.70 23.34 -0.65
N GLN A 776 42.32 24.47 -0.38
CA GLN A 776 42.65 24.87 1.02
C GLN A 776 41.36 24.96 1.83
N GLY A 777 40.49 25.94 1.54
CA GLY A 777 39.27 26.13 2.35
C GLY A 777 38.25 27.03 1.70
N LYS A 778 37.07 27.16 2.30
CA LYS A 778 36.00 28.07 1.81
C LYS A 778 36.47 29.50 2.02
N LEU A 779 35.98 30.43 1.21
CA LEU A 779 36.27 31.87 1.38
C LEU A 779 35.04 32.64 0.97
N HIS A 780 34.81 33.80 1.56
CA HIS A 780 33.60 34.61 1.26
C HIS A 780 33.94 35.77 0.33
N VAL A 781 33.15 35.98 -0.72
CA VAL A 781 33.41 37.06 -1.72
C VAL A 781 32.40 38.19 -1.51
N ARG A 782 32.86 39.43 -1.47
CA ARG A 782 31.97 40.58 -1.18
C ARG A 782 32.20 41.71 -2.16
N VAL A 783 31.40 41.84 -3.20
CA VAL A 783 31.51 43.02 -4.10
C VAL A 783 31.12 44.24 -3.27
N ALA A 784 31.92 45.29 -3.28
CA ALA A 784 31.69 46.50 -2.43
C ALA A 784 30.46 47.27 -2.94
N ASN A 785 29.61 47.74 -2.04
CA ASN A 785 28.35 48.45 -2.40
C ASN A 785 28.66 49.80 -3.04
N ALA A 786 29.69 50.49 -2.57
CA ALA A 786 30.03 51.85 -3.05
C ALA A 786 30.93 51.74 -4.25
N PRO A 787 30.68 52.51 -5.34
CA PRO A 787 31.56 52.52 -6.49
C PRO A 787 32.60 53.64 -6.48
N LEU A 788 33.89 53.32 -6.57
CA LEU A 788 34.86 54.42 -6.76
C LEU A 788 34.60 54.99 -8.15
N GLU A 789 34.40 56.29 -8.25
CA GLU A 789 34.00 56.87 -9.55
C GLU A 789 35.23 57.49 -10.20
N VAL A 790 35.56 57.05 -11.40
CA VAL A 790 36.79 57.51 -12.11
C VAL A 790 36.40 57.83 -13.54
N ILE A 791 37.04 58.81 -14.15
CA ILE A 791 36.79 59.17 -15.58
C ILE A 791 38.06 58.87 -16.37
N ILE A 792 37.94 58.11 -17.44
CA ILE A 792 39.09 57.86 -18.36
C ILE A 792 39.33 59.17 -19.10
N GLN A 793 40.57 59.63 -19.19
CA GLN A 793 40.88 60.96 -19.76
C GLN A 793 41.52 60.79 -21.15
N ASN A 794 41.57 59.57 -21.66
CA ASN A 794 42.33 59.28 -22.90
C ASN A 794 41.65 58.14 -23.63
N SER A 795 42.04 57.86 -24.86
CA SER A 795 41.61 56.64 -25.58
C SER A 795 42.69 55.58 -25.49
N GLU A 796 43.89 55.93 -25.03
CA GLU A 796 44.92 54.89 -24.93
C GLU A 796 44.81 54.20 -23.56
N GLN A 797 44.31 54.90 -22.56
CA GLN A 797 44.05 54.27 -21.24
C GLN A 797 42.97 53.20 -21.41
N LEU A 798 41.95 53.48 -22.22
CA LEU A 798 40.90 52.49 -22.52
C LEU A 798 41.54 51.25 -23.16
N GLU A 799 42.48 51.44 -24.08
CA GLU A 799 43.14 50.30 -24.75
C GLU A 799 44.01 49.56 -23.74
N LEU A 800 44.62 50.28 -22.78
CA LEU A 800 45.39 49.59 -21.71
C LEU A 800 44.46 48.67 -20.94
N LEU A 801 43.31 49.20 -20.50
CA LEU A 801 42.30 48.39 -19.76
C LEU A 801 41.94 47.16 -20.60
N HIS A 802 41.65 47.38 -21.88
CA HIS A 802 41.13 46.29 -22.74
C HIS A 802 42.22 45.22 -22.92
N GLN A 803 43.47 45.64 -23.09
CA GLN A 803 44.58 44.69 -23.35
C GLN A 803 44.86 43.89 -22.08
N PHE A 804 44.77 44.53 -20.92
CA PHE A 804 44.98 43.82 -19.63
C PHE A 804 43.86 42.80 -19.46
N HIS A 805 42.62 43.17 -19.81
CA HIS A 805 41.48 42.22 -19.75
C HIS A 805 41.82 41.01 -20.63
N GLY A 806 42.21 41.28 -21.88
CA GLY A 806 42.53 40.22 -22.84
C GLY A 806 43.62 39.31 -22.30
N MET A 807 44.63 39.89 -21.64
CA MET A 807 45.81 39.11 -21.19
C MET A 807 45.46 38.27 -19.95
N VAL A 808 44.46 38.65 -19.17
CA VAL A 808 44.10 37.77 -18.02
C VAL A 808 43.52 36.49 -18.60
N PHE A 809 42.54 36.61 -19.49
CA PHE A 809 41.82 35.42 -20.03
C PHE A 809 42.68 34.71 -21.08
N ARG A 810 43.52 35.45 -21.81
CA ARG A 810 44.46 34.83 -22.77
C ARG A 810 45.57 34.08 -22.04
N ASP A 811 46.13 34.65 -20.97
CA ASP A 811 47.37 34.06 -20.38
C ASP A 811 47.22 33.61 -18.93
N ILE A 812 46.85 34.49 -18.00
CA ILE A 812 46.94 34.12 -16.57
C ILE A 812 46.09 32.88 -16.31
N LEU A 813 44.85 32.87 -16.78
CA LEU A 813 44.00 31.67 -16.70
C LEU A 813 43.63 31.40 -18.14
N LYS A 814 44.02 30.29 -18.71
CA LYS A 814 43.80 30.13 -20.16
C LYS A 814 42.30 29.89 -20.39
N ILE A 815 41.62 30.83 -21.05
CA ILE A 815 40.20 30.64 -21.45
C ILE A 815 40.14 31.03 -22.92
N TRP A 816 41.28 31.09 -23.59
CA TRP A 816 41.32 31.60 -24.98
C TRP A 816 41.19 30.45 -25.98
N HIS A 817 40.37 30.64 -27.00
CA HIS A 817 40.20 29.69 -28.13
C HIS A 817 40.66 30.46 -29.35
N PRO A 818 41.12 29.84 -30.46
CA PRO A 818 41.59 30.60 -31.61
C PRO A 818 40.58 31.63 -32.12
N PHE A 819 39.30 31.28 -32.20
CA PHE A 819 38.26 32.17 -32.77
C PHE A 819 38.13 33.46 -31.93
N PHE A 820 38.26 33.42 -30.61
CA PHE A 820 37.98 34.59 -29.72
C PHE A 820 38.69 35.88 -30.18
N VAL A 821 37.97 37.01 -30.20
CA VAL A 821 38.53 38.35 -30.52
C VAL A 821 37.95 39.35 -29.53
N LEU A 822 38.66 40.45 -29.26
CA LEU A 822 38.21 41.46 -28.28
C LEU A 822 36.95 42.18 -28.81
N ASP A 823 35.90 42.30 -27.99
CA ASP A 823 34.59 42.85 -28.42
C ASP A 823 34.55 44.33 -28.05
N ARG A 824 34.96 45.21 -28.96
CA ARG A 824 35.08 46.66 -28.64
C ARG A 824 33.71 47.34 -28.74
N ARG A 825 32.72 46.65 -29.30
CA ARG A 825 31.31 47.16 -29.33
C ARG A 825 30.70 46.80 -27.99
N SER A 826 29.87 47.67 -27.40
CA SER A 826 29.35 47.41 -26.04
C SER A 826 28.52 46.12 -26.04
N LYS A 827 27.47 46.03 -26.84
CA LYS A 827 26.69 44.76 -26.91
C LYS A 827 26.44 44.21 -25.51
N GLU A 828 26.80 42.96 -25.24
CA GLU A 828 26.49 42.27 -23.96
C GLU A 828 27.79 41.95 -23.22
N ASN A 829 27.71 41.60 -21.93
CA ASN A 829 28.88 41.23 -21.10
C ASN A 829 30.06 42.09 -21.55
N SER A 830 29.93 43.41 -21.46
CA SER A 830 30.95 44.33 -22.00
C SER A 830 31.73 45.00 -20.88
N TYR A 831 31.53 44.57 -19.64
CA TYR A 831 32.23 45.13 -18.46
C TYR A 831 33.71 44.74 -18.50
N LEU A 832 34.57 45.46 -17.78
CA LEU A 832 36.02 45.16 -17.76
C LEU A 832 36.43 44.73 -16.35
N VAL A 833 37.64 44.21 -16.24
CA VAL A 833 38.27 43.91 -14.92
C VAL A 833 39.58 44.68 -14.88
N VAL A 834 39.83 45.42 -13.81
CA VAL A 834 40.98 46.36 -13.78
C VAL A 834 41.74 46.16 -12.47
N PRO A 835 43.10 46.20 -12.45
CA PRO A 835 43.83 46.07 -11.20
C PRO A 835 43.67 47.34 -10.36
N LEU A 836 43.67 47.17 -9.04
CA LEU A 836 43.51 48.30 -8.09
C LEU A 836 44.66 48.25 -7.08
N ILE A 837 45.25 49.40 -6.76
CA ILE A 837 46.42 49.51 -5.83
C ILE A 837 46.11 50.59 -4.82
N LEU A 838 46.83 50.62 -3.70
CA LEU A 838 46.71 51.71 -2.69
C LEU A 838 47.48 52.94 -3.21
N GLN A 843 43.12 56.36 -0.29
CA GLN A 843 42.13 55.55 -1.06
C GLN A 843 42.83 54.65 -2.09
N LYS A 844 42.11 54.20 -3.12
CA LYS A 844 42.62 53.25 -4.15
C LYS A 844 42.53 53.89 -5.52
N CYS A 845 43.21 53.31 -6.50
CA CYS A 845 43.24 53.83 -7.89
C CYS A 845 43.54 52.70 -8.85
N PHE A 846 43.23 52.89 -10.13
CA PHE A 846 43.59 51.91 -11.20
C PHE A 846 45.11 51.81 -11.26
N ASP A 847 45.66 50.60 -11.38
CA ASP A 847 47.12 50.42 -11.49
C ASP A 847 47.50 50.57 -12.95
N TRP A 848 48.12 51.68 -13.34
CA TRP A 848 48.37 51.97 -14.77
C TRP A 848 49.71 51.39 -15.21
N GLU A 849 50.68 51.25 -14.31
CA GLU A 849 51.96 50.63 -14.66
C GLU A 849 51.80 49.12 -14.84
N LEU A 850 51.13 48.44 -13.90
CA LEU A 850 50.89 46.98 -14.08
C LEU A 850 50.22 46.78 -15.43
N MET A 851 49.30 47.69 -15.77
CA MET A 851 48.53 47.54 -17.03
C MET A 851 49.49 47.64 -18.22
N THR A 852 50.37 48.64 -18.24
CA THR A 852 51.28 48.84 -19.40
C THR A 852 52.17 47.62 -19.52
N ASN A 853 52.92 47.36 -18.47
CA ASN A 853 53.96 46.34 -18.62
C ASN A 853 53.32 45.04 -19.09
N PHE A 854 52.24 44.59 -18.45
CA PHE A 854 51.70 43.24 -18.76
C PHE A 854 50.56 43.31 -19.78
N ARG A 855 50.79 43.93 -20.94
CA ARG A 855 49.80 43.84 -22.05
C ARG A 855 49.75 42.38 -22.50
N ARG A 856 50.88 41.69 -22.47
CA ARG A 856 50.96 40.25 -22.79
C ARG A 856 52.00 39.59 -21.89
N LEU A 857 51.63 38.51 -21.21
CA LEU A 857 52.58 37.79 -20.33
C LEU A 857 53.72 37.27 -21.20
N PRO A 858 55.01 37.47 -20.82
CA PRO A 858 56.12 37.05 -21.68
C PRO A 858 56.30 35.52 -21.72
N GLN A 859 56.91 35.02 -22.79
CA GLN A 859 57.12 33.56 -22.98
C GLN A 859 58.29 33.10 -22.12
N SER A 860 58.27 31.85 -21.64
CA SER A 860 59.39 31.26 -20.86
C SER A 860 60.51 30.88 -21.82
N HIS A 861 61.26 31.86 -22.31
CA HIS A 861 62.32 31.66 -23.33
C HIS A 861 63.42 30.74 -22.79
N GLY A 862 63.85 30.92 -21.54
CA GLY A 862 65.01 30.19 -21.00
C GLY A 862 66.29 30.75 -21.61
N SER A 863 67.43 30.05 -21.54
CA SER A 863 68.71 30.65 -22.00
C SER A 863 69.84 29.62 -22.11
N ASN A 864 71.03 30.05 -22.52
CA ASN A 864 72.23 29.20 -22.64
C ASN A 864 73.18 29.49 -21.49
N VAL A 865 74.22 28.69 -21.30
CA VAL A 865 75.17 28.83 -20.16
C VAL A 865 75.98 30.12 -20.31
N GLN A 866 76.53 30.39 -21.49
CA GLN A 866 77.32 31.63 -21.73
C GLN A 866 76.37 32.82 -21.54
N GLN A 867 75.16 32.71 -22.05
CA GLN A 867 74.12 33.77 -21.91
C GLN A 867 73.81 33.93 -20.42
N ARG A 868 73.79 32.83 -19.68
CA ARG A 868 73.46 32.86 -18.23
C ARG A 868 74.55 33.60 -17.46
N GLU A 869 75.75 33.67 -18.03
CA GLU A 869 76.90 34.34 -17.36
C GLU A 869 76.66 35.84 -17.20
N GLN A 870 76.16 36.51 -18.23
CA GLN A 870 76.05 38.00 -18.22
C GLN A 870 74.83 38.44 -17.41
N GLN A 871 73.94 37.53 -17.04
CA GLN A 871 72.69 37.94 -16.32
C GLN A 871 73.09 38.57 -14.99
N PRO A 872 72.54 39.74 -14.58
CA PRO A 872 72.85 40.29 -13.26
C PRO A 872 72.48 39.30 -12.15
N ALA A 873 73.19 39.33 -11.04
CA ALA A 873 72.93 38.41 -9.91
C ALA A 873 71.49 38.64 -9.44
N PRO A 874 70.71 37.58 -9.16
CA PRO A 874 69.35 37.73 -8.64
C PRO A 874 69.36 38.46 -7.30
N ARG A 875 68.37 39.33 -7.06
CA ARG A 875 68.28 40.14 -5.82
C ARG A 875 67.10 39.62 -5.01
N PRO A 876 67.17 39.63 -3.66
CA PRO A 876 66.10 39.06 -2.83
C PRO A 876 64.72 39.71 -3.08
N GLU A 877 64.65 41.04 -3.03
CA GLU A 877 63.37 41.76 -3.24
C GLU A 877 62.80 41.40 -4.62
N ASP A 878 63.67 41.07 -5.58
CA ASP A 878 63.20 40.83 -6.97
C ASP A 878 62.15 39.71 -6.99
N PHE A 879 62.31 38.67 -6.19
CA PHE A 879 61.41 37.50 -6.22
C PHE A 879 60.67 37.36 -4.91
N GLU A 880 60.31 38.45 -4.24
CA GLU A 880 59.71 38.26 -2.88
C GLU A 880 58.34 37.57 -2.97
N GLY A 881 57.46 38.02 -3.85
CA GLY A 881 56.10 37.47 -3.94
C GLY A 881 55.69 37.14 -5.35
N LYS A 882 56.58 37.38 -6.31
CA LYS A 882 56.21 37.24 -7.74
C LYS A 882 55.95 35.77 -8.10
N ILE A 883 55.58 35.52 -9.34
CA ILE A 883 55.22 34.16 -9.83
C ILE A 883 56.33 33.71 -10.77
N VAL A 884 56.74 32.43 -10.72
CA VAL A 884 57.85 31.87 -11.53
C VAL A 884 57.45 30.51 -12.10
N THR A 885 58.06 30.10 -13.19
CA THR A 885 57.84 28.76 -13.79
C THR A 885 59.22 28.13 -13.99
N GLN A 886 59.32 26.80 -13.98
CA GLN A 886 60.65 26.13 -14.10
C GLN A 886 60.95 25.89 -15.59
N TRP A 887 62.10 26.38 -16.07
CA TRP A 887 62.47 26.30 -17.50
C TRP A 887 62.90 24.87 -17.87
N TYR A 888 63.33 24.08 -16.89
CA TYR A 888 63.85 22.72 -17.12
C TYR A 888 62.67 21.74 -17.24
N ALA A 889 62.57 21.04 -18.38
CA ALA A 889 61.59 19.96 -18.64
C ALA A 889 60.18 20.29 -18.10
N ASN A 890 59.55 21.33 -18.61
CA ASN A 890 58.14 21.65 -18.26
C ASN A 890 57.62 22.73 -19.21
N TYR A 891 56.31 22.86 -19.36
CA TYR A 891 55.74 23.93 -20.22
C TYR A 891 54.66 24.70 -19.46
N ASP A 892 54.91 26.00 -19.23
CA ASP A 892 53.94 26.96 -18.66
C ASP A 892 53.24 26.44 -17.40
N LYS A 893 53.96 25.94 -16.40
CA LYS A 893 53.32 25.65 -15.11
C LYS A 893 53.74 26.74 -14.14
N PRO A 894 52.88 27.72 -13.79
CA PRO A 894 53.27 28.83 -12.92
C PRO A 894 53.22 28.45 -11.43
N MET A 895 54.11 29.00 -10.60
CA MET A 895 54.20 28.63 -9.17
C MET A 895 54.51 29.87 -8.34
N LEU A 896 54.10 29.91 -7.08
CA LEU A 896 54.19 31.17 -6.26
C LEU A 896 55.38 31.11 -5.32
N VAL A 897 56.19 32.17 -5.30
CA VAL A 897 57.40 32.24 -4.44
C VAL A 897 56.90 32.61 -3.06
N THR A 898 56.57 31.62 -2.24
CA THR A 898 56.00 31.86 -0.89
C THR A 898 57.00 32.69 -0.08
N LYS A 899 58.27 32.29 -0.05
CA LYS A 899 59.33 33.01 0.69
C LYS A 899 60.65 32.77 -0.02
N VAL A 900 61.58 33.70 0.08
CA VAL A 900 62.93 33.43 -0.45
C VAL A 900 63.67 32.74 0.67
N HIS A 901 64.30 31.60 0.41
CA HIS A 901 65.16 30.93 1.42
C HIS A 901 66.56 31.55 1.31
N ARG A 902 66.70 32.79 1.76
CA ARG A 902 67.97 33.55 1.64
C ARG A 902 69.08 32.83 2.42
N GLU A 903 68.77 32.32 3.59
CA GLU A 903 69.77 31.71 4.51
C GLU A 903 70.48 30.53 3.82
N LEU A 904 69.75 29.60 3.20
CA LEU A 904 70.39 28.40 2.61
C LEU A 904 70.95 28.77 1.25
N THR A 905 71.76 27.91 0.65
CA THR A 905 72.48 28.21 -0.62
C THR A 905 72.39 26.99 -1.52
N PRO A 906 72.71 27.10 -2.84
CA PRO A 906 72.62 25.97 -3.76
C PRO A 906 73.52 24.80 -3.36
N LEU A 907 74.70 25.10 -2.82
CA LEU A 907 75.70 24.07 -2.43
C LEU A 907 75.12 23.15 -1.36
N SER A 908 74.28 23.69 -0.46
CA SER A 908 73.73 22.92 0.69
C SER A 908 72.98 21.68 0.22
N TYR A 909 73.15 20.55 0.91
CA TYR A 909 72.40 19.31 0.61
C TYR A 909 70.94 19.50 1.05
N MET A 910 70.00 18.99 0.27
CA MET A 910 68.55 19.14 0.56
C MET A 910 68.17 18.24 1.73
N GLU A 911 67.03 18.50 2.35
CA GLU A 911 66.51 17.66 3.46
C GLU A 911 65.14 17.12 3.06
N TYR A 919 72.72 19.45 -3.29
CA TYR A 919 71.53 19.94 -4.04
C TYR A 919 71.92 20.49 -5.41
N TYR A 920 73.12 21.04 -5.56
CA TYR A 920 73.61 21.44 -6.89
C TYR A 920 73.55 20.20 -7.78
N GLU A 921 74.02 19.10 -7.24
CA GLU A 921 74.02 17.82 -7.96
C GLU A 921 72.57 17.37 -8.18
N PHE A 922 71.72 17.51 -7.18
CA PHE A 922 70.37 16.90 -7.28
C PHE A 922 69.72 17.40 -8.56
N THR A 923 69.79 18.70 -8.79
CA THR A 923 69.13 19.29 -9.97
C THR A 923 69.88 18.87 -11.23
N MET A 924 71.20 18.87 -11.21
CA MET A 924 71.97 18.60 -12.45
C MET A 924 71.65 17.18 -12.92
N SER A 925 71.64 16.23 -11.99
CA SER A 925 71.37 14.81 -12.30
C SER A 925 69.94 14.70 -12.83
N LYS A 926 69.02 15.43 -12.20
CA LYS A 926 67.59 15.31 -12.57
C LYS A 926 67.40 15.75 -14.02
N TYR A 927 68.11 16.79 -14.46
CA TYR A 927 68.02 17.23 -15.87
C TYR A 927 69.40 17.04 -16.50
N GLY A 928 69.59 15.94 -17.22
CA GLY A 928 70.92 15.52 -17.71
C GLY A 928 71.58 16.57 -18.58
N ASN A 929 70.88 17.07 -19.58
CA ASN A 929 71.45 18.14 -20.45
C ASN A 929 70.66 19.41 -20.25
N ARG A 930 69.45 19.28 -19.72
CA ARG A 930 68.52 20.44 -19.64
C ARG A 930 69.17 21.52 -18.78
N ILE A 931 69.79 21.18 -17.67
CA ILE A 931 70.39 22.30 -16.89
C ILE A 931 71.91 22.35 -17.08
N GLY A 932 72.45 23.55 -17.24
CA GLY A 932 73.90 23.80 -17.29
C GLY A 932 74.46 23.97 -15.90
N ASP A 933 75.78 24.05 -15.76
CA ASP A 933 76.44 24.34 -14.46
C ASP A 933 75.98 25.73 -13.99
N VAL A 934 75.57 25.85 -12.73
CA VAL A 934 75.03 27.14 -12.18
C VAL A 934 76.15 28.19 -12.23
N VAL A 935 75.85 29.38 -12.74
CA VAL A 935 76.85 30.50 -12.86
C VAL A 935 77.25 30.93 -11.45
N HIS A 936 76.28 31.00 -10.54
CA HIS A 936 76.54 31.46 -9.15
C HIS A 936 76.59 30.24 -8.24
N LYS A 937 77.72 30.03 -7.55
CA LYS A 937 77.82 28.96 -6.52
C LYS A 937 76.99 29.33 -5.30
N ASP A 938 77.01 30.60 -4.87
CA ASP A 938 76.27 31.04 -3.66
C ASP A 938 75.20 32.05 -4.04
N LYS A 939 73.93 31.73 -3.75
CA LYS A 939 72.78 32.65 -3.92
C LYS A 939 71.62 32.14 -3.08
N PHE A 940 70.51 32.88 -3.04
CA PHE A 940 69.30 32.44 -2.30
C PHE A 940 68.57 31.39 -3.14
N MET A 941 67.77 30.55 -2.51
CA MET A 941 66.92 29.59 -3.24
C MET A 941 65.48 29.98 -2.95
N ILE A 942 64.59 29.91 -3.93
CA ILE A 942 63.18 30.37 -3.78
C ILE A 942 62.31 29.15 -3.43
N GLU A 943 61.39 29.30 -2.49
CA GLU A 943 60.41 28.25 -2.11
C GLU A 943 59.13 28.49 -2.93
N VAL A 944 58.60 27.47 -3.61
CA VAL A 944 57.43 27.70 -4.52
C VAL A 944 56.33 26.70 -4.20
N ARG A 945 55.10 27.17 -4.02
CA ARG A 945 53.91 26.30 -3.87
C ARG A 945 53.09 26.51 -5.13
N ASP A 946 52.87 25.46 -5.92
CA ASP A 946 52.23 25.58 -7.26
C ASP A 946 50.77 26.04 -7.10
N LEU A 947 50.18 26.57 -8.16
CA LEU A 947 48.80 27.12 -8.11
C LEU A 947 47.85 26.14 -8.78
N THR A 948 46.63 26.02 -8.27
CA THR A 948 45.64 25.02 -8.74
C THR A 948 45.30 25.30 -10.20
N GLU A 949 44.96 24.27 -10.96
CA GLU A 949 44.63 24.40 -12.41
C GLU A 949 43.12 24.50 -12.62
N GLN A 950 42.31 24.24 -11.61
CA GLN A 950 40.83 24.23 -11.73
C GLN A 950 40.32 25.68 -11.67
N LEU A 951 39.46 26.08 -12.61
CA LEU A 951 38.88 27.45 -12.62
C LEU A 951 37.46 27.41 -12.04
N THR A 952 36.99 26.24 -11.60
CA THR A 952 35.61 26.09 -11.07
C THR A 952 35.68 25.91 -9.55
N PHE A 953 34.93 26.69 -8.79
CA PHE A 953 35.00 26.65 -7.30
C PHE A 953 33.62 26.83 -6.69
N TYR A 954 32.71 25.87 -6.80
CA TYR A 954 31.38 26.03 -6.17
C TYR A 954 31.05 24.86 -5.24
N VAL A 955 31.38 23.64 -5.64
CA VAL A 955 31.08 22.42 -4.84
C VAL A 955 32.27 22.15 -3.91
N HIS A 956 31.99 21.82 -2.65
CA HIS A 956 33.00 21.56 -1.61
C HIS A 956 33.96 20.44 -2.06
N LYS A 970 56.96 21.90 -0.30
CA LYS A 970 58.20 22.66 0.00
C LYS A 970 59.22 22.41 -1.12
N VAL A 971 58.87 22.79 -2.34
CA VAL A 971 59.74 22.54 -3.52
C VAL A 971 60.74 23.67 -3.58
N ILE A 972 61.65 23.79 -2.62
CA ILE A 972 62.70 24.82 -2.72
C ILE A 972 63.46 24.51 -4.00
N LEU A 973 63.78 25.51 -4.80
CA LEU A 973 64.35 25.25 -6.15
C LEU A 973 65.41 26.30 -6.47
N ILE A 974 66.18 26.11 -7.54
CA ILE A 974 67.32 27.01 -7.89
C ILE A 974 66.75 28.21 -8.64
N PRO A 975 67.11 29.45 -8.25
CA PRO A 975 66.56 30.65 -8.86
C PRO A 975 66.97 30.86 -10.32
N GLU A 976 68.22 30.58 -10.64
CA GLU A 976 68.78 30.89 -11.98
C GLU A 976 67.92 30.22 -13.06
N LEU A 977 67.47 29.00 -12.83
CA LEU A 977 66.78 28.22 -13.88
C LEU A 977 65.34 28.70 -14.07
N CYS A 978 64.63 29.08 -13.01
CA CYS A 978 63.18 29.47 -13.10
C CYS A 978 63.03 30.81 -13.84
N PHE A 979 61.95 30.99 -14.61
CA PHE A 979 61.67 32.23 -15.39
C PHE A 979 60.80 33.12 -14.52
N ASN A 980 61.14 34.40 -14.40
CA ASN A 980 60.43 35.28 -13.44
C ASN A 980 59.53 36.26 -14.17
N PHE A 981 58.25 35.94 -14.32
CA PHE A 981 57.28 36.97 -14.76
C PHE A 981 57.24 37.95 -13.60
N ASN A 982 57.18 39.24 -13.84
CA ASN A 982 57.25 40.19 -12.71
C ASN A 982 55.85 40.35 -12.11
N PHE A 983 54.90 39.52 -12.55
CA PHE A 983 53.48 39.65 -12.13
C PHE A 983 53.37 39.50 -10.62
N PRO A 984 52.60 40.37 -9.90
CA PRO A 984 52.42 40.21 -8.46
C PRO A 984 51.75 38.86 -8.13
N GLY A 985 52.18 38.25 -7.04
CA GLY A 985 51.56 37.03 -6.52
C GLY A 985 50.20 37.40 -6.00
N ASP A 986 50.08 38.60 -5.45
CA ASP A 986 48.83 39.02 -4.81
C ASP A 986 47.66 38.85 -5.77
N LEU A 987 47.80 39.31 -7.01
CA LEU A 987 46.69 39.32 -7.99
C LEU A 987 46.54 37.96 -8.67
N TRP A 988 47.64 37.29 -9.01
CA TRP A 988 47.58 36.03 -9.77
C TRP A 988 46.68 35.03 -9.04
N LEU A 989 46.77 34.97 -7.72
CA LEU A 989 45.93 34.03 -6.93
C LEU A 989 44.46 34.42 -7.01
N LYS A 990 44.17 35.70 -6.83
CA LYS A 990 42.77 36.18 -6.79
C LYS A 990 42.16 36.01 -8.17
N LEU A 991 42.93 36.19 -9.24
CA LEU A 991 42.37 36.15 -10.61
C LEU A 991 41.99 34.70 -10.97
N ILE A 992 42.57 33.69 -10.36
CA ILE A 992 42.16 32.28 -10.62
C ILE A 992 40.70 32.13 -10.17
N PHE A 993 40.30 32.79 -9.10
CA PHE A 993 38.91 32.72 -8.56
C PHE A 993 37.95 33.64 -9.34
N LEU A 994 38.46 34.53 -10.20
CA LEU A 994 37.62 35.53 -10.91
C LEU A 994 36.56 34.87 -11.80
N PRO A 995 36.85 33.89 -12.70
CA PRO A 995 35.81 33.37 -13.59
C PRO A 995 34.58 32.82 -12.86
N SER A 996 34.70 32.32 -11.64
CA SER A 996 33.56 31.73 -10.91
C SER A 996 32.83 32.79 -10.09
N ILE A 997 33.45 33.94 -9.84
CA ILE A 997 32.75 35.08 -9.15
C ILE A 997 31.97 35.76 -10.26
N LEU A 998 32.60 35.98 -11.39
CA LEU A 998 31.89 36.64 -12.50
C LEU A 998 30.66 35.81 -12.88
N ASN A 999 30.77 34.50 -13.03
CA ASN A 999 29.53 33.76 -13.39
C ASN A 999 28.49 33.87 -12.27
N ARG A 1000 28.91 33.66 -11.03
CA ARG A 1000 27.88 33.70 -9.98
C ARG A 1000 27.17 35.07 -10.01
N MET A 1001 27.90 36.17 -10.24
CA MET A 1001 27.34 37.55 -10.24
C MET A 1001 26.37 37.75 -11.38
N TYR A 1002 26.64 37.27 -12.57
CA TYR A 1002 25.65 37.32 -13.68
C TYR A 1002 24.35 36.79 -13.12
N PHE A 1003 24.43 35.61 -12.57
CA PHE A 1003 23.11 35.05 -12.17
C PHE A 1003 22.53 35.82 -10.97
N LEU A 1004 23.33 36.34 -10.04
CA LEU A 1004 22.80 37.09 -8.87
C LEU A 1004 22.14 38.40 -9.32
N LEU A 1005 22.68 39.06 -10.34
CA LEU A 1005 22.04 40.27 -10.88
C LEU A 1005 20.70 39.90 -11.52
N HIS A 1006 20.61 38.78 -12.23
CA HIS A 1006 19.27 38.37 -12.72
C HIS A 1006 18.31 38.20 -11.53
N ALA A 1007 18.80 37.60 -10.45
CA ALA A 1007 17.99 37.41 -9.23
C ALA A 1007 17.49 38.74 -8.69
N GLU A 1008 18.34 39.74 -8.53
CA GLU A 1008 17.86 41.04 -8.01
C GLU A 1008 16.81 41.63 -8.97
N ALA A 1009 16.99 41.50 -10.27
CA ALA A 1009 15.96 42.00 -11.20
C ALA A 1009 14.61 41.33 -10.88
N LEU A 1010 14.58 40.01 -10.78
CA LEU A 1010 13.29 39.33 -10.47
C LEU A 1010 12.78 39.86 -9.13
N ARG A 1011 13.62 40.01 -8.12
CA ARG A 1011 13.13 40.43 -6.79
C ARG A 1011 12.40 41.73 -7.00
N LYS A 1012 13.07 42.68 -7.63
CA LYS A 1012 12.46 44.02 -7.74
C LYS A 1012 11.13 43.90 -8.48
N ARG A 1013 11.08 43.22 -9.61
CA ARG A 1013 9.82 43.16 -10.39
C ARG A 1013 8.69 42.60 -9.53
N PHE A 1014 8.91 41.46 -8.89
CA PHE A 1014 7.80 40.81 -8.16
C PHE A 1014 7.38 41.74 -7.03
N ASN A 1015 8.35 42.31 -6.32
CA ASN A 1015 8.00 43.16 -5.16
C ASN A 1015 7.14 44.28 -5.71
N THR A 1016 7.53 44.91 -6.81
CA THR A 1016 6.78 46.04 -7.39
C THR A 1016 5.33 45.64 -7.68
N TYR A 1017 5.10 44.50 -8.33
CA TYR A 1017 3.72 44.04 -8.70
C TYR A 1017 2.87 43.83 -7.44
N LEU A 1018 3.38 43.06 -6.49
CA LEU A 1018 2.67 42.79 -5.22
C LEU A 1018 2.58 44.10 -4.44
N ASN A 1019 3.09 45.19 -4.98
CA ASN A 1019 3.02 46.54 -4.34
C ASN A 1019 3.64 46.48 -2.93
N LEU A 1020 4.72 45.73 -2.75
CA LEU A 1020 5.49 45.72 -1.49
C LEU A 1020 6.83 46.42 -1.74
N HIS A 1021 6.91 47.27 -2.77
CA HIS A 1021 8.18 47.89 -3.21
C HIS A 1021 8.52 49.11 -2.39
N LEU A 1022 7.81 49.35 -1.30
CA LEU A 1022 7.99 50.57 -0.48
C LEU A 1022 8.22 50.22 0.98
N LEU A 1023 7.94 48.98 1.38
CA LEU A 1023 8.19 48.52 2.77
C LEU A 1023 9.64 48.89 3.09
N PRO A 1024 10.01 49.34 4.32
CA PRO A 1024 11.35 49.84 4.57
C PRO A 1024 12.43 48.77 4.40
N PHE A 1025 12.07 47.50 4.57
CA PHE A 1025 13.02 46.37 4.41
C PHE A 1025 13.04 45.92 2.96
N ASN A 1026 12.24 46.53 2.09
CA ASN A 1026 12.25 46.18 0.65
C ASN A 1026 12.58 47.38 -0.21
N GLY A 1027 12.86 48.53 0.40
CA GLY A 1027 13.08 49.77 -0.37
C GLY A 1027 14.53 49.94 -0.77
N THR A 1028 15.00 51.18 -0.81
CA THR A 1028 16.42 51.51 -1.08
C THR A 1028 17.25 51.08 0.12
N ASP A 1029 16.61 50.84 1.27
CA ASP A 1029 17.31 50.44 2.51
C ASP A 1029 17.59 48.94 2.51
N TYR A 1030 17.15 48.21 1.49
CA TYR A 1030 17.34 46.74 1.43
C TYR A 1030 18.83 46.44 1.49
N MET A 1031 19.25 45.62 2.43
CA MET A 1031 20.65 45.17 2.56
C MET A 1031 20.65 43.67 2.46
N PRO A 1032 20.93 43.03 1.30
CA PRO A 1032 20.76 41.58 1.21
C PRO A 1032 21.73 40.80 2.10
N ARG A 1033 21.32 39.56 2.36
CA ARG A 1033 21.97 38.56 3.25
C ARG A 1033 22.80 37.61 2.40
N PRO A 1034 23.85 36.97 2.97
CA PRO A 1034 24.72 36.14 2.16
C PRO A 1034 24.01 34.91 1.60
N LEU A 1035 24.44 34.47 0.43
CA LEU A 1035 24.02 33.16 -0.11
C LEU A 1035 24.37 32.17 0.98
N GLU A 1036 23.45 31.28 1.32
CA GLU A 1036 23.76 30.17 2.25
C GLU A 1036 23.73 28.86 1.46
N ILE A 1037 24.60 27.93 1.83
CA ILE A 1037 24.76 26.61 1.15
C ILE A 1037 23.68 25.67 1.68
N ASP A 1038 23.12 24.80 0.85
CA ASP A 1038 22.19 23.77 1.34
C ASP A 1038 23.00 22.53 1.64
N TYR A 1039 23.24 22.23 2.90
CA TYR A 1039 24.13 21.11 3.25
C TYR A 1039 23.44 19.78 2.90
N SER A 1040 22.12 19.75 2.90
CA SER A 1040 21.33 18.52 2.63
C SER A 1040 21.70 17.93 1.27
N LEU A 1041 21.81 18.77 0.24
CA LEU A 1041 22.07 18.32 -1.15
C LEU A 1041 23.29 17.41 -1.15
N LYS A 1042 23.32 16.40 -2.02
CA LYS A 1042 24.41 15.39 -2.03
C LYS A 1042 25.75 16.06 -2.34
N ARG A 1043 25.78 16.98 -3.29
CA ARG A 1043 27.03 17.69 -3.67
C ARG A 1043 27.60 18.43 -2.45
N ASN A 1044 26.73 18.96 -1.58
CA ASN A 1044 27.04 19.71 -0.33
C ASN A 1044 27.18 21.18 -0.71
N GLU A 1085 -2.73 -11.89 6.87
CA GLU A 1085 -3.00 -11.10 8.10
C GLU A 1085 -2.39 -11.78 9.34
N ASN A 1086 -2.33 -13.10 9.35
CA ASN A 1086 -1.82 -13.89 10.50
C ASN A 1086 -0.33 -13.63 10.66
N PRO A 1087 0.22 -13.65 11.89
CA PRO A 1087 1.65 -13.41 12.10
C PRO A 1087 2.59 -14.40 11.40
N TRP A 1088 2.22 -15.67 11.38
CA TRP A 1088 3.06 -16.73 10.76
C TRP A 1088 3.13 -16.52 9.24
N GLN A 1089 4.22 -16.89 8.61
CA GLN A 1089 4.33 -16.83 7.14
C GLN A 1089 3.83 -18.17 6.57
N LYS A 1090 3.94 -18.36 5.26
CA LYS A 1090 3.40 -19.53 4.54
C LYS A 1090 4.02 -20.83 5.06
N TYR A 1091 5.34 -20.89 5.15
CA TYR A 1091 6.06 -22.15 5.45
C TYR A 1091 5.84 -22.60 6.90
N MET A 1092 5.31 -21.75 7.77
CA MET A 1092 5.23 -22.16 9.20
C MET A 1092 3.86 -22.74 9.52
N GLU A 1093 3.03 -23.09 8.53
CA GLU A 1093 1.65 -23.56 8.79
C GLU A 1093 1.66 -25.08 8.97
N PRO A 1094 1.15 -25.60 10.10
CA PRO A 1094 1.12 -27.05 10.34
C PRO A 1094 0.21 -27.77 9.34
N VAL A 1095 0.52 -29.02 9.03
CA VAL A 1095 -0.27 -29.85 8.08
C VAL A 1095 -1.61 -30.13 8.74
N ASP A 1096 -2.71 -30.16 8.00
CA ASP A 1096 -4.00 -30.54 8.61
C ASP A 1096 -3.85 -32.02 8.99
N LEU A 1097 -4.01 -32.33 10.27
CA LEU A 1097 -3.93 -33.74 10.73
C LEU A 1097 -5.17 -34.49 10.24
N SER A 1098 -6.30 -33.79 10.07
CA SER A 1098 -7.60 -34.39 9.66
C SER A 1098 -7.54 -34.87 8.21
N ARG A 1099 -7.03 -34.06 7.28
CA ARG A 1099 -7.09 -34.41 5.84
C ARG A 1099 -5.96 -35.36 5.47
N ASN A 1100 -4.98 -35.53 6.35
CA ASN A 1100 -3.84 -36.46 6.10
C ASN A 1100 -3.69 -37.37 7.32
N LEU A 1101 -4.63 -38.27 7.54
CA LEU A 1101 -4.61 -39.08 8.80
C LEU A 1101 -3.62 -40.23 8.68
N LEU A 1102 -3.55 -40.92 7.55
CA LEU A 1102 -2.73 -42.16 7.53
C LEU A 1102 -1.25 -41.88 7.23
N SER A 1103 -0.81 -40.66 7.02
CA SER A 1103 0.63 -40.43 6.73
C SER A 1103 1.13 -39.20 7.46
N THR A 1104 0.64 -38.94 8.66
CA THR A 1104 1.14 -37.82 9.49
C THR A 1104 2.18 -38.38 10.44
N TYR A 1105 3.43 -37.94 10.30
CA TYR A 1105 4.55 -38.43 11.16
C TYR A 1105 4.32 -37.90 12.57
N PRO A 1106 4.59 -38.72 13.63
CA PRO A 1106 4.28 -38.33 15.01
C PRO A 1106 4.86 -36.97 15.41
N VAL A 1107 5.92 -36.53 14.76
CA VAL A 1107 6.57 -35.23 15.11
C VAL A 1107 5.59 -34.08 14.89
N GLU A 1108 4.84 -34.11 13.80
CA GLU A 1108 3.96 -33.00 13.45
C GLU A 1108 2.91 -32.88 14.53
N LEU A 1109 2.40 -34.01 15.00
CA LEU A 1109 1.32 -33.99 16.01
C LEU A 1109 1.75 -33.09 17.19
N ASP A 1110 3.05 -33.02 17.48
CA ASP A 1110 3.58 -32.17 18.58
C ASP A 1110 3.62 -30.71 18.10
N TYR A 1111 4.07 -30.47 16.87
CA TYR A 1111 4.17 -29.11 16.30
C TYR A 1111 2.78 -28.48 16.36
N TYR A 1112 1.78 -29.25 15.95
CA TYR A 1112 0.40 -28.73 15.89
C TYR A 1112 0.03 -28.20 17.27
N TYR A 1113 0.39 -28.90 18.34
CA TYR A 1113 -0.02 -28.49 19.72
C TYR A 1113 0.59 -27.13 20.03
N HIS A 1114 1.90 -27.02 19.98
CA HIS A 1114 2.59 -25.76 20.38
C HIS A 1114 2.18 -24.63 19.45
N PHE A 1115 2.10 -24.86 18.15
CA PHE A 1115 1.77 -23.76 17.21
C PHE A 1115 0.37 -23.25 17.55
N SER A 1116 -0.55 -24.15 17.82
CA SER A 1116 -1.96 -23.78 18.12
C SER A 1116 -2.03 -23.03 19.45
N VAL A 1117 -1.25 -23.44 20.45
CA VAL A 1117 -1.23 -22.72 21.75
C VAL A 1117 -0.45 -21.41 21.60
N GLY A 1118 0.23 -21.22 20.45
CA GLY A 1118 0.91 -19.94 20.14
C GLY A 1118 2.32 -19.91 20.67
N ASN A 1119 2.80 -21.00 21.27
CA ASN A 1119 4.21 -21.07 21.74
C ASN A 1119 5.17 -20.95 20.53
N VAL A 1120 4.75 -21.30 19.32
CA VAL A 1120 5.65 -21.26 18.12
C VAL A 1120 5.50 -19.92 17.40
N CYS A 1121 4.29 -19.40 17.23
CA CYS A 1121 4.09 -18.11 16.53
C CYS A 1121 3.36 -17.14 17.45
N TYR A 1133 -16.17 -5.16 27.61
CA TYR A 1133 -16.30 -4.91 26.15
C TYR A 1133 -17.62 -4.21 25.89
N TRP A 1134 -18.63 -4.51 26.68
CA TRP A 1134 -19.97 -3.94 26.45
C TRP A 1134 -20.10 -2.61 27.20
N ALA A 1135 -19.09 -2.23 27.97
CA ALA A 1135 -19.05 -0.91 28.64
C ALA A 1135 -18.33 0.09 27.75
N LYS A 1136 -17.68 -0.37 26.68
CA LYS A 1136 -16.90 0.50 25.77
C LYS A 1136 -17.63 0.64 24.43
N ASN A 1137 -17.78 1.86 23.94
CA ASN A 1137 -18.44 2.15 22.65
C ASN A 1137 -17.51 1.67 21.53
N GLN A 1138 -18.05 1.39 20.37
CA GLN A 1138 -17.25 1.01 19.19
C GLN A 1138 -16.33 2.17 18.85
N PHE A 1139 -16.87 3.38 18.86
CA PHE A 1139 -16.10 4.60 18.54
C PHE A 1139 -15.30 5.01 19.77
N HIS A 1140 -14.32 4.22 20.15
CA HIS A 1140 -13.42 4.56 21.28
C HIS A 1140 -12.00 4.54 20.75
N MET A 1141 -11.25 5.62 20.95
CA MET A 1141 -9.88 5.73 20.42
C MET A 1141 -8.92 5.19 21.48
N PRO A 1142 -8.22 4.07 21.23
CA PRO A 1142 -7.34 3.48 22.24
C PRO A 1142 -6.27 4.49 22.64
N THR A 1143 -6.03 4.66 23.93
CA THR A 1143 -5.05 5.65 24.45
C THR A 1143 -3.66 5.02 24.59
N GLY A 1144 -2.86 5.08 23.52
CA GLY A 1144 -1.48 4.55 23.50
C GLY A 1144 -0.71 5.13 22.35
N ASN A 1145 0.59 4.88 22.30
CA ASN A 1145 1.46 5.35 21.19
C ASN A 1145 1.43 4.31 20.08
N ILE A 1146 0.97 4.68 18.89
CA ILE A 1146 1.07 3.80 17.69
C ILE A 1146 2.54 3.83 17.29
N TYR A 1147 3.05 2.78 16.62
CA TYR A 1147 4.48 2.68 16.23
C TYR A 1147 5.35 2.62 17.48
N VAL A 1173 -1.09 23.47 18.99
CA VAL A 1173 0.13 23.02 18.27
C VAL A 1173 0.90 24.27 17.85
N LYS A 1174 2.16 24.09 17.46
CA LYS A 1174 3.04 25.22 17.06
C LYS A 1174 2.59 25.69 15.69
N PRO A 1175 2.18 26.97 15.51
CA PRO A 1175 1.55 27.41 14.27
C PRO A 1175 2.48 27.45 13.04
N LEU A 1176 1.97 27.01 11.89
CA LEU A 1176 2.75 27.17 10.65
C LEU A 1176 3.12 28.64 10.50
N LEU A 1177 4.35 28.89 10.07
CA LEU A 1177 4.84 30.28 9.93
C LEU A 1177 4.19 30.95 8.71
N ILE A 1178 3.83 30.20 7.69
CA ILE A 1178 3.25 30.79 6.46
C ILE A 1178 1.84 31.29 6.77
N LEU A 1179 1.13 30.61 7.66
CA LEU A 1179 -0.25 30.99 8.01
C LEU A 1179 -0.22 32.15 9.02
N GLN A 1180 0.92 32.39 9.67
CA GLN A 1180 1.06 33.57 10.55
C GLN A 1180 1.43 34.77 9.67
N LYS A 1181 2.26 34.56 8.67
CA LYS A 1181 2.60 35.63 7.69
C LYS A 1181 1.35 35.96 6.88
N THR A 1182 0.44 35.00 6.70
CA THR A 1182 -0.80 35.24 5.93
C THR A 1182 -1.71 36.19 6.70
N VAL A 1183 -1.91 35.96 8.00
CA VAL A 1183 -2.88 36.76 8.80
C VAL A 1183 -2.25 38.11 9.16
N SER A 1184 -1.03 38.14 9.71
CA SER A 1184 -0.42 39.40 10.21
C SER A 1184 0.67 39.89 9.26
N LYS A 1185 0.58 41.16 8.81
CA LYS A 1185 1.58 41.77 7.90
C LYS A 1185 2.86 42.11 8.67
N GLU A 1186 2.82 42.13 10.00
CA GLU A 1186 4.03 42.35 10.82
C GLU A 1186 5.03 41.22 10.58
N HIS A 1187 4.54 39.99 10.47
CA HIS A 1187 5.42 38.81 10.35
C HIS A 1187 6.06 38.73 8.95
N ILE A 1188 5.58 39.49 7.97
CA ILE A 1188 6.10 39.40 6.57
C ILE A 1188 7.62 39.67 6.60
N THR A 1189 8.42 38.88 5.88
CA THR A 1189 9.90 39.00 5.84
C THR A 1189 10.33 39.31 4.41
N PRO A 1190 11.49 39.96 4.17
CA PRO A 1190 11.88 40.37 2.82
C PRO A 1190 12.18 39.21 1.86
N ALA A 1191 11.60 39.20 0.66
CA ALA A 1191 11.96 38.21 -0.38
C ALA A 1191 13.42 38.46 -0.74
N GLU A 1192 14.29 37.52 -0.40
CA GLU A 1192 15.74 37.75 -0.45
C GLU A 1192 16.28 37.48 -1.85
N GLN A 1193 17.52 37.89 -2.07
CA GLN A 1193 18.21 37.77 -3.38
C GLN A 1193 18.75 36.35 -3.56
N GLY A 1194 19.31 35.77 -2.50
CA GLY A 1194 19.76 34.37 -2.52
C GLY A 1194 18.61 33.43 -2.80
N GLU A 1195 17.40 33.77 -2.36
CA GLU A 1195 16.22 32.89 -2.57
C GLU A 1195 15.84 32.91 -4.05
N PHE A 1196 15.83 34.07 -4.68
CA PHE A 1196 15.52 34.12 -6.12
C PHE A 1196 16.62 33.44 -6.93
N LEU A 1197 17.88 33.58 -6.52
CA LEU A 1197 18.97 32.89 -7.23
C LEU A 1197 18.80 31.39 -7.06
N ALA A 1198 18.42 30.90 -5.89
CA ALA A 1198 18.20 29.45 -5.75
C ALA A 1198 17.01 29.05 -6.62
N ALA A 1199 16.02 29.93 -6.74
CA ALA A 1199 14.77 29.63 -7.47
C ALA A 1199 14.98 29.65 -8.99
N ILE A 1200 16.09 30.20 -9.49
CA ILE A 1200 16.38 30.12 -10.94
C ILE A 1200 17.53 29.16 -11.21
N THR A 1201 18.26 28.72 -10.19
CA THR A 1201 19.38 27.76 -10.37
C THR A 1201 18.82 26.35 -10.55
N ALA A 1202 18.95 25.77 -11.73
CA ALA A 1202 18.52 24.37 -11.96
C ALA A 1202 19.52 23.44 -11.28
N SER A 1203 19.13 22.21 -11.02
CA SER A 1203 20.02 21.25 -10.31
C SER A 1203 21.17 20.80 -11.21
N SER A 1204 21.00 20.85 -12.53
CA SER A 1204 22.04 20.37 -13.45
C SER A 1204 23.28 21.25 -13.36
N ALA A 1205 23.14 22.50 -12.88
CA ALA A 1205 24.22 23.51 -12.85
C ALA A 1205 25.36 23.07 -11.93
N ALA A 1206 25.11 22.13 -11.02
CA ALA A 1206 26.12 21.62 -10.07
C ALA A 1206 26.62 22.78 -9.21
N ASP A 1207 25.69 23.53 -8.62
CA ASP A 1207 26.06 24.65 -7.74
C ASP A 1207 25.83 24.20 -6.31
N VAL A 1208 25.81 25.12 -5.36
CA VAL A 1208 25.69 24.79 -3.92
C VAL A 1208 24.21 24.87 -3.53
N PHE A 1209 23.32 25.22 -4.46
CA PHE A 1209 21.87 25.36 -4.19
C PHE A 1209 21.08 24.96 -5.44
N ASP A 1210 19.75 25.01 -5.38
CA ASP A 1210 18.90 24.63 -6.54
C ASP A 1210 17.45 25.05 -6.32
N MET A 1211 16.60 24.81 -7.31
CA MET A 1211 15.17 25.19 -7.29
C MET A 1211 14.33 24.07 -6.70
N GLU A 1212 14.94 22.96 -6.30
CA GLU A 1212 14.17 21.73 -5.93
C GLU A 1212 13.39 21.88 -4.61
N ARG A 1213 13.93 22.50 -3.57
CA ARG A 1213 13.20 22.53 -2.28
C ARG A 1213 12.06 23.54 -2.37
N LEU A 1214 12.32 24.73 -2.92
CA LEU A 1214 11.27 25.74 -3.08
C LEU A 1214 10.17 25.20 -4.00
N GLU A 1215 10.53 24.31 -4.93
CA GLU A 1215 9.54 23.79 -5.90
C GLU A 1215 8.49 22.94 -5.18
N ILE A 1216 8.82 22.32 -4.07
CA ILE A 1216 7.85 21.49 -3.32
C ILE A 1216 6.76 22.39 -2.74
N LEU A 1217 7.14 23.46 -2.07
CA LEU A 1217 6.15 24.42 -1.55
C LEU A 1217 5.41 25.10 -2.70
N GLY A 1218 6.11 25.43 -3.78
CA GLY A 1218 5.47 26.11 -4.91
C GLY A 1218 4.46 25.21 -5.60
N ASP A 1219 4.77 23.93 -5.74
CA ASP A 1219 3.84 22.98 -6.40
C ASP A 1219 2.63 22.76 -5.51
N SER A 1220 2.86 22.52 -4.22
CA SER A 1220 1.75 22.34 -3.25
C SER A 1220 0.82 23.55 -3.30
N PHE A 1221 1.38 24.75 -3.29
CA PHE A 1221 0.56 25.98 -3.25
C PHE A 1221 -0.14 26.19 -4.58
N LEU A 1222 0.51 25.88 -5.69
CA LEU A 1222 -0.13 26.11 -7.02
C LEU A 1222 -1.30 25.15 -7.15
N LYS A 1223 -1.16 23.93 -6.66
CA LYS A 1223 -2.30 22.97 -6.68
C LYS A 1223 -3.41 23.45 -5.76
N LEU A 1224 -3.12 23.95 -4.56
CA LEU A 1224 -4.19 24.49 -3.66
C LEU A 1224 -4.92 25.62 -4.36
N SER A 1225 -4.20 26.61 -4.89
CA SER A 1225 -4.81 27.81 -5.48
C SER A 1225 -5.68 27.45 -6.68
N ALA A 1226 -5.20 26.58 -7.55
CA ALA A 1226 -6.01 26.13 -8.72
C ALA A 1226 -7.28 25.44 -8.22
N THR A 1227 -7.19 24.59 -7.20
CA THR A 1227 -8.37 23.91 -6.62
C THR A 1227 -9.35 24.95 -6.09
N LEU A 1228 -8.90 25.89 -5.29
CA LEU A 1228 -9.82 26.87 -4.67
C LEU A 1228 -10.44 27.71 -5.76
N TYR A 1229 -9.67 28.09 -6.77
CA TYR A 1229 -10.15 28.93 -7.89
C TYR A 1229 -11.20 28.17 -8.70
N LEU A 1230 -10.93 26.94 -9.08
CA LEU A 1230 -11.86 26.18 -9.96
C LEU A 1230 -13.11 25.79 -9.18
N ALA A 1231 -12.99 25.47 -7.89
CA ALA A 1231 -14.13 25.08 -7.04
C ALA A 1231 -15.07 26.26 -6.85
N SER A 1232 -14.55 27.46 -6.71
CA SER A 1232 -15.37 28.68 -6.49
C SER A 1232 -15.95 29.17 -7.81
N LYS A 1233 -15.15 29.14 -8.88
CA LYS A 1233 -15.60 29.69 -10.19
C LYS A 1233 -16.69 28.78 -10.75
N TYR A 1234 -16.40 27.49 -10.83
CA TYR A 1234 -17.33 26.49 -11.41
C TYR A 1234 -17.76 25.55 -10.29
N SER A 1235 -18.81 25.90 -9.56
CA SER A 1235 -19.23 25.14 -8.36
C SER A 1235 -20.38 24.19 -8.70
N ASP A 1236 -20.74 24.07 -9.96
CA ASP A 1236 -21.80 23.12 -10.37
C ASP A 1236 -21.17 21.89 -11.01
N TRP A 1237 -19.86 21.70 -10.89
CA TRP A 1237 -19.20 20.59 -11.64
C TRP A 1237 -18.93 19.39 -10.75
N ASN A 1238 -18.50 18.30 -11.36
CA ASN A 1238 -18.24 17.04 -10.65
C ASN A 1238 -16.78 17.07 -10.26
N GLU A 1239 -16.32 16.14 -9.44
CA GLU A 1239 -14.87 16.04 -9.20
C GLU A 1239 -14.22 15.69 -10.53
N GLY A 1240 -14.87 14.89 -11.37
CA GLY A 1240 -14.28 14.44 -12.63
C GLY A 1240 -13.87 15.60 -13.53
N THR A 1241 -14.79 16.52 -13.78
CA THR A 1241 -14.51 17.69 -14.65
C THR A 1241 -13.54 18.63 -13.95
N LEU A 1242 -13.72 18.88 -12.65
CA LEU A 1242 -12.84 19.79 -11.88
C LEU A 1242 -11.42 19.19 -11.75
N THR A 1243 -11.26 17.89 -11.57
CA THR A 1243 -9.94 17.25 -11.37
C THR A 1243 -9.21 17.17 -12.70
N GLU A 1244 -9.93 17.07 -13.82
CA GLU A 1244 -9.26 17.04 -15.13
C GLU A 1244 -8.77 18.44 -15.47
N VAL A 1245 -9.63 19.43 -15.30
CA VAL A 1245 -9.26 20.83 -15.64
C VAL A 1245 -8.13 21.27 -14.71
N LYS A 1246 -8.12 20.83 -13.47
CA LYS A 1246 -7.01 21.17 -12.55
C LYS A 1246 -5.73 20.49 -13.03
N SER A 1247 -5.74 19.19 -13.20
CA SER A 1247 -4.54 18.43 -13.64
C SER A 1247 -4.05 18.96 -14.99
N LYS A 1248 -4.87 19.71 -15.71
CA LYS A 1248 -4.39 20.37 -16.94
C LYS A 1248 -4.06 21.85 -16.77
N LEU A 1249 -4.39 22.45 -15.63
CA LEU A 1249 -4.10 23.88 -15.35
C LEU A 1249 -2.78 23.98 -14.60
N VAL A 1250 -2.28 22.88 -14.06
CA VAL A 1250 -0.99 22.85 -13.31
C VAL A 1250 -0.01 21.93 -14.04
N SER A 1251 -0.27 21.63 -15.30
CA SER A 1251 0.52 20.67 -16.10
C SER A 1251 1.79 21.36 -16.62
N ASN A 1252 2.85 20.58 -16.79
CA ASN A 1252 4.13 21.11 -17.28
C ASN A 1252 3.88 22.02 -18.48
N ARG A 1253 3.10 21.62 -19.47
CA ARG A 1253 2.95 22.46 -20.70
C ARG A 1253 2.39 23.84 -20.35
N ASN A 1254 1.33 23.91 -19.56
CA ASN A 1254 0.69 25.21 -19.24
C ASN A 1254 1.74 26.09 -18.57
N LEU A 1255 2.43 25.54 -17.58
CA LEU A 1255 3.43 26.31 -16.80
C LEU A 1255 4.57 26.72 -17.73
N LEU A 1256 5.03 25.84 -18.63
CA LEU A 1256 6.12 26.16 -19.58
C LEU A 1256 5.68 27.37 -20.40
N PHE A 1257 4.48 27.32 -20.97
CA PHE A 1257 4.02 28.44 -21.83
C PHE A 1257 3.93 29.73 -21.01
N CYS A 1258 3.43 29.65 -19.78
CA CYS A 1258 3.29 30.83 -18.89
C CYS A 1258 4.68 31.45 -18.66
N LEU A 1259 5.66 30.63 -18.29
CA LEU A 1259 7.01 31.15 -18.00
C LEU A 1259 7.60 31.74 -19.29
N ILE A 1260 7.40 31.10 -20.44
CA ILE A 1260 7.99 31.61 -21.71
C ILE A 1260 7.41 33.00 -21.95
N ASP A 1261 6.10 33.17 -21.76
CA ASP A 1261 5.43 34.48 -21.96
C ASP A 1261 5.96 35.53 -20.97
N ALA A 1262 6.31 35.13 -19.74
CA ALA A 1262 6.87 36.04 -18.72
C ALA A 1262 8.36 36.34 -18.98
N ASP A 1263 8.96 35.75 -20.03
CA ASP A 1263 10.36 36.01 -20.46
C ASP A 1263 11.39 35.49 -19.44
N ILE A 1264 10.97 34.72 -18.45
CA ILE A 1264 11.89 34.21 -17.38
C ILE A 1264 12.82 33.13 -17.94
N PRO A 1265 12.48 32.24 -18.93
CA PRO A 1265 13.39 31.15 -19.31
C PRO A 1265 14.76 31.57 -19.84
N LYS A 1266 14.89 32.72 -20.50
CA LYS A 1266 16.20 33.25 -20.96
C LYS A 1266 17.12 33.52 -19.76
N THR A 1267 16.59 34.05 -18.67
CA THR A 1267 17.37 34.36 -17.44
C THR A 1267 17.43 33.14 -16.51
N LEU A 1268 18.06 32.04 -16.89
CA LEU A 1268 18.08 30.82 -16.03
C LEU A 1268 19.49 30.26 -15.91
N ASN A 1269 19.81 29.68 -14.76
CA ASN A 1269 21.14 29.11 -14.45
C ASN A 1269 21.03 27.60 -14.53
N THR A 1270 21.20 27.05 -15.72
CA THR A 1270 20.85 25.63 -15.96
C THR A 1270 22.03 24.83 -16.49
N ILE A 1271 23.09 25.47 -16.98
CA ILE A 1271 24.19 24.73 -17.65
C ILE A 1271 25.41 24.81 -16.75
N GLN A 1272 26.17 23.73 -16.71
CA GLN A 1272 27.35 23.61 -15.80
C GLN A 1272 28.35 24.71 -16.13
N PHE A 1273 29.27 24.98 -15.21
CA PHE A 1273 30.30 26.02 -15.45
C PHE A 1273 31.65 25.37 -15.79
N THR A 1274 31.87 25.03 -17.05
CA THR A 1274 33.18 24.59 -17.56
C THR A 1274 33.83 25.80 -18.19
N PRO A 1275 34.58 26.62 -17.42
CA PRO A 1275 34.94 27.96 -17.88
C PRO A 1275 35.77 28.00 -19.16
N ARG A 1276 36.32 26.87 -19.61
CA ARG A 1276 37.24 26.89 -20.77
C ARG A 1276 36.50 26.54 -22.08
N TYR A 1277 35.69 25.47 -22.11
CA TYR A 1277 35.11 24.95 -23.37
C TYR A 1277 33.68 25.48 -23.58
N THR A 1278 33.01 25.96 -22.54
CA THR A 1278 31.60 26.43 -22.66
C THR A 1278 31.44 27.78 -21.98
N TRP A 1279 32.25 28.76 -22.33
CA TRP A 1279 32.08 30.11 -21.75
C TRP A 1279 32.78 31.15 -22.60
N LEU A 1280 32.06 32.22 -22.98
CA LEU A 1280 32.69 33.36 -23.67
C LEU A 1280 32.99 34.39 -22.59
N PRO A 1281 34.27 34.79 -22.37
CA PRO A 1281 34.61 35.71 -21.29
C PRO A 1281 34.07 37.11 -21.56
N PRO A 1282 33.82 37.94 -20.52
CA PRO A 1282 33.30 39.28 -20.74
C PRO A 1282 34.24 40.09 -21.64
N GLY A 1283 33.70 40.80 -22.62
CA GLY A 1283 34.48 41.67 -23.52
C GLY A 1283 35.30 40.91 -24.55
N ILE A 1284 35.06 39.61 -24.71
CA ILE A 1284 35.79 38.75 -25.68
C ILE A 1284 34.74 37.95 -26.44
N SER A 1285 34.71 38.05 -27.78
CA SER A 1285 33.62 37.41 -28.56
C SER A 1285 34.20 36.73 -29.81
N LEU A 1286 33.35 36.07 -30.58
CA LEU A 1286 33.74 35.48 -31.89
C LEU A 1286 34.00 36.61 -32.88
N PRO A 1287 34.70 36.39 -34.02
CA PRO A 1287 34.87 37.45 -35.02
C PRO A 1287 33.50 37.98 -35.47
N HIS A 1288 33.35 39.29 -35.45
CA HIS A 1288 32.04 39.93 -35.74
C HIS A 1288 31.49 39.42 -37.08
N ASN A 1289 32.34 39.25 -38.09
CA ASN A 1289 31.88 38.81 -39.42
C ASN A 1289 31.23 37.44 -39.28
N VAL A 1290 31.88 36.52 -38.60
CA VAL A 1290 31.35 35.13 -38.42
C VAL A 1290 30.06 35.19 -37.60
N LEU A 1291 30.04 36.00 -36.53
CA LEU A 1291 28.85 36.05 -35.64
C LEU A 1291 27.65 36.57 -36.43
N ALA A 1292 27.86 37.55 -37.32
CA ALA A 1292 26.78 38.08 -38.19
C ALA A 1292 26.28 36.96 -39.12
N LEU A 1293 27.18 36.19 -39.73
CA LEU A 1293 26.81 35.09 -40.66
C LEU A 1293 25.98 34.05 -39.91
N TRP A 1294 26.37 33.69 -38.69
CA TRP A 1294 25.67 32.63 -37.92
C TRP A 1294 24.21 33.08 -37.78
N ARG A 1295 24.00 34.32 -37.39
CA ARG A 1295 22.64 34.88 -37.19
C ARG A 1295 21.94 35.12 -38.54
N GLU A 1296 22.64 35.66 -39.55
CA GLU A 1296 22.00 36.03 -40.84
C GLU A 1296 21.46 34.80 -41.58
N ASN A 1297 22.25 33.73 -41.68
CA ASN A 1297 21.84 32.54 -42.46
C ASN A 1297 21.48 31.41 -41.50
N PRO A 1298 20.20 30.98 -41.44
CA PRO A 1298 19.84 29.84 -40.62
C PRO A 1298 20.45 28.58 -41.22
N GLU A 1299 20.60 28.56 -42.54
CA GLU A 1299 21.07 27.34 -43.25
C GLU A 1299 22.55 27.02 -42.93
N PHE A 1300 23.43 28.03 -43.01
CA PHE A 1300 24.87 27.88 -42.70
C PHE A 1300 25.06 27.66 -41.21
N ALA A 1301 24.18 28.25 -40.40
CA ALA A 1301 24.28 28.19 -38.94
C ALA A 1301 24.32 26.71 -38.58
N LYS A 1302 23.49 25.93 -39.28
CA LYS A 1302 23.38 24.48 -39.01
C LYS A 1302 24.73 23.80 -39.31
N ILE A 1303 25.38 24.17 -40.41
CA ILE A 1303 26.66 23.51 -40.82
C ILE A 1303 27.83 24.12 -40.05
N ILE A 1304 27.78 25.41 -39.68
CA ILE A 1304 28.86 26.04 -38.87
C ILE A 1304 29.00 25.22 -37.59
N GLY A 1305 30.18 24.66 -37.32
CA GLY A 1305 30.37 23.75 -36.18
C GLY A 1305 31.73 23.92 -35.50
N PRO A 1306 32.09 23.05 -34.51
CA PRO A 1306 33.32 23.22 -33.75
C PRO A 1306 34.58 23.14 -34.61
N HIS A 1307 34.74 22.06 -35.36
CA HIS A 1307 35.96 21.85 -36.20
C HIS A 1307 36.20 23.09 -37.07
N ASN A 1308 35.15 23.61 -37.71
CA ASN A 1308 35.28 24.75 -38.63
C ASN A 1308 35.76 25.98 -37.84
N LEU A 1309 35.20 26.21 -36.66
CA LEU A 1309 35.50 27.42 -35.85
C LEU A 1309 36.97 27.42 -35.39
N ARG A 1310 37.51 26.26 -35.00
CA ARG A 1310 38.89 26.18 -34.43
C ARG A 1310 39.91 26.42 -35.54
N ASP A 1311 39.57 26.09 -36.78
CA ASP A 1311 40.52 26.23 -37.92
C ASP A 1311 40.72 27.69 -38.29
N LEU A 1312 39.87 28.60 -37.78
CA LEU A 1312 39.95 30.02 -38.16
C LEU A 1312 41.32 30.61 -37.82
N ALA A 1313 41.89 30.28 -36.66
CA ALA A 1313 43.27 30.65 -36.26
C ALA A 1313 43.54 32.16 -36.47
N LEU A 1314 42.72 33.03 -35.88
CA LEU A 1314 42.96 34.50 -35.90
C LEU A 1314 44.22 34.81 -35.06
N GLY A 1315 44.94 35.88 -35.37
CA GLY A 1315 46.16 36.23 -34.62
C GLY A 1315 46.49 37.71 -34.69
N ASP A 1316 47.03 38.27 -33.60
CA ASP A 1316 47.52 39.66 -33.55
C ASP A 1316 46.38 40.62 -33.89
N GLU A 1317 46.47 41.41 -34.97
CA GLU A 1317 45.48 42.45 -35.31
C GLU A 1317 44.09 41.82 -35.39
N GLU A 1318 43.99 40.65 -36.00
CA GLU A 1318 42.68 39.97 -36.19
C GLU A 1318 42.04 39.71 -34.82
N SER A 1319 42.82 39.30 -33.81
CA SER A 1319 42.26 38.92 -32.51
C SER A 1319 42.36 40.07 -31.50
N LEU A 1320 42.93 41.21 -31.87
CA LEU A 1320 43.13 42.30 -30.86
C LEU A 1320 42.50 43.61 -31.34
N VAL A 1321 43.22 44.41 -32.13
CA VAL A 1321 42.76 45.78 -32.51
C VAL A 1321 41.54 45.68 -33.43
N LYS A 1322 41.64 44.96 -34.54
CA LYS A 1322 40.54 44.87 -35.53
C LYS A 1322 39.63 43.72 -35.15
N GLY A 1323 38.33 43.99 -34.96
CA GLY A 1323 37.37 42.97 -34.52
C GLY A 1323 37.05 41.99 -35.62
N ASN A 1324 36.68 42.50 -36.79
CA ASN A 1324 36.19 41.63 -37.89
C ASN A 1324 37.30 40.71 -38.36
N CYS A 1325 36.95 39.49 -38.76
CA CYS A 1325 37.90 38.49 -39.32
C CYS A 1325 38.35 38.93 -40.72
N SER A 1326 39.55 38.55 -41.14
CA SER A 1326 40.06 38.84 -42.51
C SER A 1326 39.26 38.06 -43.56
N ASP A 1327 39.16 38.58 -44.78
CA ASP A 1327 38.35 37.99 -45.88
C ASP A 1327 38.89 36.60 -46.23
N ILE A 1328 40.20 36.44 -46.27
CA ILE A 1328 40.85 35.13 -46.59
C ILE A 1328 40.45 34.10 -45.54
N ASN A 1329 40.50 34.47 -44.26
CA ASN A 1329 40.07 33.54 -43.18
C ASN A 1329 38.59 33.21 -43.40
N TYR A 1330 37.77 34.21 -43.69
CA TYR A 1330 36.31 34.01 -43.91
C TYR A 1330 36.11 32.95 -45.00
N ASN A 1331 36.86 33.07 -46.09
CA ASN A 1331 36.78 32.11 -47.23
C ASN A 1331 37.18 30.73 -46.72
N ARG A 1332 38.25 30.65 -45.94
CA ARG A 1332 38.75 29.37 -45.39
C ARG A 1332 37.63 28.75 -44.55
N PHE A 1333 36.94 29.57 -43.75
CA PHE A 1333 35.83 29.13 -42.86
C PHE A 1333 34.67 28.58 -43.69
N VAL A 1334 34.17 29.35 -44.65
CA VAL A 1334 32.93 28.97 -45.39
C VAL A 1334 33.19 27.66 -46.15
N GLU A 1335 34.34 27.54 -46.78
CA GLU A 1335 34.68 26.31 -47.55
C GLU A 1335 34.64 25.15 -46.57
N GLY A 1336 35.14 25.37 -45.35
CA GLY A 1336 35.14 24.34 -44.30
C GLY A 1336 33.74 23.89 -43.98
N CYS A 1337 32.81 24.84 -43.84
CA CYS A 1337 31.42 24.51 -43.45
C CYS A 1337 30.76 23.65 -44.53
N ARG A 1338 30.94 24.00 -45.80
CA ARG A 1338 30.38 23.23 -46.94
C ARG A 1338 30.99 21.84 -46.92
N ALA A 1339 32.30 21.74 -46.69
CA ALA A 1339 33.03 20.46 -46.78
C ALA A 1339 32.37 19.42 -45.86
N ASN A 1340 32.10 19.76 -44.59
CA ASN A 1340 31.61 18.73 -43.64
C ASN A 1340 30.37 18.06 -44.26
N GLY A 1341 29.39 18.83 -44.71
CA GLY A 1341 28.15 18.28 -45.27
C GLY A 1341 28.43 17.43 -46.50
N GLN A 1342 29.28 17.90 -47.40
CA GLN A 1342 29.55 17.20 -48.68
C GLN A 1342 30.47 16.01 -48.43
N SER A 1343 31.10 15.93 -47.26
CA SER A 1343 32.11 14.87 -47.03
C SER A 1343 31.64 13.88 -45.97
N PHE A 1344 32.06 14.05 -44.73
CA PHE A 1344 31.77 13.09 -43.64
C PHE A 1344 31.24 13.86 -42.43
N TYR A 1345 30.65 13.15 -41.47
CA TYR A 1345 30.01 13.72 -40.26
C TYR A 1345 29.06 14.85 -40.70
N ALA A 1346 28.36 14.64 -41.81
CA ALA A 1346 27.32 15.58 -42.31
C ALA A 1346 26.03 15.34 -41.51
N GLY A 1347 25.16 16.34 -41.47
CA GLY A 1347 23.87 16.26 -40.75
C GLY A 1347 24.06 15.82 -39.31
N ALA A 1348 25.10 16.31 -38.66
CA ALA A 1348 25.36 16.09 -37.22
C ALA A 1348 24.93 17.32 -36.44
N ASP A 1349 24.27 17.14 -35.30
CA ASP A 1349 23.79 18.26 -34.46
C ASP A 1349 24.98 18.68 -33.58
N PHE A 1350 25.82 19.57 -34.10
CA PHE A 1350 26.95 20.16 -33.36
C PHE A 1350 26.40 21.29 -32.51
N SER A 1351 25.08 21.33 -32.34
CA SER A 1351 24.42 22.47 -31.65
C SER A 1351 24.96 22.55 -30.22
N SER A 1352 25.17 21.44 -29.54
CA SER A 1352 25.65 21.51 -28.15
C SER A 1352 26.95 22.31 -28.08
N GLU A 1353 27.92 21.94 -28.91
CA GLU A 1353 29.27 22.55 -28.85
C GLU A 1353 29.21 24.01 -29.27
N VAL A 1354 28.53 24.33 -30.37
CA VAL A 1354 28.62 25.70 -30.92
C VAL A 1354 27.47 26.59 -30.40
N ASN A 1355 26.54 26.05 -29.62
CA ASN A 1355 25.50 26.92 -29.01
C ASN A 1355 26.17 27.95 -28.12
N PHE A 1356 27.15 27.54 -27.31
CA PHE A 1356 27.82 28.43 -26.35
C PHE A 1356 28.42 29.61 -27.11
N CYS A 1357 28.84 29.38 -28.34
CA CYS A 1357 29.38 30.50 -29.16
C CYS A 1357 28.34 31.59 -29.46
N VAL A 1358 27.11 31.27 -29.84
CA VAL A 1358 26.17 32.30 -30.36
C VAL A 1358 25.23 32.79 -29.25
N GLY A 1359 25.39 32.26 -28.04
CA GLY A 1359 24.54 32.58 -26.88
C GLY A 1359 23.15 31.98 -26.98
N LEU A 1360 23.05 30.65 -27.02
CA LEU A 1360 21.75 29.93 -26.95
C LEU A 1360 21.92 28.79 -25.96
N VAL A 1361 20.86 28.42 -25.24
CA VAL A 1361 20.88 27.25 -24.32
C VAL A 1361 19.73 26.32 -24.71
N THR A 1362 19.90 25.04 -24.44
CA THR A 1362 18.82 24.04 -24.56
C THR A 1362 18.38 23.65 -23.16
N ILE A 1363 17.15 23.99 -22.79
CA ILE A 1363 16.61 23.61 -21.46
C ILE A 1363 15.43 22.70 -21.70
N PRO A 1364 15.30 21.60 -20.92
CA PRO A 1364 14.11 20.75 -21.04
C PRO A 1364 12.81 21.50 -20.75
N ASN A 1365 11.68 20.86 -21.01
CA ASN A 1365 10.37 21.44 -20.67
C ASN A 1365 10.07 21.22 -19.19
N LYS A 1366 10.94 20.55 -18.44
CA LYS A 1366 10.69 20.27 -17.01
C LYS A 1366 11.22 21.43 -16.17
N VAL A 1367 12.46 21.85 -16.43
CA VAL A 1367 13.15 22.88 -15.61
C VAL A 1367 12.34 24.19 -15.62
N ILE A 1368 11.74 24.56 -16.75
CA ILE A 1368 10.97 25.83 -16.88
C ILE A 1368 9.78 25.80 -15.91
N ALA A 1369 9.01 24.72 -15.90
CA ALA A 1369 7.84 24.54 -15.01
C ALA A 1369 8.32 24.53 -13.55
N ASP A 1370 9.43 23.86 -13.30
CA ASP A 1370 9.97 23.79 -11.92
C ASP A 1370 10.31 25.21 -11.46
N THR A 1371 10.87 26.04 -12.33
CA THR A 1371 11.23 27.44 -12.02
C THR A 1371 9.97 28.23 -11.70
N LEU A 1372 8.92 28.08 -12.50
CA LEU A 1372 7.68 28.81 -12.17
C LEU A 1372 7.28 28.44 -10.73
N GLU A 1373 7.28 27.13 -10.45
CA GLU A 1373 6.82 26.66 -9.12
C GLU A 1373 7.72 27.24 -8.04
N ALA A 1374 9.04 27.27 -8.23
CA ALA A 1374 10.02 27.78 -7.23
C ALA A 1374 9.84 29.27 -6.96
N LEU A 1375 9.58 30.07 -8.00
CA LEU A 1375 9.32 31.51 -7.80
C LEU A 1375 8.04 31.65 -6.96
N LEU A 1376 7.00 30.89 -7.29
CA LEU A 1376 5.76 30.93 -6.48
C LEU A 1376 6.12 30.61 -5.03
N GLY A 1377 6.98 29.61 -4.83
CA GLY A 1377 7.42 29.16 -3.49
C GLY A 1377 8.10 30.27 -2.72
N VAL A 1378 9.06 30.95 -3.34
CA VAL A 1378 9.76 32.10 -2.68
C VAL A 1378 8.68 33.07 -2.21
N ILE A 1379 7.80 33.46 -3.13
CA ILE A 1379 6.82 34.50 -2.76
C ILE A 1379 6.01 33.99 -1.56
N VAL A 1380 5.51 32.76 -1.62
CA VAL A 1380 4.63 32.22 -0.54
C VAL A 1380 5.40 32.29 0.78
N LYS A 1381 6.58 31.69 0.83
CA LYS A 1381 7.34 31.60 2.08
C LYS A 1381 7.49 32.99 2.68
N ASN A 1382 7.90 33.99 1.91
CA ASN A 1382 8.21 35.29 2.54
C ASN A 1382 6.97 36.17 2.74
N TYR A 1383 5.86 35.94 2.04
CA TYR A 1383 4.73 36.91 2.09
C TYR A 1383 3.38 36.29 2.44
N GLY A 1384 3.29 34.98 2.70
CA GLY A 1384 2.00 34.32 2.97
C GLY A 1384 1.18 34.18 1.70
N LEU A 1385 -0.10 33.84 1.87
CA LEU A 1385 -0.91 33.22 0.79
C LEU A 1385 -1.58 34.27 -0.07
N GLN A 1386 -2.01 35.38 0.53
CA GLN A 1386 -2.78 36.42 -0.20
C GLN A 1386 -1.87 37.10 -1.24
N HIS A 1387 -0.67 37.51 -0.84
CA HIS A 1387 0.28 38.13 -1.80
C HIS A 1387 0.67 37.08 -2.85
N ALA A 1388 0.82 35.82 -2.46
CA ALA A 1388 1.14 34.73 -3.41
C ALA A 1388 0.01 34.53 -4.43
N PHE A 1389 -1.25 34.69 -4.02
CA PHE A 1389 -2.39 34.50 -4.94
C PHE A 1389 -2.26 35.52 -6.07
N LYS A 1390 -1.90 36.75 -5.72
CA LYS A 1390 -1.76 37.79 -6.75
C LYS A 1390 -0.79 37.28 -7.81
N MET A 1391 0.24 36.54 -7.40
CA MET A 1391 1.29 36.09 -8.36
C MET A 1391 0.66 35.19 -9.42
N LEU A 1392 -0.36 34.42 -9.06
CA LEU A 1392 -0.93 33.44 -10.03
C LEU A 1392 -1.63 34.17 -11.16
N GLU A 1393 -2.09 35.39 -10.93
CA GLU A 1393 -2.70 36.17 -12.04
C GLU A 1393 -1.58 36.89 -12.77
N TYR A 1394 -0.45 37.14 -12.11
CA TYR A 1394 0.73 37.66 -12.85
C TYR A 1394 1.10 36.65 -13.90
N PHE A 1395 1.26 35.39 -13.54
CA PHE A 1395 1.68 34.42 -14.58
C PHE A 1395 0.52 34.11 -15.53
N LYS A 1396 -0.70 34.60 -15.24
CA LYS A 1396 -1.91 34.35 -16.05
C LYS A 1396 -2.21 32.84 -16.06
N ILE A 1397 -2.09 32.20 -14.91
CA ILE A 1397 -2.59 30.81 -14.73
C ILE A 1397 -4.07 30.92 -14.38
N CYS A 1398 -4.39 31.60 -13.30
CA CYS A 1398 -5.79 31.79 -12.89
C CYS A 1398 -6.29 33.12 -13.43
N ARG A 1399 -7.12 33.14 -14.48
CA ARG A 1399 -7.75 34.42 -14.92
C ARG A 1399 -8.62 34.94 -13.77
N ALA A 1400 -8.66 36.26 -13.54
CA ALA A 1400 -9.33 36.79 -12.34
C ALA A 1400 -10.67 37.42 -12.72
N ASP A 1401 -11.75 37.02 -12.04
CA ASP A 1401 -13.11 37.60 -12.26
C ASP A 1401 -13.12 39.02 -11.68
N ILE A 1402 -13.81 39.95 -12.34
CA ILE A 1402 -13.95 41.33 -11.82
C ILE A 1402 -14.77 41.30 -10.52
N ASP A 1403 -15.83 40.50 -10.48
CA ASP A 1403 -16.74 40.43 -9.30
C ASP A 1403 -15.98 39.89 -8.09
N LYS A 1404 -15.16 38.85 -8.27
CA LYS A 1404 -14.45 38.19 -7.15
C LYS A 1404 -12.95 38.42 -7.29
N PRO A 1405 -12.29 39.16 -6.36
CA PRO A 1405 -10.85 39.36 -6.45
C PRO A 1405 -10.11 38.04 -6.21
N LEU A 1406 -8.90 37.92 -6.77
CA LEU A 1406 -8.10 36.68 -6.62
C LEU A 1406 -7.58 36.56 -5.19
N THR A 1407 -7.17 37.68 -4.61
CA THR A 1407 -6.59 37.71 -3.25
C THR A 1407 -7.57 37.11 -2.25
N GLN A 1408 -8.86 37.42 -2.39
CA GLN A 1408 -9.87 36.94 -1.42
C GLN A 1408 -10.38 35.56 -1.85
N LEU A 1409 -9.48 34.65 -2.25
CA LEU A 1409 -9.88 33.27 -2.68
C LEU A 1409 -10.18 32.43 -1.45
N LEU A 1410 -9.44 32.66 -0.37
CA LEU A 1410 -9.59 31.89 0.89
C LEU A 1410 -10.99 32.13 1.47
N ASN A 1411 -11.44 33.39 1.50
CA ASN A 1411 -12.73 33.74 2.17
C ASN A 1411 -13.86 33.73 1.13
N LEU A 1412 -13.55 33.37 -0.12
CA LEU A 1412 -14.59 33.26 -1.18
C LEU A 1412 -15.51 32.10 -0.86
N GLU A 1413 -16.75 32.16 -1.34
CA GLU A 1413 -17.79 31.15 -1.00
C GLU A 1413 -17.48 29.86 -1.76
N LEU A 1414 -16.78 28.93 -1.12
CA LEU A 1414 -16.42 27.63 -1.75
C LEU A 1414 -17.68 26.73 -1.83
N GLY A 1415 -18.71 27.00 -1.02
CA GLY A 1415 -19.99 26.26 -1.00
C GLY A 1415 -20.48 25.88 -2.38
N ASN A 1424 -34.63 22.67 9.50
CA ASN A 1424 -33.65 21.91 8.69
C ASN A 1424 -32.65 21.28 9.65
N THR A 1425 -32.42 21.91 10.80
CA THR A 1425 -31.47 21.42 11.81
C THR A 1425 -31.86 20.01 12.27
N THR A 1426 -33.11 19.79 12.65
CA THR A 1426 -33.55 18.49 13.21
C THR A 1426 -33.40 17.38 12.15
N GLU A 1427 -33.70 17.67 10.89
CA GLU A 1427 -33.59 16.68 9.82
C GLU A 1427 -32.12 16.29 9.65
N ILE A 1428 -31.21 17.27 9.66
CA ILE A 1428 -29.75 17.01 9.45
C ILE A 1428 -29.29 16.12 10.59
N ASP A 1429 -29.74 16.39 11.81
CA ASP A 1429 -29.25 15.64 12.99
C ASP A 1429 -29.63 14.17 12.90
N GLY A 1430 -30.70 13.83 12.18
CA GLY A 1430 -31.15 12.42 12.08
C GLY A 1430 -30.06 11.56 11.48
N PHE A 1431 -29.39 12.02 10.43
CA PHE A 1431 -28.35 11.22 9.72
C PHE A 1431 -27.13 11.08 10.62
N LEU A 1432 -26.78 12.12 11.36
CA LEU A 1432 -25.58 12.12 12.23
C LEU A 1432 -26.02 11.58 13.59
N ILE A 1433 -26.00 10.27 13.81
CA ILE A 1433 -26.59 9.74 15.07
C ILE A 1433 -25.63 9.99 16.22
N ASN A 1434 -24.42 9.45 16.23
CA ASN A 1434 -23.55 9.72 17.38
C ASN A 1434 -22.42 10.66 16.95
N HIS A 1435 -22.77 11.86 16.48
CA HIS A 1435 -21.79 12.86 15.96
C HIS A 1435 -20.92 13.40 17.08
N TYR A 1436 -21.39 13.34 18.33
CA TYR A 1436 -20.55 13.77 19.48
C TYR A 1436 -19.26 12.96 19.48
N TYR A 1437 -19.33 11.67 19.19
CA TYR A 1437 -18.14 10.80 19.19
C TYR A 1437 -17.30 11.07 17.94
N LEU A 1438 -17.93 11.35 16.80
CA LEU A 1438 -17.17 11.73 15.58
C LEU A 1438 -16.37 12.99 15.88
N GLU A 1439 -17.02 13.99 16.47
CA GLU A 1439 -16.35 15.28 16.74
C GLU A 1439 -15.26 15.05 17.78
N LYS A 1440 -15.51 14.24 18.79
CA LYS A 1440 -14.52 13.98 19.85
C LYS A 1440 -13.29 13.30 19.25
N ASN A 1441 -13.47 12.40 18.30
CA ASN A 1441 -12.34 11.65 17.72
C ASN A 1441 -11.62 12.53 16.69
N LEU A 1442 -12.38 13.31 15.92
CA LEU A 1442 -11.81 14.22 14.88
C LEU A 1442 -11.09 15.39 15.57
N GLY A 1443 -11.62 15.85 16.70
CA GLY A 1443 -11.00 16.90 17.52
C GLY A 1443 -11.59 18.25 17.18
N TYR A 1444 -12.50 18.30 16.21
CA TYR A 1444 -13.20 19.54 15.82
C TYR A 1444 -14.70 19.39 16.00
N THR A 1445 -15.36 20.34 16.65
CA THR A 1445 -16.83 20.35 16.83
C THR A 1445 -17.46 21.21 15.74
N PHE A 1446 -18.42 20.68 14.99
CA PHE A 1446 -19.04 21.40 13.86
C PHE A 1446 -20.18 22.28 14.37
N LYS A 1447 -20.17 23.56 14.03
CA LYS A 1447 -21.30 24.49 14.31
C LYS A 1447 -22.40 24.22 13.27
N ASP A 1448 -22.10 24.45 12.01
CA ASP A 1448 -23.04 24.17 10.91
C ASP A 1448 -22.83 22.72 10.53
N ARG A 1449 -23.68 21.82 11.00
CA ARG A 1449 -23.45 20.36 10.80
C ARG A 1449 -23.94 19.94 9.41
N ARG A 1450 -24.19 20.88 8.51
CA ARG A 1450 -24.49 20.51 7.12
C ARG A 1450 -23.18 20.14 6.42
N TYR A 1451 -22.05 20.66 6.89
CA TYR A 1451 -20.74 20.31 6.30
C TYR A 1451 -20.35 18.91 6.74
N LEU A 1452 -20.59 18.59 8.00
CA LEU A 1452 -20.37 17.22 8.52
C LEU A 1452 -21.20 16.22 7.70
N LEU A 1453 -22.46 16.55 7.46
CA LEU A 1453 -23.35 15.67 6.69
C LEU A 1453 -22.83 15.51 5.28
N GLN A 1454 -22.30 16.52 4.65
CA GLN A 1454 -21.87 16.32 3.25
C GLN A 1454 -20.54 15.58 3.25
N ALA A 1455 -19.74 15.78 4.28
CA ALA A 1455 -18.47 15.04 4.33
C ALA A 1455 -18.73 13.54 4.47
N LEU A 1456 -19.86 13.13 5.03
CA LEU A 1456 -20.08 11.69 5.35
C LEU A 1456 -20.90 11.04 4.23
N THR A 1457 -21.52 11.78 3.34
CA THR A 1457 -22.51 11.16 2.42
C THR A 1457 -21.84 10.58 1.18
N HIS A 1458 -21.66 9.27 1.15
CA HIS A 1458 -21.27 8.53 -0.09
C HIS A 1458 -22.33 8.78 -1.16
N PRO A 1459 -21.94 8.89 -2.46
CA PRO A 1459 -22.91 9.03 -3.54
C PRO A 1459 -24.00 7.96 -3.57
N SER A 1460 -23.72 6.76 -3.07
CA SER A 1460 -24.76 5.70 -2.98
C SER A 1460 -25.58 5.91 -1.70
N TYR A 1461 -26.18 7.07 -1.48
CA TYR A 1461 -27.07 7.30 -0.32
C TYR A 1461 -28.36 7.95 -0.81
N PRO A 1462 -29.54 7.28 -0.70
CA PRO A 1462 -30.77 7.84 -1.26
C PRO A 1462 -31.56 8.77 -0.33
N THR A 1463 -31.21 8.82 0.94
CA THR A 1463 -32.06 9.51 1.94
C THR A 1463 -31.54 10.93 2.21
N ASN A 1464 -30.35 11.29 1.77
CA ASN A 1464 -29.78 12.63 2.05
C ASN A 1464 -30.01 13.53 0.85
N ARG A 1465 -31.13 14.24 0.83
CA ARG A 1465 -31.45 15.16 -0.29
C ARG A 1465 -31.16 16.60 0.12
N ILE A 1466 -30.61 16.82 1.31
CA ILE A 1466 -30.28 18.18 1.83
C ILE A 1466 -28.99 18.67 1.19
N THR A 1467 -27.95 17.84 1.19
CA THR A 1467 -26.60 18.21 0.73
C THR A 1467 -26.19 17.34 -0.44
N GLY A 1468 -24.93 17.43 -0.84
CA GLY A 1468 -24.40 16.66 -1.97
C GLY A 1468 -23.55 15.51 -1.49
N SER A 1469 -22.58 15.10 -2.28
CA SER A 1469 -21.74 13.93 -1.96
C SER A 1469 -20.55 14.38 -1.12
N TYR A 1470 -19.63 13.48 -0.91
CA TYR A 1470 -18.34 13.76 -0.25
C TYR A 1470 -17.37 14.15 -1.32
N GLN A 1471 -17.72 13.91 -2.58
CA GLN A 1471 -16.81 14.08 -3.73
C GLN A 1471 -16.47 15.55 -4.02
N GLU A 1472 -17.38 16.48 -3.78
CA GLU A 1472 -17.10 17.91 -3.97
C GLU A 1472 -16.11 18.38 -2.92
N LEU A 1473 -16.32 17.98 -1.68
CA LEU A 1473 -15.47 18.44 -0.56
C LEU A 1473 -14.10 17.77 -0.65
N GLU A 1474 -13.99 16.53 -1.13
CA GLU A 1474 -12.66 15.88 -1.17
C GLU A 1474 -11.75 16.75 -2.02
N PHE A 1475 -12.22 17.18 -3.20
CA PHE A 1475 -11.44 18.03 -4.13
C PHE A 1475 -10.79 19.15 -3.31
N ILE A 1476 -11.59 19.93 -2.60
CA ILE A 1476 -11.11 21.09 -1.81
C ILE A 1476 -10.21 20.55 -0.70
N GLY A 1477 -10.55 19.40 -0.12
CA GLY A 1477 -9.83 18.83 1.02
C GLY A 1477 -8.44 18.31 0.69
N ASP A 1478 -8.24 17.70 -0.46
CA ASP A 1478 -6.92 17.08 -0.73
C ASP A 1478 -5.91 18.20 -0.98
N ALA A 1479 -6.38 19.36 -1.41
CA ALA A 1479 -5.51 20.54 -1.60
C ALA A 1479 -5.19 21.18 -0.25
N ILE A 1480 -6.18 21.36 0.61
CA ILE A 1480 -5.95 21.99 1.93
C ILE A 1480 -4.97 21.10 2.69
N LEU A 1481 -5.11 19.78 2.56
CA LEU A 1481 -4.24 18.85 3.32
C LEU A 1481 -2.86 18.92 2.70
N ASP A 1482 -2.77 18.77 1.38
CA ASP A 1482 -1.45 18.74 0.71
C ASP A 1482 -0.73 20.03 1.07
N PHE A 1483 -1.37 21.19 0.88
CA PHE A 1483 -0.64 22.45 1.13
C PHE A 1483 -0.17 22.46 2.58
N LEU A 1484 -1.03 22.21 3.56
CA LEU A 1484 -0.62 22.40 4.97
C LEU A 1484 0.49 21.40 5.30
N ILE A 1485 0.37 20.16 4.87
CA ILE A 1485 1.39 19.11 5.19
C ILE A 1485 2.70 19.58 4.59
N SER A 1486 2.70 20.04 3.34
CA SER A 1486 3.92 20.48 2.63
C SER A 1486 4.53 21.68 3.36
N ALA A 1487 3.75 22.67 3.76
CA ALA A 1487 4.33 23.81 4.49
C ALA A 1487 5.02 23.27 5.75
N TYR A 1488 4.33 22.42 6.50
CA TYR A 1488 4.92 21.90 7.76
C TYR A 1488 6.23 21.21 7.41
N ILE A 1489 6.21 20.32 6.43
CA ILE A 1489 7.40 19.47 6.15
C ILE A 1489 8.50 20.43 5.76
N PHE A 1490 8.28 21.39 4.87
CA PHE A 1490 9.33 22.33 4.43
C PHE A 1490 9.95 22.92 5.70
N GLU A 1491 9.13 23.59 6.48
CA GLU A 1491 9.63 24.40 7.62
C GLU A 1491 10.40 23.52 8.62
N ASN A 1492 9.97 22.29 8.89
CA ASN A 1492 10.59 21.50 9.97
C ASN A 1492 11.60 20.45 9.47
N ASN A 1493 11.55 20.03 8.22
CA ASN A 1493 12.46 18.97 7.75
C ASN A 1493 13.43 19.64 6.79
N THR A 1494 14.30 20.49 7.31
CA THR A 1494 15.31 21.23 6.50
C THR A 1494 16.63 20.47 6.42
N LYS A 1495 16.73 19.32 7.06
CA LYS A 1495 17.95 18.49 6.99
C LYS A 1495 17.71 17.31 6.05
N MET A 1496 16.60 17.33 5.30
CA MET A 1496 16.26 16.22 4.38
C MET A 1496 16.37 16.73 2.95
N ASN A 1497 16.90 15.95 2.04
CA ASN A 1497 17.13 16.41 0.64
C ASN A 1497 15.77 16.59 -0.05
N PRO A 1498 15.66 17.38 -1.15
CA PRO A 1498 14.39 17.55 -1.86
C PRO A 1498 13.76 16.25 -2.39
N GLY A 1499 14.57 15.25 -2.74
CA GLY A 1499 14.08 13.91 -3.15
C GLY A 1499 13.37 13.21 -2.00
N ALA A 1500 14.01 13.19 -0.83
CA ALA A 1500 13.42 12.59 0.37
C ALA A 1500 12.19 13.38 0.78
N LEU A 1501 12.17 14.69 0.59
CA LEU A 1501 10.95 15.49 0.94
C LEU A 1501 9.83 15.15 -0.03
N THR A 1502 10.11 14.96 -1.31
CA THR A 1502 9.05 14.55 -2.25
C THR A 1502 8.51 13.17 -1.83
N ASP A 1503 9.38 12.27 -1.40
CA ASP A 1503 8.95 10.90 -0.99
C ASP A 1503 8.11 10.97 0.29
N LEU A 1504 8.54 11.74 1.28
CA LEU A 1504 7.80 11.88 2.56
C LEU A 1504 6.45 12.54 2.29
N ARG A 1505 6.40 13.51 1.38
CA ARG A 1505 5.13 14.19 1.07
C ARG A 1505 4.18 13.21 0.37
N SER A 1506 4.68 12.47 -0.61
CA SER A 1506 3.83 11.53 -1.40
C SER A 1506 3.40 10.36 -0.51
N ALA A 1507 4.11 10.07 0.56
CA ALA A 1507 3.75 8.96 1.47
C ALA A 1507 2.93 9.47 2.65
N LEU A 1508 2.77 10.77 2.84
CA LEU A 1508 1.87 11.28 3.90
C LEU A 1508 0.49 11.59 3.33
N VAL A 1509 0.37 11.92 2.06
CA VAL A 1509 -0.94 12.23 1.44
C VAL A 1509 -1.39 11.07 0.57
N ASN A 1510 -0.93 9.85 0.78
CA ASN A 1510 -1.39 8.67 -0.01
C ASN A 1510 -2.86 8.39 0.32
N ASN A 1511 -3.53 7.53 -0.45
CA ASN A 1511 -4.95 7.13 -0.18
C ASN A 1511 -4.99 5.87 0.68
N THR A 1512 -3.85 5.34 1.08
CA THR A 1512 -3.79 4.22 2.02
C THR A 1512 -3.33 4.75 3.36
N THR A 1513 -2.62 5.87 3.40
CA THR A 1513 -2.24 6.53 4.67
C THR A 1513 -3.45 7.28 5.21
N LEU A 1514 -4.35 7.74 4.36
CA LEU A 1514 -5.55 8.44 4.84
C LEU A 1514 -6.59 7.42 5.31
N ALA A 1515 -6.68 6.27 4.65
CA ALA A 1515 -7.67 5.23 4.99
C ALA A 1515 -7.32 4.60 6.34
N CYS A 1516 -6.04 4.47 6.67
CA CYS A 1516 -5.57 3.96 7.99
C CYS A 1516 -6.01 4.91 9.10
N ILE A 1517 -5.84 6.21 8.93
CA ILE A 1517 -6.22 7.23 9.97
C ILE A 1517 -7.74 7.22 10.12
N CYS A 1518 -8.48 7.12 9.02
CA CYS A 1518 -9.96 7.16 9.05
C CYS A 1518 -10.45 6.01 9.95
N VAL A 1519 -9.90 4.83 9.76
CA VAL A 1519 -10.23 3.62 10.57
C VAL A 1519 -9.73 3.82 12.00
N ARG A 1520 -8.52 4.35 12.17
CA ARG A 1520 -7.90 4.53 13.52
C ARG A 1520 -8.78 5.45 14.38
N HIS A 1521 -9.24 6.56 13.81
CA HIS A 1521 -10.06 7.54 14.55
C HIS A 1521 -11.53 7.14 14.51
N ARG A 1522 -11.85 5.93 14.03
CA ARG A 1522 -13.23 5.38 14.07
C ARG A 1522 -14.20 6.35 13.39
N LEU A 1523 -13.83 6.90 12.24
CA LEU A 1523 -14.69 7.85 11.50
C LEU A 1523 -15.41 7.09 10.38
N HIS A 1524 -15.15 5.81 10.20
CA HIS A 1524 -15.77 5.07 9.08
C HIS A 1524 -17.12 4.50 9.49
N PHE A 1525 -17.47 4.62 10.77
CA PHE A 1525 -18.76 4.12 11.29
C PHE A 1525 -19.86 5.05 10.81
N PHE A 1526 -19.52 6.29 10.45
CA PHE A 1526 -20.53 7.33 10.14
C PHE A 1526 -20.65 7.58 8.64
N ILE A 1527 -19.91 6.85 7.80
CA ILE A 1527 -20.03 7.04 6.32
C ILE A 1527 -21.44 6.61 5.94
N LEU A 1528 -22.16 7.41 5.15
CA LEU A 1528 -23.54 7.07 4.76
C LEU A 1528 -23.54 6.36 3.41
N ALA A 1529 -23.64 5.04 3.40
CA ALA A 1529 -23.69 4.23 2.16
C ALA A 1529 -24.57 2.99 2.38
N GLU A 1530 -25.04 2.39 1.30
CA GLU A 1530 -25.85 1.15 1.35
C GLU A 1530 -25.32 0.17 0.30
N ASN A 1531 -24.02 0.18 0.02
CA ASN A 1531 -23.43 -0.72 -1.00
C ASN A 1531 -22.95 -1.99 -0.30
N ALA A 1532 -23.23 -3.15 -0.89
CA ALA A 1532 -22.82 -4.48 -0.37
C ALA A 1532 -21.31 -4.61 -0.48
N LYS A 1533 -20.78 -4.45 -1.68
CA LYS A 1533 -19.32 -4.54 -1.94
C LYS A 1533 -18.58 -3.60 -0.99
N LEU A 1534 -18.84 -2.29 -1.07
CA LEU A 1534 -18.09 -1.30 -0.26
C LEU A 1534 -18.08 -1.76 1.20
N SER A 1535 -19.21 -2.20 1.74
CA SER A 1535 -19.29 -2.52 3.19
C SER A 1535 -18.44 -3.75 3.51
N GLU A 1536 -18.42 -4.76 2.64
CA GLU A 1536 -17.54 -5.94 2.84
C GLU A 1536 -16.07 -5.51 2.73
N ILE A 1537 -15.73 -4.75 1.70
CA ILE A 1537 -14.32 -4.36 1.44
C ILE A 1537 -13.86 -3.44 2.58
N ILE A 1538 -14.77 -2.68 3.20
CA ILE A 1538 -14.41 -1.77 4.31
C ILE A 1538 -14.14 -2.63 5.54
N SER A 1539 -14.96 -3.65 5.76
CA SER A 1539 -14.86 -4.54 6.95
C SER A 1539 -13.60 -5.41 6.89
N LYS A 1540 -13.25 -5.94 5.72
CA LYS A 1540 -12.01 -6.73 5.57
C LYS A 1540 -10.83 -5.83 5.88
N PHE A 1541 -10.89 -4.57 5.47
CA PHE A 1541 -9.77 -3.62 5.68
C PHE A 1541 -9.72 -3.27 7.15
N VAL A 1542 -10.85 -2.93 7.75
CA VAL A 1542 -10.82 -2.49 9.16
C VAL A 1542 -10.37 -3.66 10.04
N ASN A 1543 -10.72 -4.88 9.68
CA ASN A 1543 -10.29 -6.05 10.50
C ASN A 1543 -8.81 -6.33 10.27
N PHE A 1544 -8.31 -6.09 9.08
CA PHE A 1544 -6.85 -6.15 8.81
C PHE A 1544 -6.15 -5.15 9.73
N GLN A 1545 -6.60 -3.90 9.69
CA GLN A 1545 -5.91 -2.80 10.40
C GLN A 1545 -6.03 -2.97 11.91
N GLU A 1546 -7.16 -3.44 12.41
CA GLU A 1546 -7.36 -3.60 13.87
C GLU A 1546 -6.31 -4.54 14.42
N SER A 1547 -5.87 -5.52 13.63
CA SER A 1547 -4.80 -6.46 14.04
C SER A 1547 -3.43 -5.81 13.83
N GLN A 1548 -3.26 -5.05 12.74
CA GLN A 1548 -1.96 -4.42 12.41
C GLN A 1548 -1.53 -3.46 13.52
N GLY A 1549 -2.47 -2.99 14.34
CA GLY A 1549 -2.20 -2.04 15.43
C GLY A 1549 -2.68 -0.65 15.08
N HIS A 1550 -3.36 -0.52 13.94
CA HIS A 1550 -3.86 0.78 13.39
C HIS A 1550 -2.63 1.62 13.00
N ARG A 1551 -1.68 1.01 12.32
CA ARG A 1551 -0.44 1.69 11.87
C ARG A 1551 -0.25 1.44 10.38
N VAL A 1552 0.41 2.36 9.69
CA VAL A 1552 0.67 2.23 8.23
C VAL A 1552 1.88 1.30 8.06
N THR A 1553 1.65 -0.01 8.15
CA THR A 1553 2.72 -1.04 7.99
C THR A 1553 3.08 -1.16 6.52
N ASN A 1554 4.16 -1.88 6.22
CA ASN A 1554 4.53 -2.13 4.80
C ASN A 1554 3.36 -2.84 4.13
N TYR A 1555 2.73 -3.81 4.79
CA TYR A 1555 1.70 -4.66 4.16
C TYR A 1555 0.57 -3.78 3.63
N VAL A 1556 0.19 -2.76 4.41
CA VAL A 1556 -0.95 -1.90 4.02
C VAL A 1556 -0.53 -1.17 2.74
N ARG A 1557 0.74 -0.78 2.62
CA ARG A 1557 1.20 -0.03 1.44
C ARG A 1557 1.19 -0.97 0.23
N ILE A 1558 1.42 -2.26 0.43
CA ILE A 1558 1.50 -3.20 -0.73
C ILE A 1558 0.08 -3.59 -1.18
N LEU A 1559 -0.93 -3.39 -0.33
CA LEU A 1559 -2.33 -3.78 -0.66
C LEU A 1559 -2.79 -3.03 -1.90
N LEU A 1560 -3.51 -3.71 -2.80
CA LEU A 1560 -4.01 -3.10 -4.06
C LEU A 1560 -4.96 -1.97 -3.70
N GLU A 1561 -4.96 -0.90 -4.48
CA GLU A 1561 -5.92 0.22 -4.29
C GLU A 1561 -6.84 0.31 -5.51
N GLU A 1562 -7.83 1.19 -5.45
CA GLU A 1562 -8.81 1.36 -6.56
C GLU A 1562 -8.08 1.76 -7.83
N ALA A 1563 -7.15 2.70 -7.77
CA ALA A 1563 -6.34 3.14 -8.93
C ALA A 1563 -5.64 1.96 -9.62
N ASP A 1564 -5.05 1.06 -8.85
CA ASP A 1564 -4.39 -0.14 -9.41
C ASP A 1564 -5.46 -1.21 -9.66
N VAL A 1565 -6.43 -0.95 -10.53
CA VAL A 1565 -7.58 -1.86 -10.78
C VAL A 1565 -7.73 -2.83 -9.60
N ASN A 1607 -11.43 -6.80 -6.57
CA ASN A 1607 -10.11 -7.31 -6.10
C ASN A 1607 -9.44 -6.26 -5.19
N VAL A 1608 -9.94 -5.04 -5.16
CA VAL A 1608 -9.41 -3.93 -4.34
C VAL A 1608 -9.35 -4.37 -2.87
N ASP A 1609 -8.24 -4.09 -2.19
CA ASP A 1609 -8.12 -4.39 -0.75
C ASP A 1609 -8.39 -3.11 0.05
N VAL A 1610 -7.86 -1.97 -0.39
CA VAL A 1610 -8.08 -0.66 0.28
C VAL A 1610 -9.23 0.03 -0.41
N PRO A 1611 -10.38 0.25 0.25
CA PRO A 1611 -11.48 0.98 -0.35
C PRO A 1611 -11.06 2.44 -0.47
N LYS A 1612 -11.37 3.09 -1.59
CA LYS A 1612 -11.04 4.52 -1.79
C LYS A 1612 -11.94 5.39 -0.90
N ALA A 1613 -13.18 5.01 -0.67
CA ALA A 1613 -14.16 5.84 0.07
C ALA A 1613 -13.62 6.19 1.44
N LEU A 1614 -12.92 5.27 2.09
CA LEU A 1614 -12.44 5.51 3.47
C LEU A 1614 -11.55 6.75 3.48
N GLY A 1615 -10.74 6.92 2.45
CA GLY A 1615 -9.75 8.01 2.40
C GLY A 1615 -10.36 9.32 1.93
N ASP A 1616 -11.22 9.27 0.92
CA ASP A 1616 -11.91 10.51 0.45
C ASP A 1616 -12.70 11.13 1.60
N VAL A 1617 -13.34 10.32 2.43
CA VAL A 1617 -14.13 10.83 3.58
C VAL A 1617 -13.16 11.54 4.51
N LEU A 1618 -11.97 11.01 4.79
CA LEU A 1618 -11.08 11.81 5.68
C LEU A 1618 -10.76 13.15 4.99
N GLU A 1619 -10.45 13.13 3.71
CA GLU A 1619 -10.10 14.44 3.10
C GLU A 1619 -11.30 15.39 3.19
N ALA A 1620 -12.52 14.90 3.00
CA ALA A 1620 -13.75 15.71 3.00
C ALA A 1620 -14.01 16.27 4.39
N LEU A 1621 -13.78 15.50 5.43
CA LEU A 1621 -13.93 15.99 6.80
C LEU A 1621 -12.93 17.14 6.97
N ILE A 1622 -11.69 17.00 6.47
CA ILE A 1622 -10.71 18.13 6.55
C ILE A 1622 -11.30 19.37 5.83
N ALA A 1623 -11.80 19.20 4.60
CA ALA A 1623 -12.41 20.33 3.87
C ALA A 1623 -13.54 20.95 4.69
N ALA A 1624 -14.42 20.13 5.25
CA ALA A 1624 -15.62 20.59 6.01
C ALA A 1624 -15.15 21.36 7.24
N VAL A 1625 -14.08 20.92 7.89
CA VAL A 1625 -13.53 21.62 9.08
C VAL A 1625 -13.19 23.03 8.62
N TYR A 1626 -12.52 23.16 7.48
CA TYR A 1626 -12.08 24.49 7.00
C TYR A 1626 -13.30 25.35 6.68
N LEU A 1627 -14.30 24.82 5.99
CA LEU A 1627 -15.42 25.69 5.54
C LEU A 1627 -16.18 26.23 6.77
N ASP A 1628 -16.34 25.43 7.82
CA ASP A 1628 -17.01 25.89 9.05
C ASP A 1628 -16.15 26.93 9.76
N CYS A 1629 -14.88 26.62 10.04
CA CYS A 1629 -13.98 27.52 10.80
C CYS A 1629 -13.54 28.71 9.92
N ARG A 1630 -13.29 28.48 8.62
CA ARG A 1630 -12.74 29.50 7.69
C ARG A 1630 -11.43 30.05 8.26
N ASP A 1631 -10.65 29.18 8.91
CA ASP A 1631 -9.37 29.58 9.52
C ASP A 1631 -8.38 28.46 9.25
N LEU A 1632 -7.37 28.67 8.42
CA LEU A 1632 -6.45 27.57 8.06
C LEU A 1632 -5.62 27.19 9.28
N GLN A 1633 -5.56 28.05 10.30
CA GLN A 1633 -4.86 27.72 11.56
C GLN A 1633 -5.61 26.64 12.32
N ARG A 1634 -6.93 26.77 12.49
CA ARG A 1634 -7.76 25.76 13.20
C ARG A 1634 -7.84 24.50 12.34
N THR A 1635 -7.88 24.60 11.01
CA THR A 1635 -7.83 23.40 10.14
C THR A 1635 -6.52 22.65 10.37
N TRP A 1636 -5.42 23.36 10.63
CA TRP A 1636 -4.13 22.71 10.95
C TRP A 1636 -4.17 22.02 12.31
N GLU A 1637 -4.78 22.58 13.34
CA GLU A 1637 -4.71 21.90 14.66
C GLU A 1637 -5.33 20.49 14.55
N VAL A 1638 -6.33 20.28 13.69
CA VAL A 1638 -7.00 18.97 13.46
C VAL A 1638 -6.05 18.11 12.65
N ILE A 1639 -5.52 18.66 11.56
CA ILE A 1639 -4.64 17.88 10.64
C ILE A 1639 -3.41 17.43 11.44
N PHE A 1640 -2.85 18.28 12.29
CA PHE A 1640 -1.63 17.88 13.03
C PHE A 1640 -1.98 16.73 13.97
N ASN A 1641 -3.08 16.84 14.72
CA ASN A 1641 -3.41 15.82 15.75
C ASN A 1641 -3.68 14.48 15.05
N LEU A 1642 -4.35 14.51 13.91
CA LEU A 1642 -4.65 13.29 13.12
C LEU A 1642 -3.34 12.69 12.59
N PHE A 1643 -2.43 13.51 12.05
CA PHE A 1643 -1.21 13.00 11.36
C PHE A 1643 0.03 13.02 12.26
N GLU A 1644 -0.08 13.37 13.53
CA GLU A 1644 1.10 13.50 14.43
C GLU A 1644 1.85 12.16 14.54
N PRO A 1645 1.17 11.01 14.78
CA PRO A 1645 1.89 9.74 14.87
C PRO A 1645 2.63 9.37 13.58
N GLU A 1646 2.04 9.65 12.43
CA GLU A 1646 2.62 9.20 11.14
C GLU A 1646 3.69 10.18 10.67
N LEU A 1647 3.58 11.47 10.99
CA LEU A 1647 4.66 12.42 10.68
C LEU A 1647 5.87 11.98 11.48
N GLN A 1648 5.75 11.75 12.78
CA GLN A 1648 6.96 11.36 13.56
C GLN A 1648 7.61 10.13 12.92
N GLU A 1649 6.87 9.04 12.70
CA GLU A 1649 7.50 7.79 12.19
C GLU A 1649 8.08 8.00 10.80
N PHE A 1650 7.36 8.62 9.89
CA PHE A 1650 7.83 8.73 8.48
C PHE A 1650 9.09 9.59 8.42
N THR A 1651 9.21 10.61 9.26
CA THR A 1651 10.45 11.43 9.30
C THR A 1651 11.61 10.57 9.77
N ARG A 1652 11.38 9.69 10.75
CA ARG A 1652 12.44 8.79 11.26
C ARG A 1652 12.91 7.88 10.14
N LYS A 1653 12.00 7.24 9.41
CA LYS A 1653 12.36 6.39 8.25
C LYS A 1653 11.39 6.69 7.12
N VAL A 1654 11.85 7.28 6.02
CA VAL A 1654 10.90 7.72 4.96
C VAL A 1654 10.44 6.49 4.18
N PRO A 1655 9.14 6.33 3.82
CA PRO A 1655 8.73 5.16 3.08
C PRO A 1655 9.22 5.35 1.65
N ILE A 1656 9.93 4.37 1.14
CA ILE A 1656 10.56 4.44 -0.21
C ILE A 1656 9.49 4.17 -1.26
N ASN A 1657 9.72 4.67 -2.47
CA ASN A 1657 8.89 4.31 -3.64
C ASN A 1657 8.97 2.80 -3.77
N HIS A 1658 7.91 2.12 -4.16
CA HIS A 1658 7.97 0.64 -4.27
C HIS A 1658 9.03 0.28 -5.30
N ILE A 1659 9.24 1.14 -6.31
CA ILE A 1659 10.24 0.83 -7.36
C ILE A 1659 11.53 0.56 -6.61
N ARG A 1660 11.85 1.46 -5.71
CA ARG A 1660 13.09 1.34 -4.93
C ARG A 1660 13.04 0.00 -4.19
N GLN A 1661 11.91 -0.38 -3.61
CA GLN A 1661 11.92 -1.65 -2.84
C GLN A 1661 12.18 -2.80 -3.82
N LEU A 1662 11.63 -2.74 -5.03
CA LEU A 1662 11.79 -3.87 -5.95
C LEU A 1662 13.27 -3.92 -6.37
N VAL A 1663 13.77 -2.81 -6.91
CA VAL A 1663 15.18 -2.68 -7.41
C VAL A 1663 16.12 -3.06 -6.27
N GLU A 1664 15.80 -2.65 -5.04
CA GLU A 1664 16.69 -2.89 -3.88
C GLU A 1664 16.35 -4.22 -3.22
N HIS A 1665 15.53 -5.06 -3.85
CA HIS A 1665 15.29 -6.41 -3.28
C HIS A 1665 16.59 -7.18 -3.44
N LYS A 1666 17.21 -7.59 -2.35
CA LYS A 1666 18.54 -8.25 -2.41
C LYS A 1666 18.45 -9.54 -3.23
N HIS A 1667 17.47 -10.39 -2.96
CA HIS A 1667 17.35 -11.73 -3.61
C HIS A 1667 16.64 -11.60 -4.95
N ALA A 1668 15.62 -10.75 -5.05
CA ALA A 1668 14.79 -10.65 -6.27
C ALA A 1668 15.47 -9.73 -7.30
N LYS A 1669 15.15 -9.92 -8.58
CA LYS A 1669 15.73 -9.12 -9.67
C LYS A 1669 14.58 -8.55 -10.48
N PRO A 1670 14.19 -7.26 -10.35
CA PRO A 1670 13.08 -6.74 -11.16
C PRO A 1670 13.38 -6.80 -12.66
N VAL A 1671 12.43 -7.28 -13.48
CA VAL A 1671 12.58 -7.29 -14.96
C VAL A 1671 11.32 -6.69 -15.57
N PHE A 1672 11.17 -5.36 -15.48
CA PHE A 1672 10.02 -4.63 -16.08
C PHE A 1672 10.13 -4.71 -17.61
N SER A 1673 9.00 -4.80 -18.30
CA SER A 1673 8.97 -4.91 -19.79
C SER A 1673 8.53 -3.58 -20.40
N SER A 1674 9.31 -3.05 -21.34
CA SER A 1674 9.03 -1.77 -22.03
C SER A 1674 9.06 -2.00 -23.54
N VAL A 1684 3.59 -3.75 -18.75
CA VAL A 1684 4.86 -3.63 -17.96
C VAL A 1684 5.01 -4.88 -17.09
N SER A 1685 5.08 -6.06 -17.70
CA SER A 1685 5.19 -7.35 -16.97
C SER A 1685 6.52 -7.37 -16.21
N CYS A 1686 6.50 -7.81 -14.95
CA CYS A 1686 7.72 -7.82 -14.09
C CYS A 1686 8.09 -9.25 -13.73
N GLN A 1687 9.36 -9.62 -13.93
CA GLN A 1687 9.86 -10.97 -13.57
C GLN A 1687 10.66 -10.85 -12.27
N PHE A 1688 10.50 -11.81 -11.36
CA PHE A 1688 11.17 -11.78 -10.04
C PHE A 1688 11.57 -13.19 -9.59
N THR A 1689 12.41 -13.27 -8.56
CA THR A 1689 12.87 -14.58 -8.02
C THR A 1689 12.38 -14.77 -6.58
N CYS A 1690 11.43 -15.68 -6.35
CA CYS A 1690 10.97 -16.02 -4.97
C CYS A 1690 11.45 -17.42 -4.64
N MET A 1691 12.32 -17.57 -3.64
CA MET A 1691 13.00 -18.85 -3.32
C MET A 1691 13.60 -19.40 -4.62
N GLU A 1692 14.14 -18.50 -5.46
CA GLU A 1692 14.75 -18.81 -6.78
C GLU A 1692 13.81 -19.67 -7.65
N LYS A 1693 12.56 -19.27 -7.79
CA LYS A 1693 11.63 -19.92 -8.76
C LYS A 1693 11.27 -18.86 -9.81
N THR A 1694 11.31 -19.21 -11.09
CA THR A 1694 11.07 -18.22 -12.18
C THR A 1694 9.60 -17.81 -12.21
N ILE A 1695 9.25 -16.61 -11.76
CA ILE A 1695 7.80 -16.22 -11.72
C ILE A 1695 7.67 -14.81 -12.29
N LYS A 1696 6.80 -14.61 -13.29
CA LYS A 1696 6.53 -13.28 -13.87
C LYS A 1696 5.06 -12.92 -13.63
N VAL A 1697 4.80 -11.75 -13.06
CA VAL A 1697 3.41 -11.25 -12.87
C VAL A 1697 3.26 -10.00 -13.75
N TYR A 1698 2.24 -9.97 -14.61
CA TYR A 1698 2.00 -8.85 -15.56
C TYR A 1698 1.66 -7.59 -14.76
N GLY A 1699 2.25 -6.45 -15.14
CA GLY A 1699 1.95 -5.15 -14.53
C GLY A 1699 1.13 -4.31 -15.47
N PHE A 1700 -0.02 -3.80 -15.04
CA PHE A 1700 -0.94 -3.02 -15.90
C PHE A 1700 -1.06 -1.59 -15.36
N GLY A 1701 -1.13 -0.61 -16.27
CA GLY A 1701 -1.38 0.79 -15.90
C GLY A 1701 -1.53 1.67 -17.13
N SER A 1702 -2.45 2.64 -17.09
CA SER A 1702 -2.75 3.53 -18.24
C SER A 1702 -1.52 4.36 -18.60
N ASN A 1703 -0.82 4.90 -17.60
CA ASN A 1703 0.39 5.75 -17.81
C ASN A 1703 1.60 4.95 -17.34
N LYS A 1704 2.70 4.98 -18.09
CA LYS A 1704 3.90 4.15 -17.79
C LYS A 1704 4.46 4.49 -16.40
N ASP A 1705 4.55 5.76 -16.03
CA ASP A 1705 5.14 6.15 -14.72
C ASP A 1705 4.29 5.56 -13.60
N GLN A 1706 2.98 5.73 -13.67
CA GLN A 1706 2.05 5.13 -12.65
C GLN A 1706 2.12 3.61 -12.78
N ALA A 1707 2.17 3.11 -14.02
CA ALA A 1707 2.18 1.65 -14.29
C ALA A 1707 3.40 1.03 -13.62
N LYS A 1708 4.54 1.71 -13.64
CA LYS A 1708 5.79 1.11 -13.09
C LYS A 1708 5.55 0.84 -11.61
N LEU A 1709 5.09 1.86 -10.88
CA LEU A 1709 4.80 1.69 -9.44
C LEU A 1709 3.82 0.53 -9.29
N SER A 1710 2.71 0.55 -10.02
CA SER A 1710 1.62 -0.45 -9.83
C SER A 1710 2.22 -1.85 -9.96
N ALA A 1711 3.05 -2.05 -10.98
CA ALA A 1711 3.66 -3.37 -11.26
C ALA A 1711 4.52 -3.73 -10.05
N ALA A 1712 5.23 -2.75 -9.52
CA ALA A 1712 6.13 -3.05 -8.40
C ALA A 1712 5.25 -3.62 -7.28
N LYS A 1713 4.29 -2.83 -6.82
CA LYS A 1713 3.35 -3.25 -5.76
C LYS A 1713 2.93 -4.69 -6.02
N HIS A 1714 2.41 -4.98 -7.21
CA HIS A 1714 1.89 -6.35 -7.44
C HIS A 1714 3.02 -7.33 -7.16
N ALA A 1715 4.20 -7.02 -7.68
CA ALA A 1715 5.34 -7.95 -7.54
C ALA A 1715 5.66 -8.07 -6.06
N LEU A 1716 5.63 -6.96 -5.35
CA LEU A 1716 6.05 -6.99 -3.93
C LEU A 1716 5.12 -7.91 -3.13
N GLN A 1717 3.81 -7.85 -3.39
CA GLN A 1717 2.83 -8.76 -2.73
C GLN A 1717 3.21 -10.17 -3.13
N GLN A 1718 3.51 -10.35 -4.42
CA GLN A 1718 3.85 -11.69 -4.95
C GLN A 1718 5.12 -12.20 -4.25
N LEU A 1719 6.10 -11.33 -4.02
CA LEU A 1719 7.37 -11.75 -3.39
C LEU A 1719 7.07 -12.21 -1.97
N SER A 1720 6.21 -11.47 -1.28
CA SER A 1720 5.78 -11.86 0.08
C SER A 1720 5.02 -13.17 -0.06
N LYS A 1721 4.33 -13.34 -1.19
CA LYS A 1721 3.53 -14.57 -1.42
C LYS A 1721 4.48 -15.76 -1.41
N CYS A 1722 5.68 -15.60 -1.99
CA CYS A 1722 6.73 -16.65 -1.97
C CYS A 1722 6.16 -17.97 -2.52
N ASP B 99 28.92 -28.93 14.89
CA ASP B 99 28.44 -29.82 13.80
C ASP B 99 26.93 -30.03 13.94
N MET B 100 26.15 -28.99 13.67
CA MET B 100 24.69 -29.00 13.86
C MET B 100 24.03 -29.98 12.89
N VAL B 101 24.50 -30.05 11.64
CA VAL B 101 23.87 -30.94 10.61
C VAL B 101 23.91 -32.37 11.14
N LYS B 102 25.06 -32.78 11.68
CA LYS B 102 25.22 -34.15 12.23
C LYS B 102 24.24 -34.32 13.40
N GLU B 103 24.18 -33.34 14.31
CA GLU B 103 23.34 -33.49 15.52
C GLU B 103 21.87 -33.61 15.12
N LEU B 104 21.39 -32.77 14.21
CA LEU B 104 19.98 -32.80 13.73
C LEU B 104 19.74 -34.15 13.06
N ARG B 105 20.67 -34.58 12.21
CA ARG B 105 20.48 -35.84 11.48
C ARG B 105 20.30 -36.92 12.54
N ASP B 106 21.03 -36.78 13.63
CA ASP B 106 21.00 -37.82 14.69
C ASP B 106 19.66 -37.80 15.43
N TYR B 107 19.21 -36.66 15.95
CA TYR B 107 17.98 -36.59 16.78
C TYR B 107 16.85 -37.09 15.91
N CYS B 108 16.94 -36.79 14.63
CA CYS B 108 15.94 -37.32 13.67
C CYS B 108 15.96 -38.86 13.62
N VAL B 109 17.11 -39.47 13.38
CA VAL B 109 17.22 -40.96 13.24
C VAL B 109 16.98 -41.61 14.60
N ARG B 110 17.39 -40.97 15.69
CA ARG B 110 17.29 -41.61 17.02
C ARG B 110 15.88 -41.49 17.56
N ARG B 111 15.30 -40.30 17.56
CA ARG B 111 13.97 -40.08 18.18
C ARG B 111 12.88 -40.77 17.35
N GLU B 112 13.30 -41.44 16.28
CA GLU B 112 12.38 -42.16 15.38
C GLU B 112 11.58 -41.08 14.68
N MET B 113 12.25 -40.01 14.28
CA MET B 113 11.66 -38.98 13.41
C MET B 113 12.12 -39.28 12.00
N PRO B 114 11.56 -38.71 10.91
CA PRO B 114 12.03 -39.07 9.57
C PRO B 114 13.37 -38.40 9.24
N LEU B 115 13.94 -38.70 8.06
CA LEU B 115 15.28 -38.20 7.64
C LEU B 115 15.17 -36.73 7.25
N PRO B 116 16.10 -35.83 7.69
CA PRO B 116 16.05 -34.42 7.33
C PRO B 116 16.61 -34.18 5.93
N CYS B 117 15.96 -33.31 5.16
CA CYS B 117 16.38 -32.98 3.77
C CYS B 117 16.66 -31.48 3.68
N ILE B 118 17.94 -31.10 3.53
CA ILE B 118 18.36 -29.66 3.51
C ILE B 118 18.61 -29.24 2.06
N GLU B 119 18.00 -28.15 1.61
CA GLU B 119 18.16 -27.64 0.23
C GLU B 119 18.28 -26.10 0.26
N VAL B 120 19.34 -25.55 -0.32
CA VAL B 120 19.55 -24.08 -0.40
C VAL B 120 19.23 -23.68 -1.83
N VAL B 121 18.42 -22.67 -2.07
CA VAL B 121 17.99 -22.42 -3.48
C VAL B 121 18.34 -21.01 -3.95
N GLN B 122 18.28 -19.99 -3.09
CA GLN B 122 18.53 -18.57 -3.52
C GLN B 122 20.02 -18.33 -3.75
N GLN B 123 20.37 -17.63 -4.83
CA GLN B 123 21.79 -17.37 -5.19
C GLN B 123 22.38 -16.35 -4.23
N SER B 124 21.67 -15.24 -4.03
CA SER B 124 22.16 -14.09 -3.23
C SER B 124 20.99 -13.26 -2.72
N GLU B 131 23.57 -14.85 2.04
CA GLU B 131 23.68 -14.99 0.56
C GLU B 131 23.23 -16.40 0.16
N PHE B 132 22.77 -17.19 1.12
CA PHE B 132 22.26 -18.55 0.85
C PHE B 132 21.19 -18.91 1.90
N VAL B 133 20.05 -19.40 1.46
CA VAL B 133 18.89 -19.71 2.36
C VAL B 133 18.64 -21.20 2.30
N ALA B 134 18.76 -21.91 3.42
CA ALA B 134 18.59 -23.38 3.46
C ALA B 134 17.18 -23.73 3.93
N CYS B 135 16.40 -24.41 3.10
CA CYS B 135 15.04 -24.89 3.46
C CYS B 135 15.16 -26.38 3.80
N CYS B 136 15.03 -26.73 5.08
CA CYS B 136 15.10 -28.13 5.56
C CYS B 136 13.71 -28.54 6.01
N SER B 137 13.17 -29.63 5.48
CA SER B 137 11.78 -30.06 5.78
C SER B 137 11.78 -31.45 6.37
N VAL B 138 12.30 -31.62 7.58
CA VAL B 138 12.44 -32.98 8.18
C VAL B 138 11.15 -33.78 7.90
N ALA B 139 10.00 -33.26 8.29
CA ALA B 139 8.74 -34.02 8.23
C ALA B 139 7.61 -33.06 7.95
N SER B 140 7.63 -32.45 6.76
CA SER B 140 6.63 -31.43 6.31
C SER B 140 6.71 -30.18 7.19
N ILE B 141 7.69 -30.09 8.07
CA ILE B 141 7.94 -28.85 8.85
C ILE B 141 9.14 -28.19 8.21
N VAL B 142 8.99 -27.02 7.60
CA VAL B 142 10.11 -26.36 6.85
C VAL B 142 10.51 -25.08 7.58
N ARG B 143 11.78 -24.94 7.95
CA ARG B 143 12.29 -23.69 8.58
C ARG B 143 13.47 -23.21 7.74
N TYR B 144 13.63 -21.89 7.56
CA TYR B 144 14.65 -21.31 6.64
C TYR B 144 15.76 -20.61 7.43
N GLY B 145 17.02 -21.01 7.23
CA GLY B 145 18.18 -20.32 7.82
C GLY B 145 19.03 -19.72 6.71
N LYS B 146 19.21 -18.40 6.69
CA LYS B 146 19.95 -17.73 5.58
C LYS B 146 21.26 -17.12 6.09
N SER B 147 22.38 -17.42 5.43
CA SER B 147 23.72 -16.88 5.82
C SER B 147 24.59 -16.64 4.59
N ASP B 148 25.79 -16.09 4.78
CA ASP B 148 26.68 -15.65 3.66
C ASP B 148 27.14 -16.82 2.78
N LYS B 149 27.54 -17.93 3.36
CA LYS B 149 28.15 -19.00 2.54
C LYS B 149 27.14 -20.11 2.32
N LYS B 150 27.34 -20.91 1.28
CA LYS B 150 26.48 -22.08 0.99
C LYS B 150 26.50 -23.01 2.21
N LYS B 151 27.69 -23.44 2.60
CA LYS B 151 27.82 -24.44 3.69
C LYS B 151 27.43 -23.79 5.02
N ASP B 152 27.75 -22.51 5.23
CA ASP B 152 27.55 -21.87 6.56
C ASP B 152 26.05 -21.76 6.88
N ALA B 153 25.22 -21.36 5.94
CA ALA B 153 23.77 -21.11 6.21
C ALA B 153 23.14 -22.40 6.72
N ARG B 154 23.37 -23.48 5.99
CA ARG B 154 22.81 -24.81 6.35
C ARG B 154 22.93 -24.96 7.86
N GLN B 155 24.11 -24.65 8.40
CA GLN B 155 24.36 -24.92 9.82
C GLN B 155 23.34 -24.15 10.65
N ARG B 156 23.09 -22.89 10.30
CA ARG B 156 22.18 -22.02 11.10
C ARG B 156 20.77 -22.61 11.04
N ALA B 157 20.30 -23.00 9.86
CA ALA B 157 18.94 -23.55 9.66
C ALA B 157 18.81 -24.85 10.47
N ALA B 158 19.86 -25.66 10.48
CA ALA B 158 19.83 -26.96 11.18
C ALA B 158 19.59 -26.68 12.66
N ILE B 159 20.21 -25.66 13.21
CA ILE B 159 19.95 -25.28 14.63
C ILE B 159 18.47 -24.91 14.73
N GLU B 160 17.95 -24.16 13.77
CA GLU B 160 16.55 -23.68 13.83
C GLU B 160 15.62 -24.90 13.78
N MET B 161 15.87 -25.81 12.84
CA MET B 161 15.04 -27.04 12.72
C MET B 161 15.20 -27.84 14.02
N LEU B 162 16.43 -27.99 14.49
CA LEU B 162 16.73 -28.78 15.70
C LEU B 162 15.98 -28.16 16.88
N ALA B 163 15.97 -26.84 16.99
CA ALA B 163 15.34 -26.18 18.16
C ALA B 163 13.86 -26.55 18.19
N LEU B 164 13.18 -26.43 17.06
CA LEU B 164 11.73 -26.70 17.01
C LEU B 164 11.50 -28.20 17.26
N ILE B 165 12.26 -29.09 16.61
CA ILE B 165 11.98 -30.55 16.72
C ILE B 165 12.34 -31.03 18.13
N SER B 166 13.38 -30.47 18.73
CA SER B 166 13.82 -30.87 20.09
C SER B 166 12.75 -30.43 21.09
N SER B 167 12.16 -29.24 20.91
CA SER B 167 11.21 -28.68 21.89
C SER B 167 10.04 -29.66 22.08
N ASN B 168 9.54 -30.24 20.98
CA ASN B 168 8.42 -31.21 21.00
C ASN B 168 7.26 -30.66 21.84
N GLU B 192 20.03 -40.85 26.96
CA GLU B 192 20.46 -42.18 26.45
C GLU B 192 20.52 -43.19 27.59
N SER B 193 20.11 -42.82 28.80
CA SER B 193 20.01 -43.77 29.92
C SER B 193 18.89 -44.77 29.60
N MET B 194 17.70 -44.27 29.23
CA MET B 194 16.54 -45.12 28.85
C MET B 194 16.86 -45.85 27.54
N GLU B 195 17.52 -45.17 26.61
CA GLU B 195 17.72 -45.76 25.26
C GLU B 195 18.47 -47.08 25.40
N GLU B 196 19.42 -47.16 26.32
CA GLU B 196 20.26 -48.38 26.39
C GLU B 196 19.36 -49.61 26.40
N LEU B 197 18.33 -49.58 27.24
CA LEU B 197 17.43 -50.74 27.39
C LEU B 197 16.72 -50.99 26.08
N GLU B 198 16.12 -49.95 25.50
CA GLU B 198 15.30 -50.11 24.26
C GLU B 198 16.19 -50.63 23.14
N ALA B 199 17.46 -50.22 23.12
CA ALA B 199 18.42 -50.68 22.09
C ALA B 199 18.55 -52.19 22.22
N LEU B 200 18.55 -52.68 23.44
CA LEU B 200 18.64 -54.14 23.69
C LEU B 200 17.43 -54.85 23.06
N ARG B 201 16.25 -54.22 23.06
CA ARG B 201 14.99 -54.89 22.62
C ARG B 201 14.66 -54.62 21.14
N ARG B 202 15.47 -53.89 20.36
CA ARG B 202 15.09 -53.57 18.96
C ARG B 202 16.34 -53.44 18.06
N LYS B 203 16.16 -53.38 16.72
CA LYS B 203 17.27 -53.32 15.73
C LYS B 203 17.46 -51.89 15.23
N LYS B 204 16.93 -50.92 15.96
CA LYS B 204 17.12 -49.50 15.61
C LYS B 204 18.60 -49.25 15.30
N PHE B 205 18.89 -48.48 14.26
CA PHE B 205 20.29 -48.18 13.85
C PHE B 205 20.99 -47.33 14.91
N THR B 206 20.37 -46.27 15.43
CA THR B 206 20.87 -45.38 16.54
C THR B 206 21.88 -44.31 16.10
N THR B 207 22.21 -44.16 14.81
CA THR B 207 23.10 -43.06 14.29
C THR B 207 22.99 -42.99 12.77
N TYR B 208 23.10 -41.81 12.19
CA TYR B 208 22.93 -41.69 10.72
C TYR B 208 23.98 -42.59 10.12
N TRP B 209 25.16 -42.52 10.70
CA TRP B 209 26.25 -43.39 10.24
C TRP B 209 25.82 -44.83 10.49
N GLU B 210 25.19 -45.09 11.62
CA GLU B 210 24.85 -46.50 11.89
C GLU B 210 23.82 -46.90 10.82
N LEU B 211 22.96 -45.96 10.43
CA LEU B 211 21.98 -46.19 9.35
C LEU B 211 22.77 -46.39 8.07
N LYS B 212 23.81 -45.58 7.88
CA LYS B 212 24.67 -45.81 6.69
C LYS B 212 25.21 -47.22 6.82
N GLU B 213 25.50 -47.64 8.06
CA GLU B 213 26.17 -48.95 8.28
C GLU B 213 25.45 -50.04 7.47
N ALA B 214 24.11 -50.07 7.50
CA ALA B 214 23.29 -51.02 6.71
C ALA B 214 23.89 -52.43 6.73
N THR B 220 12.40 -43.01 6.11
CA THR B 220 11.03 -43.57 6.15
C THR B 220 10.74 -44.08 7.57
N GLY B 221 10.48 -43.16 8.50
CA GLY B 221 10.27 -43.45 9.93
C GLY B 221 8.85 -43.93 10.25
N MET B 222 8.59 -44.27 11.52
CA MET B 222 7.26 -44.68 12.02
C MET B 222 6.25 -43.57 11.74
N ARG B 223 5.07 -43.89 11.24
CA ARG B 223 3.99 -42.90 11.08
C ARG B 223 3.07 -43.08 12.27
N LEU B 224 2.13 -42.17 12.49
CA LEU B 224 1.22 -42.22 13.66
C LEU B 224 0.38 -43.49 13.58
N CYS B 225 0.12 -43.95 12.36
CA CYS B 225 -0.64 -45.19 12.13
C CYS B 225 0.16 -46.42 12.57
N ASP B 226 1.47 -46.48 12.33
CA ASP B 226 2.26 -47.72 12.55
C ASP B 226 2.95 -47.75 13.92
N ARG B 227 2.62 -46.85 14.85
CA ARG B 227 3.18 -46.96 16.22
C ARG B 227 2.57 -48.15 16.95
N HIS B 228 1.42 -48.67 16.50
CA HIS B 228 0.71 -49.79 17.17
C HIS B 228 1.61 -51.01 17.25
N ASN B 229 2.58 -51.11 16.36
CA ASN B 229 3.59 -52.19 16.43
C ASN B 229 4.82 -51.73 17.20
N TYR B 230 4.73 -51.62 18.53
CA TYR B 230 5.92 -51.37 19.40
C TYR B 230 6.37 -52.70 19.97
N PHE B 231 5.70 -53.16 21.02
CA PHE B 231 5.99 -54.49 21.58
C PHE B 231 6.07 -55.50 20.43
N LYS B 232 5.19 -55.38 19.43
CA LYS B 232 5.16 -56.40 18.36
C LYS B 232 6.42 -56.30 17.52
N ASN B 233 6.94 -55.10 17.34
CA ASN B 233 8.20 -55.04 16.58
C ASN B 233 9.36 -55.27 17.54
N PHE B 234 9.59 -56.51 17.99
CA PHE B 234 10.62 -56.80 19.01
C PHE B 234 11.44 -58.01 18.60
N TYR B 235 12.54 -58.24 19.31
CA TYR B 235 13.52 -59.31 18.97
C TYR B 235 12.88 -60.70 19.07
N PRO B 236 12.90 -61.51 17.99
CA PRO B 236 12.28 -62.82 18.03
C PRO B 236 12.57 -63.55 19.34
N THR B 237 13.74 -63.35 19.92
CA THR B 237 14.15 -64.20 21.07
C THR B 237 13.36 -63.81 22.32
N LEU B 238 13.29 -62.54 22.72
CA LEU B 238 12.62 -62.24 24.02
C LEU B 238 11.14 -62.63 23.90
N LYS B 239 10.50 -62.25 22.82
CA LYS B 239 9.07 -62.54 22.64
C LYS B 239 8.86 -64.05 22.68
N LYS B 240 9.70 -64.81 21.99
CA LYS B 240 9.50 -66.28 21.89
C LYS B 240 9.46 -66.87 23.30
N GLU B 241 10.20 -66.27 24.23
CA GLU B 241 10.15 -66.73 25.64
C GLU B 241 8.80 -66.32 26.21
N ALA B 242 8.39 -65.07 25.99
CA ALA B 242 7.12 -64.53 26.52
C ALA B 242 5.95 -65.31 25.93
N ILE B 243 5.99 -65.60 24.63
CA ILE B 243 4.86 -66.31 23.95
C ILE B 243 4.71 -67.66 24.64
N GLU B 244 5.83 -68.33 24.87
CA GLU B 244 5.81 -69.67 25.51
C GLU B 244 5.21 -69.52 26.91
N ALA B 245 5.66 -68.52 27.68
CA ALA B 245 5.26 -68.37 29.10
C ALA B 245 3.76 -68.04 29.21
N ILE B 246 3.24 -67.12 28.38
CA ILE B 246 1.82 -66.69 28.47
C ILE B 246 0.94 -67.88 28.07
N ASN B 247 1.35 -68.64 27.06
CA ASN B 247 0.57 -69.82 26.59
C ASN B 247 0.67 -70.95 27.62
N SER B 248 1.87 -71.19 28.16
CA SER B 248 2.11 -72.29 29.13
C SER B 248 1.31 -72.02 30.42
N ASP B 249 0.71 -73.06 30.99
CA ASP B 249 -0.13 -72.96 32.20
C ASP B 249 0.40 -73.94 33.23
N GLU B 250 1.68 -73.87 33.54
CA GLU B 250 2.31 -74.93 34.38
C GLU B 250 2.61 -74.43 35.78
N TYR B 251 2.16 -73.28 36.21
CA TYR B 251 2.62 -72.85 37.55
C TYR B 251 1.54 -72.13 38.34
N GLU B 252 2.00 -71.39 39.34
CA GLU B 252 1.13 -70.54 40.16
C GLU B 252 0.82 -69.34 39.30
N SER B 253 -0.13 -69.47 38.40
CA SER B 253 -0.39 -68.40 37.41
C SER B 253 -1.28 -67.34 38.05
N SER B 254 -0.70 -66.50 38.90
CA SER B 254 -1.43 -65.37 39.50
C SER B 254 -0.81 -64.09 38.98
N LYS B 255 0.24 -63.61 39.64
CA LYS B 255 1.02 -62.49 39.12
C LYS B 255 2.33 -63.10 38.68
N ASP B 256 2.46 -64.42 38.84
CA ASP B 256 3.70 -65.12 38.42
C ASP B 256 3.63 -65.45 36.93
N LYS B 257 2.44 -65.41 36.36
CA LYS B 257 2.27 -65.65 34.91
C LYS B 257 2.46 -64.32 34.20
N ALA B 258 1.98 -63.25 34.82
CA ALA B 258 2.08 -61.89 34.23
C ALA B 258 3.53 -61.42 34.31
N MET B 259 4.10 -61.47 35.51
CA MET B 259 5.50 -61.06 35.74
C MET B 259 6.39 -61.77 34.72
N ASP B 260 6.18 -63.08 34.53
CA ASP B 260 7.02 -63.85 33.59
C ASP B 260 6.89 -63.19 32.23
N VAL B 261 5.65 -62.91 31.80
CA VAL B 261 5.46 -62.39 30.42
C VAL B 261 6.33 -61.13 30.28
N MET B 262 6.09 -60.14 31.11
CA MET B 262 6.83 -58.84 31.07
C MET B 262 8.33 -59.01 31.33
N SER B 263 8.74 -59.89 32.25
CA SER B 263 10.16 -60.02 32.65
C SER B 263 10.98 -60.46 31.43
N SER B 264 10.43 -61.35 30.62
CA SER B 264 11.08 -61.78 29.36
C SER B 264 11.26 -60.56 28.45
N LEU B 265 10.30 -59.64 28.47
CA LEU B 265 10.31 -58.47 27.54
C LEU B 265 11.04 -57.30 28.21
N LYS B 266 11.86 -57.58 29.22
CA LYS B 266 12.61 -56.52 29.96
C LYS B 266 11.67 -55.37 30.31
N ILE B 267 10.61 -55.62 31.06
CA ILE B 267 9.59 -54.57 31.38
C ILE B 267 9.52 -54.39 32.89
N THR B 268 9.53 -53.14 33.37
CA THR B 268 9.35 -52.84 34.81
C THR B 268 7.99 -52.17 35.00
N PRO B 269 7.10 -52.71 35.87
CA PRO B 269 5.76 -52.15 36.07
C PRO B 269 5.67 -51.09 37.17
N LYS B 270 5.25 -49.88 36.80
CA LYS B 270 5.06 -48.78 37.80
C LYS B 270 3.62 -48.86 38.33
N ILE B 271 3.33 -49.85 39.17
CA ILE B 271 1.96 -50.07 39.71
C ILE B 271 1.60 -48.93 40.68
N SER B 272 0.35 -48.47 40.66
CA SER B 272 -0.13 -47.37 41.53
C SER B 272 -1.64 -47.50 41.71
N GLU B 273 -2.17 -47.01 42.83
CA GLU B 273 -3.61 -47.19 43.17
C GLU B 273 -4.45 -46.20 42.37
N VAL B 274 -5.77 -46.37 42.37
CA VAL B 274 -6.72 -45.38 41.80
C VAL B 274 -6.87 -44.25 42.83
N GLU B 275 -7.60 -43.20 42.51
CA GLU B 275 -7.72 -42.03 43.42
C GLU B 275 -9.14 -41.88 43.98
N SER B 276 -10.06 -42.82 43.72
CA SER B 276 -11.41 -42.77 44.35
C SER B 276 -12.19 -44.08 44.12
N SER B 277 -13.33 -44.21 44.80
CA SER B 277 -14.22 -45.39 44.73
C SER B 277 -13.38 -46.68 44.72
N SER B 278 -12.46 -46.79 45.67
CA SER B 278 -11.48 -47.91 45.76
C SER B 278 -12.13 -49.14 46.41
N LEU B 279 -13.11 -49.76 45.76
CA LEU B 279 -13.63 -51.09 46.17
C LEU B 279 -12.91 -52.08 45.29
N VAL B 280 -12.21 -53.07 45.86
CA VAL B 280 -11.29 -53.91 45.06
C VAL B 280 -10.38 -52.92 44.34
N PRO B 281 -9.42 -52.27 45.03
CA PRO B 281 -8.69 -51.13 44.49
C PRO B 281 -8.04 -51.30 43.10
N LEU B 282 -8.29 -50.35 42.21
CA LEU B 282 -7.78 -50.42 40.83
C LEU B 282 -6.29 -50.13 40.86
N LEU B 283 -5.51 -50.74 39.98
CA LEU B 283 -4.07 -50.40 39.89
C LEU B 283 -3.76 -49.87 38.48
N SER B 284 -3.04 -48.75 38.40
CA SER B 284 -2.60 -48.14 37.12
C SER B 284 -1.18 -48.59 36.84
N VAL B 285 -1.00 -49.56 35.95
CA VAL B 285 0.35 -50.12 35.70
C VAL B 285 0.93 -49.37 34.50
N GLU B 286 2.09 -48.76 34.65
CA GLU B 286 2.78 -48.08 33.53
C GLU B 286 4.06 -48.85 33.20
N LEU B 287 4.29 -49.17 31.94
CA LEU B 287 5.50 -49.93 31.52
C LEU B 287 6.55 -48.95 31.00
N ASN B 288 7.83 -49.32 31.03
CA ASN B 288 8.94 -48.39 30.70
C ASN B 288 9.26 -48.38 29.21
N CYS B 289 8.35 -47.91 28.35
CA CYS B 289 8.56 -47.94 26.89
C CYS B 289 8.15 -46.62 26.28
N ALA B 290 8.57 -46.37 25.04
CA ALA B 290 8.19 -45.14 24.31
C ALA B 290 6.68 -45.09 24.12
N PHE B 291 6.04 -46.24 23.94
CA PHE B 291 4.61 -46.28 23.60
C PHE B 291 3.77 -45.66 24.73
N ASP B 292 4.29 -45.59 25.95
CA ASP B 292 3.51 -45.07 27.12
C ASP B 292 2.25 -45.90 27.31
N VAL B 293 2.44 -47.19 27.50
CA VAL B 293 1.33 -48.14 27.73
C VAL B 293 0.92 -48.06 29.19
N VAL B 294 -0.27 -47.58 29.51
CA VAL B 294 -0.78 -47.63 30.90
C VAL B 294 -2.08 -48.44 30.89
N LEU B 295 -2.20 -49.40 31.82
CA LEU B 295 -3.40 -50.28 31.89
C LEU B 295 -4.06 -50.08 33.25
N MET B 296 -5.36 -49.83 33.28
CA MET B 296 -6.15 -49.68 34.53
C MET B 296 -7.21 -50.78 34.60
N ALA B 297 -7.40 -51.40 35.77
CA ALA B 297 -8.46 -52.41 36.00
C ALA B 297 -8.64 -52.65 37.51
N LYS B 298 -9.59 -53.51 37.90
CA LYS B 298 -9.90 -53.81 39.33
C LYS B 298 -8.72 -54.59 39.93
N GLU B 299 -8.54 -54.57 41.25
CA GLU B 299 -7.37 -55.19 41.90
C GLU B 299 -7.26 -56.65 41.46
N THR B 300 -8.34 -57.40 41.56
CA THR B 300 -8.25 -58.83 41.22
C THR B 300 -7.86 -58.99 39.75
N ASP B 301 -8.44 -58.19 38.86
CA ASP B 301 -8.28 -58.40 37.40
C ASP B 301 -7.19 -57.51 36.79
N ILE B 302 -6.50 -56.67 37.55
CA ILE B 302 -5.42 -55.88 36.91
C ILE B 302 -4.45 -56.90 36.38
N TYR B 303 -4.25 -57.96 37.16
CA TYR B 303 -3.25 -58.98 36.79
C TYR B 303 -3.74 -59.76 35.58
N ASP B 304 -5.03 -59.80 35.29
CA ASP B 304 -5.48 -60.55 34.08
C ASP B 304 -5.37 -59.68 32.82
N HIS B 305 -5.67 -58.38 32.91
CA HIS B 305 -5.62 -57.42 31.77
C HIS B 305 -4.19 -57.23 31.30
N ILE B 306 -3.24 -57.17 32.21
CA ILE B 306 -1.84 -57.10 31.74
C ILE B 306 -1.69 -58.34 30.88
N ILE B 307 -2.09 -59.48 31.39
CA ILE B 307 -1.77 -60.66 30.57
C ILE B 307 -2.46 -60.48 29.22
N ASP B 308 -3.72 -60.02 29.18
CA ASP B 308 -4.50 -59.93 27.92
C ASP B 308 -3.88 -58.96 26.90
N TYR B 309 -3.47 -57.77 27.34
CA TYR B 309 -2.87 -56.75 26.44
C TYR B 309 -1.67 -57.42 25.82
N PHE B 310 -0.88 -58.05 26.67
CA PHE B 310 0.37 -58.55 26.11
C PHE B 310 -0.02 -59.58 25.06
N ARG B 311 -0.97 -60.45 25.38
CA ARG B 311 -1.29 -61.49 24.39
C ARG B 311 -1.65 -60.84 23.08
N THR B 312 -2.61 -59.91 23.10
CA THR B 312 -3.12 -59.35 21.83
C THR B 312 -1.99 -58.68 21.06
N MET B 313 -1.17 -57.86 21.71
CA MET B 313 -0.15 -57.08 20.98
C MET B 313 0.94 -58.00 20.42
N LEU B 314 1.28 -59.08 21.09
CA LEU B 314 2.33 -59.93 20.49
C LEU B 314 1.67 -61.01 19.62
#